data_1MAI
# 
_entry.id   1MAI 
# 
_audit_conform.dict_name       mmcif_pdbx.dic 
_audit_conform.dict_version    5.386 
_audit_conform.dict_location   http://mmcif.pdb.org/dictionaries/ascii/mmcif_pdbx.dic 
# 
loop_
_database_2.database_id 
_database_2.database_code 
_database_2.pdbx_database_accession 
_database_2.pdbx_DOI 
PDB   1MAI         pdb_00001mai 10.2210/pdb1mai/pdb 
WWPDB D_1000174901 ?            ?                   
# 
loop_
_pdbx_audit_revision_history.ordinal 
_pdbx_audit_revision_history.data_content_type 
_pdbx_audit_revision_history.major_revision 
_pdbx_audit_revision_history.minor_revision 
_pdbx_audit_revision_history.revision_date 
1 'Structure model' 1 0 1996-11-08 
2 'Structure model' 1 1 2008-03-24 
3 'Structure model' 1 2 2011-07-13 
4 'Structure model' 1 3 2024-02-14 
# 
_pdbx_audit_revision_details.ordinal             1 
_pdbx_audit_revision_details.revision_ordinal    1 
_pdbx_audit_revision_details.data_content_type   'Structure model' 
_pdbx_audit_revision_details.provider            repository 
_pdbx_audit_revision_details.type                'Initial release' 
_pdbx_audit_revision_details.description         ? 
_pdbx_audit_revision_details.details             ? 
# 
loop_
_pdbx_audit_revision_group.ordinal 
_pdbx_audit_revision_group.revision_ordinal 
_pdbx_audit_revision_group.data_content_type 
_pdbx_audit_revision_group.group 
1 2 'Structure model' 'Version format compliance' 
2 3 'Structure model' 'Version format compliance' 
3 4 'Structure model' 'Data collection'           
4 4 'Structure model' 'Database references'       
5 4 'Structure model' 'Derived calculations'      
6 4 'Structure model' Other                       
# 
loop_
_pdbx_audit_revision_category.ordinal 
_pdbx_audit_revision_category.revision_ordinal 
_pdbx_audit_revision_category.data_content_type 
_pdbx_audit_revision_category.category 
1 4 'Structure model' chem_comp_atom       
2 4 'Structure model' chem_comp_bond       
3 4 'Structure model' database_2           
4 4 'Structure model' pdbx_database_status 
5 4 'Structure model' struct_site          
# 
loop_
_pdbx_audit_revision_item.ordinal 
_pdbx_audit_revision_item.revision_ordinal 
_pdbx_audit_revision_item.data_content_type 
_pdbx_audit_revision_item.item 
1 4 'Structure model' '_database_2.pdbx_DOI'                
2 4 'Structure model' '_database_2.pdbx_database_accession' 
3 4 'Structure model' '_pdbx_database_status.process_site'  
4 4 'Structure model' '_struct_site.pdbx_auth_asym_id'      
5 4 'Structure model' '_struct_site.pdbx_auth_comp_id'      
6 4 'Structure model' '_struct_site.pdbx_auth_seq_id'       
# 
_pdbx_database_status.status_code                     REL 
_pdbx_database_status.entry_id                        1MAI 
_pdbx_database_status.recvd_initial_deposition_date   1996-05-23 
_pdbx_database_status.deposit_site                    ? 
_pdbx_database_status.process_site                    BNL 
_pdbx_database_status.SG_entry                        . 
_pdbx_database_status.pdb_format_compatible           Y 
_pdbx_database_status.status_code_mr                  ? 
_pdbx_database_status.status_code_sf                  ? 
_pdbx_database_status.status_code_cs                  ? 
_pdbx_database_status.status_code_nmr_data            ? 
_pdbx_database_status.methods_development_category    ? 
# 
loop_
_audit_author.name 
_audit_author.pdbx_ordinal 
'Ferguson, K.M.'   1 
'Lemmon, M.A.'     2 
'Schlessinger, J.' 3 
'Sigler, P.B.'     4 
# 
_citation.id                        primary 
_citation.title                     
'Structure of the high affinity complex of inositol trisphosphate with a phospholipase C pleckstrin homology domain.' 
_citation.journal_abbrev            'Cell(Cambridge,Mass.)' 
_citation.journal_volume            83 
_citation.page_first                1037 
_citation.page_last                 1046 
_citation.year                      1995 
_citation.journal_id_ASTM           CELLB5 
_citation.country                   US 
_citation.journal_id_ISSN           0092-8674 
_citation.journal_id_CSD            0998 
_citation.book_publisher            ? 
_citation.pdbx_database_id_PubMed   8521504 
_citation.pdbx_database_id_DOI      '10.1016/0092-8674(95)90219-8' 
# 
loop_
_citation_author.citation_id 
_citation_author.name 
_citation_author.ordinal 
_citation_author.identifier_ORCID 
primary 'Ferguson, K.M.'   1 ? 
primary 'Lemmon, M.A.'     2 ? 
primary 'Schlessinger, J.' 3 ? 
primary 'Sigler, P.B.'     4 ? 
# 
loop_
_entity.id 
_entity.type 
_entity.src_method 
_entity.pdbx_description 
_entity.formula_weight 
_entity.pdbx_number_of_molecules 
_entity.pdbx_ec 
_entity.pdbx_mutation 
_entity.pdbx_fragment 
_entity.details 
1 polymer     man 'PHOSPHOLIPASE C DELTA-1'         15445.579 1   3.1.4.11 ? 'PLECKSTRIN HOMOLOGY DOMAIN' 
'COMPLEXED WITH D-MYO-INOSITOL-1,4,5-TRISPHOSPHATE' 
2 non-polymer syn D-MYO-INOSITOL-1,4,5-TRIPHOSPHATE 420.096   1   ?        ? ?                            ? 
3 water       nat water                             18.015    110 ?        ? ?                            ? 
# 
_entity_poly.entity_id                      1 
_entity_poly.type                           'polypeptide(L)' 
_entity_poly.nstd_linkage                   no 
_entity_poly.nstd_monomer                   no 
_entity_poly.pdbx_seq_one_letter_code       
;MHGLQDDPDLQALLKGSQLLKVKSSSWRRERFYKLQEDCKTIWQESRKVMRSPESQLFSIEDIQEVRMGHRTEGLEKFAR
DIPEDRCFSIVFKDQRNTLDLIAPSPADAQHWVQGLRKIIHHSGSMDQRQK
;
_entity_poly.pdbx_seq_one_letter_code_can   
;MHGLQDDPDLQALLKGSQLLKVKSSSWRRERFYKLQEDCKTIWQESRKVMRSPESQLFSIEDIQEVRMGHRTEGLEKFAR
DIPEDRCFSIVFKDQRNTLDLIAPSPADAQHWVQGLRKIIHHSGSMDQRQK
;
_entity_poly.pdbx_strand_id                 A 
_entity_poly.pdbx_target_identifier         ? 
# 
loop_
_pdbx_entity_nonpoly.entity_id 
_pdbx_entity_nonpoly.name 
_pdbx_entity_nonpoly.comp_id 
2 D-MYO-INOSITOL-1,4,5-TRIPHOSPHATE I3P 
3 water                             HOH 
# 
loop_
_entity_poly_seq.entity_id 
_entity_poly_seq.num 
_entity_poly_seq.mon_id 
_entity_poly_seq.hetero 
1 1   MET n 
1 2   HIS n 
1 3   GLY n 
1 4   LEU n 
1 5   GLN n 
1 6   ASP n 
1 7   ASP n 
1 8   PRO n 
1 9   ASP n 
1 10  LEU n 
1 11  GLN n 
1 12  ALA n 
1 13  LEU n 
1 14  LEU n 
1 15  LYS n 
1 16  GLY n 
1 17  SER n 
1 18  GLN n 
1 19  LEU n 
1 20  LEU n 
1 21  LYS n 
1 22  VAL n 
1 23  LYS n 
1 24  SER n 
1 25  SER n 
1 26  SER n 
1 27  TRP n 
1 28  ARG n 
1 29  ARG n 
1 30  GLU n 
1 31  ARG n 
1 32  PHE n 
1 33  TYR n 
1 34  LYS n 
1 35  LEU n 
1 36  GLN n 
1 37  GLU n 
1 38  ASP n 
1 39  CYS n 
1 40  LYS n 
1 41  THR n 
1 42  ILE n 
1 43  TRP n 
1 44  GLN n 
1 45  GLU n 
1 46  SER n 
1 47  ARG n 
1 48  LYS n 
1 49  VAL n 
1 50  MET n 
1 51  ARG n 
1 52  SER n 
1 53  PRO n 
1 54  GLU n 
1 55  SER n 
1 56  GLN n 
1 57  LEU n 
1 58  PHE n 
1 59  SER n 
1 60  ILE n 
1 61  GLU n 
1 62  ASP n 
1 63  ILE n 
1 64  GLN n 
1 65  GLU n 
1 66  VAL n 
1 67  ARG n 
1 68  MET n 
1 69  GLY n 
1 70  HIS n 
1 71  ARG n 
1 72  THR n 
1 73  GLU n 
1 74  GLY n 
1 75  LEU n 
1 76  GLU n 
1 77  LYS n 
1 78  PHE n 
1 79  ALA n 
1 80  ARG n 
1 81  ASP n 
1 82  ILE n 
1 83  PRO n 
1 84  GLU n 
1 85  ASP n 
1 86  ARG n 
1 87  CYS n 
1 88  PHE n 
1 89  SER n 
1 90  ILE n 
1 91  VAL n 
1 92  PHE n 
1 93  LYS n 
1 94  ASP n 
1 95  GLN n 
1 96  ARG n 
1 97  ASN n 
1 98  THR n 
1 99  LEU n 
1 100 ASP n 
1 101 LEU n 
1 102 ILE n 
1 103 ALA n 
1 104 PRO n 
1 105 SER n 
1 106 PRO n 
1 107 ALA n 
1 108 ASP n 
1 109 ALA n 
1 110 GLN n 
1 111 HIS n 
1 112 TRP n 
1 113 VAL n 
1 114 GLN n 
1 115 GLY n 
1 116 LEU n 
1 117 ARG n 
1 118 LYS n 
1 119 ILE n 
1 120 ILE n 
1 121 HIS n 
1 122 HIS n 
1 123 SER n 
1 124 GLY n 
1 125 SER n 
1 126 MET n 
1 127 ASP n 
1 128 GLN n 
1 129 ARG n 
1 130 GLN n 
1 131 LYS n 
# 
_entity_src_gen.entity_id                          1 
_entity_src_gen.pdbx_src_id                        1 
_entity_src_gen.pdbx_alt_source_flag               sample 
_entity_src_gen.pdbx_seq_type                      ? 
_entity_src_gen.pdbx_beg_seq_num                   ? 
_entity_src_gen.pdbx_end_seq_num                   ? 
_entity_src_gen.gene_src_common_name               'Norway rat' 
_entity_src_gen.gene_src_genus                     Rattus 
_entity_src_gen.pdbx_gene_src_gene                 ? 
_entity_src_gen.gene_src_species                   ? 
_entity_src_gen.gene_src_strain                    ? 
_entity_src_gen.gene_src_tissue                    ? 
_entity_src_gen.gene_src_tissue_fraction           ? 
_entity_src_gen.gene_src_details                   ? 
_entity_src_gen.pdbx_gene_src_fragment             ? 
_entity_src_gen.pdbx_gene_src_scientific_name      'Rattus norvegicus' 
_entity_src_gen.pdbx_gene_src_ncbi_taxonomy_id     10116 
_entity_src_gen.pdbx_gene_src_variant              ? 
_entity_src_gen.pdbx_gene_src_cell_line            ? 
_entity_src_gen.pdbx_gene_src_atcc                 ? 
_entity_src_gen.pdbx_gene_src_organ                ? 
_entity_src_gen.pdbx_gene_src_organelle            ? 
_entity_src_gen.pdbx_gene_src_cell                 ? 
_entity_src_gen.pdbx_gene_src_cellular_location    ? 
_entity_src_gen.host_org_common_name               ? 
_entity_src_gen.pdbx_host_org_scientific_name      'Escherichia coli' 
_entity_src_gen.pdbx_host_org_ncbi_taxonomy_id     562 
_entity_src_gen.host_org_genus                     Escherichia 
_entity_src_gen.pdbx_host_org_gene                 ? 
_entity_src_gen.pdbx_host_org_organ                ? 
_entity_src_gen.host_org_species                   ? 
_entity_src_gen.pdbx_host_org_tissue               ? 
_entity_src_gen.pdbx_host_org_tissue_fraction      ? 
_entity_src_gen.pdbx_host_org_strain               ? 
_entity_src_gen.pdbx_host_org_variant              ? 
_entity_src_gen.pdbx_host_org_cell_line            ? 
_entity_src_gen.pdbx_host_org_atcc                 ? 
_entity_src_gen.pdbx_host_org_culture_collection   ? 
_entity_src_gen.pdbx_host_org_cell                 ? 
_entity_src_gen.pdbx_host_org_organelle            ? 
_entity_src_gen.pdbx_host_org_cellular_location    ? 
_entity_src_gen.pdbx_host_org_vector_type          ? 
_entity_src_gen.pdbx_host_org_vector               ? 
_entity_src_gen.host_org_details                   ? 
_entity_src_gen.expression_system_id               ? 
_entity_src_gen.plasmid_name                       PET11A 
_entity_src_gen.plasmid_details                    ? 
_entity_src_gen.pdbx_description                   ? 
# 
loop_
_chem_comp.id 
_chem_comp.type 
_chem_comp.mon_nstd_flag 
_chem_comp.name 
_chem_comp.pdbx_synonyms 
_chem_comp.formula 
_chem_comp.formula_weight 
ALA 'L-peptide linking' y ALANINE                           ? 'C3 H7 N O2'     89.093  
ARG 'L-peptide linking' y ARGININE                          ? 'C6 H15 N4 O2 1' 175.209 
ASN 'L-peptide linking' y ASPARAGINE                        ? 'C4 H8 N2 O3'    132.118 
ASP 'L-peptide linking' y 'ASPARTIC ACID'                   ? 'C4 H7 N O4'     133.103 
CYS 'L-peptide linking' y CYSTEINE                          ? 'C3 H7 N O2 S'   121.158 
GLN 'L-peptide linking' y GLUTAMINE                         ? 'C5 H10 N2 O3'   146.144 
GLU 'L-peptide linking' y 'GLUTAMIC ACID'                   ? 'C5 H9 N O4'     147.129 
GLY 'peptide linking'   y GLYCINE                           ? 'C2 H5 N O2'     75.067  
HIS 'L-peptide linking' y HISTIDINE                         ? 'C6 H10 N3 O2 1' 156.162 
HOH non-polymer         . WATER                             ? 'H2 O'           18.015  
I3P non-polymer         . D-MYO-INOSITOL-1,4,5-TRIPHOSPHATE ? 'C6 H15 O15 P3'  420.096 
ILE 'L-peptide linking' y ISOLEUCINE                        ? 'C6 H13 N O2'    131.173 
LEU 'L-peptide linking' y LEUCINE                           ? 'C6 H13 N O2'    131.173 
LYS 'L-peptide linking' y LYSINE                            ? 'C6 H15 N2 O2 1' 147.195 
MET 'L-peptide linking' y METHIONINE                        ? 'C5 H11 N O2 S'  149.211 
PHE 'L-peptide linking' y PHENYLALANINE                     ? 'C9 H11 N O2'    165.189 
PRO 'L-peptide linking' y PROLINE                           ? 'C5 H9 N O2'     115.130 
SER 'L-peptide linking' y SERINE                            ? 'C3 H7 N O3'     105.093 
THR 'L-peptide linking' y THREONINE                         ? 'C4 H9 N O3'     119.119 
TRP 'L-peptide linking' y TRYPTOPHAN                        ? 'C11 H12 N2 O2'  204.225 
TYR 'L-peptide linking' y TYROSINE                          ? 'C9 H11 N O3'    181.189 
VAL 'L-peptide linking' y VALINE                            ? 'C5 H11 N O2'    117.146 
# 
loop_
_pdbx_poly_seq_scheme.asym_id 
_pdbx_poly_seq_scheme.entity_id 
_pdbx_poly_seq_scheme.seq_id 
_pdbx_poly_seq_scheme.mon_id 
_pdbx_poly_seq_scheme.ndb_seq_num 
_pdbx_poly_seq_scheme.pdb_seq_num 
_pdbx_poly_seq_scheme.auth_seq_num 
_pdbx_poly_seq_scheme.pdb_mon_id 
_pdbx_poly_seq_scheme.auth_mon_id 
_pdbx_poly_seq_scheme.pdb_strand_id 
_pdbx_poly_seq_scheme.pdb_ins_code 
_pdbx_poly_seq_scheme.hetero 
A 1 1   MET 1   10  ?   ?   ?   A . n 
A 1 2   HIS 2   11  ?   ?   ?   A . n 
A 1 3   GLY 3   12  12  GLY GLY A . n 
A 1 4   LEU 4   13  13  LEU LEU A . n 
A 1 5   GLN 5   14  14  GLN GLN A . n 
A 1 6   ASP 6   15  15  ASP ASP A . n 
A 1 7   ASP 7   16  16  ASP ASP A . n 
A 1 8   PRO 8   17  17  PRO PRO A . n 
A 1 9   ASP 9   18  18  ASP ASP A . n 
A 1 10  LEU 10  19  19  LEU LEU A . n 
A 1 11  GLN 11  20  20  GLN GLN A . n 
A 1 12  ALA 12  21  21  ALA ALA A . n 
A 1 13  LEU 13  22  22  LEU LEU A . n 
A 1 14  LEU 14  23  23  LEU LEU A . n 
A 1 15  LYS 15  24  24  LYS LYS A . n 
A 1 16  GLY 16  25  25  GLY GLY A . n 
A 1 17  SER 17  26  26  SER SER A . n 
A 1 18  GLN 18  27  27  GLN GLN A . n 
A 1 19  LEU 19  28  28  LEU LEU A . n 
A 1 20  LEU 20  29  29  LEU LEU A . n 
A 1 21  LYS 21  30  30  LYS LYS A . n 
A 1 22  VAL 22  31  31  VAL VAL A . n 
A 1 23  LYS 23  32  32  LYS LYS A . n 
A 1 24  SER 24  33  33  SER SER A . n 
A 1 25  SER 25  34  34  SER SER A . n 
A 1 26  SER 26  35  35  SER SER A . n 
A 1 27  TRP 27  36  36  TRP TRP A . n 
A 1 28  ARG 28  37  37  ARG ARG A . n 
A 1 29  ARG 29  38  38  ARG ARG A . n 
A 1 30  GLU 30  39  39  GLU GLU A . n 
A 1 31  ARG 31  40  40  ARG ARG A . n 
A 1 32  PHE 32  41  41  PHE PHE A . n 
A 1 33  TYR 33  42  42  TYR TYR A . n 
A 1 34  LYS 34  43  43  LYS LYS A . n 
A 1 35  LEU 35  44  44  LEU LEU A . n 
A 1 36  GLN 36  45  45  GLN GLN A . n 
A 1 37  GLU 37  46  46  GLU GLU A . n 
A 1 38  ASP 38  47  47  ASP ASP A . n 
A 1 39  CYS 39  48  48  CYS CYS A . n 
A 1 40  LYS 40  49  49  LYS LYS A . n 
A 1 41  THR 41  50  50  THR THR A . n 
A 1 42  ILE 42  51  51  ILE ILE A . n 
A 1 43  TRP 43  52  52  TRP TRP A . n 
A 1 44  GLN 44  53  53  GLN GLN A . n 
A 1 45  GLU 45  54  54  GLU GLU A . n 
A 1 46  SER 46  55  55  SER SER A . n 
A 1 47  ARG 47  56  56  ARG ARG A . n 
A 1 48  LYS 48  57  57  LYS LYS A . n 
A 1 49  VAL 49  58  58  VAL VAL A . n 
A 1 50  MET 50  59  59  MET MET A . n 
A 1 51  ARG 51  60  60  ARG ARG A . n 
A 1 52  SER 52  61  61  SER SER A . n 
A 1 53  PRO 53  62  62  PRO PRO A . n 
A 1 54  GLU 54  63  63  GLU GLU A . n 
A 1 55  SER 55  64  64  SER SER A . n 
A 1 56  GLN 56  65  65  GLN GLN A . n 
A 1 57  LEU 57  66  66  LEU LEU A . n 
A 1 58  PHE 58  67  67  PHE PHE A . n 
A 1 59  SER 59  68  68  SER SER A . n 
A 1 60  ILE 60  69  69  ILE ILE A . n 
A 1 61  GLU 61  70  70  GLU GLU A . n 
A 1 62  ASP 62  71  71  ASP ASP A . n 
A 1 63  ILE 63  72  72  ILE ILE A . n 
A 1 64  GLN 64  73  73  GLN GLN A . n 
A 1 65  GLU 65  74  74  GLU GLU A . n 
A 1 66  VAL 66  75  75  VAL VAL A . n 
A 1 67  ARG 67  76  76  ARG ARG A . n 
A 1 68  MET 68  77  77  MET MET A . n 
A 1 69  GLY 69  78  78  GLY GLY A . n 
A 1 70  HIS 70  79  79  HIS HIS A . n 
A 1 71  ARG 71  80  80  ARG ARG A . n 
A 1 72  THR 72  81  81  THR THR A . n 
A 1 73  GLU 73  82  82  GLU GLU A . n 
A 1 74  GLY 74  83  83  GLY GLY A . n 
A 1 75  LEU 75  84  84  LEU LEU A . n 
A 1 76  GLU 76  85  85  GLU GLU A . n 
A 1 77  LYS 77  86  86  LYS LYS A . n 
A 1 78  PHE 78  87  87  PHE PHE A . n 
A 1 79  ALA 79  88  88  ALA ALA A . n 
A 1 80  ARG 80  89  89  ARG ARG A . n 
A 1 81  ASP 81  90  90  ASP ASP A . n 
A 1 82  ILE 82  91  91  ILE ILE A . n 
A 1 83  PRO 83  92  92  PRO PRO A . n 
A 1 84  GLU 84  93  93  GLU GLU A . n 
A 1 85  ASP 85  94  94  ASP ASP A . n 
A 1 86  ARG 86  95  95  ARG ARG A . n 
A 1 87  CYS 87  96  96  CYS CYS A . n 
A 1 88  PHE 88  97  97  PHE PHE A . n 
A 1 89  SER 89  98  98  SER SER A . n 
A 1 90  ILE 90  99  99  ILE ILE A . n 
A 1 91  VAL 91  100 100 VAL VAL A . n 
A 1 92  PHE 92  101 101 PHE PHE A . n 
A 1 93  LYS 93  102 102 LYS LYS A . n 
A 1 94  ASP 94  103 103 ASP ASP A . n 
A 1 95  GLN 95  104 104 GLN GLN A . n 
A 1 96  ARG 96  105 105 ARG ARG A . n 
A 1 97  ASN 97  106 106 ASN ASN A . n 
A 1 98  THR 98  107 107 THR THR A . n 
A 1 99  LEU 99  108 108 LEU LEU A . n 
A 1 100 ASP 100 109 109 ASP ASP A . n 
A 1 101 LEU 101 110 110 LEU LEU A . n 
A 1 102 ILE 102 111 111 ILE ILE A . n 
A 1 103 ALA 103 112 112 ALA ALA A . n 
A 1 104 PRO 104 113 113 PRO PRO A . n 
A 1 105 SER 105 114 114 SER SER A . n 
A 1 106 PRO 106 115 115 PRO PRO A . n 
A 1 107 ALA 107 116 116 ALA ALA A . n 
A 1 108 ASP 108 117 117 ASP ASP A . n 
A 1 109 ALA 109 118 118 ALA ALA A . n 
A 1 110 GLN 110 119 119 GLN GLN A . n 
A 1 111 HIS 111 120 120 HIS HIS A . n 
A 1 112 TRP 112 121 121 TRP TRP A . n 
A 1 113 VAL 113 122 122 VAL VAL A . n 
A 1 114 GLN 114 123 123 GLN GLN A . n 
A 1 115 GLY 115 124 124 GLY GLY A . n 
A 1 116 LEU 116 125 125 LEU LEU A . n 
A 1 117 ARG 117 126 126 ARG ARG A . n 
A 1 118 LYS 118 127 127 LYS LYS A . n 
A 1 119 ILE 119 128 128 ILE ILE A . n 
A 1 120 ILE 120 129 129 ILE ILE A . n 
A 1 121 HIS 121 130 130 HIS HIS A . n 
A 1 122 HIS 122 131 ?   ?   ?   A . n 
A 1 123 SER 123 132 ?   ?   ?   A . n 
A 1 124 GLY 124 133 ?   ?   ?   A . n 
A 1 125 SER 125 134 ?   ?   ?   A . n 
A 1 126 MET 126 135 ?   ?   ?   A . n 
A 1 127 ASP 127 136 ?   ?   ?   A . n 
A 1 128 GLN 128 137 ?   ?   ?   A . n 
A 1 129 ARG 129 138 ?   ?   ?   A . n 
A 1 130 GLN 130 139 ?   ?   ?   A . n 
A 1 131 LYS 131 140 ?   ?   ?   A . n 
# 
loop_
_pdbx_nonpoly_scheme.asym_id 
_pdbx_nonpoly_scheme.entity_id 
_pdbx_nonpoly_scheme.mon_id 
_pdbx_nonpoly_scheme.ndb_seq_num 
_pdbx_nonpoly_scheme.pdb_seq_num 
_pdbx_nonpoly_scheme.auth_seq_num 
_pdbx_nonpoly_scheme.pdb_mon_id 
_pdbx_nonpoly_scheme.auth_mon_id 
_pdbx_nonpoly_scheme.pdb_strand_id 
_pdbx_nonpoly_scheme.pdb_ins_code 
B 2 I3P 1   200 200 I3P I3P A . 
C 3 HOH 1   201 1   HOH HOH A . 
C 3 HOH 2   202 2   HOH HOH A . 
C 3 HOH 3   203 3   HOH HOH A . 
C 3 HOH 4   204 4   HOH HOH A . 
C 3 HOH 5   205 5   HOH HOH A . 
C 3 HOH 6   206 6   HOH HOH A . 
C 3 HOH 7   207 7   HOH HOH A . 
C 3 HOH 8   208 8   HOH HOH A . 
C 3 HOH 9   209 9   HOH HOH A . 
C 3 HOH 10  210 10  HOH HOH A . 
C 3 HOH 11  211 11  HOH HOH A . 
C 3 HOH 12  212 12  HOH HOH A . 
C 3 HOH 13  213 13  HOH HOH A . 
C 3 HOH 14  214 14  HOH HOH A . 
C 3 HOH 15  215 15  HOH HOH A . 
C 3 HOH 16  216 16  HOH HOH A . 
C 3 HOH 17  217 17  HOH HOH A . 
C 3 HOH 18  218 18  HOH HOH A . 
C 3 HOH 19  219 19  HOH HOH A . 
C 3 HOH 20  220 20  HOH HOH A . 
C 3 HOH 21  221 21  HOH HOH A . 
C 3 HOH 22  222 22  HOH HOH A . 
C 3 HOH 23  223 23  HOH HOH A . 
C 3 HOH 24  224 24  HOH HOH A . 
C 3 HOH 25  225 25  HOH HOH A . 
C 3 HOH 26  226 26  HOH HOH A . 
C 3 HOH 27  227 27  HOH HOH A . 
C 3 HOH 28  228 28  HOH HOH A . 
C 3 HOH 29  229 29  HOH HOH A . 
C 3 HOH 30  230 30  HOH HOH A . 
C 3 HOH 31  231 31  HOH HOH A . 
C 3 HOH 32  232 32  HOH HOH A . 
C 3 HOH 33  233 33  HOH HOH A . 
C 3 HOH 34  234 34  HOH HOH A . 
C 3 HOH 35  235 35  HOH HOH A . 
C 3 HOH 36  236 36  HOH HOH A . 
C 3 HOH 37  237 37  HOH HOH A . 
C 3 HOH 38  238 38  HOH HOH A . 
C 3 HOH 39  239 39  HOH HOH A . 
C 3 HOH 40  240 40  HOH HOH A . 
C 3 HOH 41  241 41  HOH HOH A . 
C 3 HOH 42  242 42  HOH HOH A . 
C 3 HOH 43  243 43  HOH HOH A . 
C 3 HOH 44  244 44  HOH HOH A . 
C 3 HOH 45  245 45  HOH HOH A . 
C 3 HOH 46  246 46  HOH HOH A . 
C 3 HOH 47  247 47  HOH HOH A . 
C 3 HOH 48  248 48  HOH HOH A . 
C 3 HOH 49  249 49  HOH HOH A . 
C 3 HOH 50  250 50  HOH HOH A . 
C 3 HOH 51  251 51  HOH HOH A . 
C 3 HOH 52  252 52  HOH HOH A . 
C 3 HOH 53  253 53  HOH HOH A . 
C 3 HOH 54  254 54  HOH HOH A . 
C 3 HOH 55  255 55  HOH HOH A . 
C 3 HOH 56  256 56  HOH HOH A . 
C 3 HOH 57  257 57  HOH HOH A . 
C 3 HOH 58  258 58  HOH HOH A . 
C 3 HOH 59  259 59  HOH HOH A . 
C 3 HOH 60  260 60  HOH HOH A . 
C 3 HOH 61  261 61  HOH HOH A . 
C 3 HOH 62  262 62  HOH HOH A . 
C 3 HOH 63  263 63  HOH HOH A . 
C 3 HOH 64  264 64  HOH HOH A . 
C 3 HOH 65  265 65  HOH HOH A . 
C 3 HOH 66  266 66  HOH HOH A . 
C 3 HOH 67  267 67  HOH HOH A . 
C 3 HOH 68  268 68  HOH HOH A . 
C 3 HOH 69  269 69  HOH HOH A . 
C 3 HOH 70  270 70  HOH HOH A . 
C 3 HOH 71  271 71  HOH HOH A . 
C 3 HOH 72  272 72  HOH HOH A . 
C 3 HOH 73  273 73  HOH HOH A . 
C 3 HOH 74  274 74  HOH HOH A . 
C 3 HOH 75  275 75  HOH HOH A . 
C 3 HOH 76  276 76  HOH HOH A . 
C 3 HOH 77  277 77  HOH HOH A . 
C 3 HOH 78  278 78  HOH HOH A . 
C 3 HOH 79  279 79  HOH HOH A . 
C 3 HOH 80  280 80  HOH HOH A . 
C 3 HOH 81  281 81  HOH HOH A . 
C 3 HOH 82  282 82  HOH HOH A . 
C 3 HOH 83  283 83  HOH HOH A . 
C 3 HOH 84  284 84  HOH HOH A . 
C 3 HOH 85  285 85  HOH HOH A . 
C 3 HOH 86  286 86  HOH HOH A . 
C 3 HOH 87  287 87  HOH HOH A . 
C 3 HOH 88  288 88  HOH HOH A . 
C 3 HOH 89  289 89  HOH HOH A . 
C 3 HOH 90  290 90  HOH HOH A . 
C 3 HOH 91  291 91  HOH HOH A . 
C 3 HOH 92  292 92  HOH HOH A . 
C 3 HOH 93  293 93  HOH HOH A . 
C 3 HOH 94  294 94  HOH HOH A . 
C 3 HOH 95  295 95  HOH HOH A . 
C 3 HOH 96  296 96  HOH HOH A . 
C 3 HOH 97  297 97  HOH HOH A . 
C 3 HOH 98  298 98  HOH HOH A . 
C 3 HOH 99  299 99  HOH HOH A . 
C 3 HOH 100 300 100 HOH HOH A . 
C 3 HOH 101 301 101 HOH HOH A . 
C 3 HOH 102 302 102 HOH HOH A . 
C 3 HOH 103 303 103 HOH HOH A . 
C 3 HOH 104 304 104 HOH HOH A . 
C 3 HOH 105 305 105 HOH HOH A . 
C 3 HOH 106 306 106 HOH HOH A . 
C 3 HOH 107 307 107 HOH HOH A . 
C 3 HOH 108 308 108 HOH HOH A . 
C 3 HOH 109 309 109 HOH HOH A . 
C 3 HOH 110 310 110 HOH HOH A . 
# 
loop_
_software.name 
_software.classification 
_software.version 
_software.citation_id 
_software.pdbx_ordinal 
X-PLOR 'model building' 3.1 ? 1 
X-PLOR refinement       3.1 ? 2 
DENZO  'data reduction' .   ? 3 
X-PLOR phasing          3.1 ? 4 
# 
_cell.entry_id           1MAI 
_cell.length_a           59.400 
_cell.length_b           59.400 
_cell.length_c           80.700 
_cell.angle_alpha        90.00 
_cell.angle_beta         90.00 
_cell.angle_gamma        90.00 
_cell.Z_PDB              8 
_cell.pdbx_unique_axis   ? 
# 
_symmetry.entry_id                         1MAI 
_symmetry.space_group_name_H-M             'P 43 21 2' 
_symmetry.pdbx_full_space_group_name_H-M   ? 
_symmetry.cell_setting                     ? 
_symmetry.Int_Tables_number                96 
# 
_exptl.entry_id          1MAI 
_exptl.method            'X-RAY DIFFRACTION' 
_exptl.crystals_number   1 
# 
_exptl_crystal.id                    1 
_exptl_crystal.density_meas          ? 
_exptl_crystal.density_Matthews      2.30 
_exptl_crystal.density_percent_sol   45. 
_exptl_crystal.description           ? 
# 
_exptl_crystal_grow.crystal_id      1 
_exptl_crystal_grow.method          ? 
_exptl_crystal_grow.temp            ? 
_exptl_crystal_grow.temp_details    ? 
_exptl_crystal_grow.pH              6.5 
_exptl_crystal_grow.pdbx_pH_range   ? 
_exptl_crystal_grow.pdbx_details    'pH 6.5' 
# 
_diffrn.id                     1 
_diffrn.ambient_temp           100 
_diffrn.ambient_temp_details   ? 
_diffrn.crystal_id             1 
# 
_diffrn_detector.diffrn_id              1 
_diffrn_detector.detector               'IMAGE PLATE' 
_diffrn_detector.type                   MARRESEARCH 
_diffrn_detector.pdbx_collection_date   1995-05-15 
_diffrn_detector.details                ? 
# 
_diffrn_radiation.diffrn_id                        1 
_diffrn_radiation.wavelength_id                    1 
_diffrn_radiation.pdbx_monochromatic_or_laue_m_l   M 
_diffrn_radiation.monochromator                    ? 
_diffrn_radiation.pdbx_diffrn_protocol             ? 
_diffrn_radiation.pdbx_scattering_type             x-ray 
# 
_diffrn_radiation_wavelength.id           1 
_diffrn_radiation_wavelength.wavelength   1.0 
_diffrn_radiation_wavelength.wt           1.0 
# 
_diffrn_source.diffrn_id                   1 
_diffrn_source.source                      SYNCHROTRON 
_diffrn_source.type                        'NSLS BEAMLINE X25' 
_diffrn_source.pdbx_synchrotron_site       NSLS 
_diffrn_source.pdbx_synchrotron_beamline   X25 
_diffrn_source.pdbx_wavelength             1.0 
_diffrn_source.pdbx_wavelength_list        ? 
# 
_reflns.entry_id                     1MAI 
_reflns.observed_criterion_sigma_I   0.0 
_reflns.observed_criterion_sigma_F   ? 
_reflns.d_resolution_low             40.0 
_reflns.d_resolution_high            1.9 
_reflns.number_obs                   11978 
_reflns.number_all                   ? 
_reflns.percent_possible_obs         99.7 
_reflns.pdbx_Rmerge_I_obs            0.1000000 
_reflns.pdbx_Rsym_value              0.0660000 
_reflns.pdbx_netI_over_sigmaI        16.8 
_reflns.B_iso_Wilson_estimate        ? 
_reflns.pdbx_redundancy              3. 
_reflns.pdbx_diffrn_id               1 
_reflns.pdbx_ordinal                 1 
# 
_reflns_shell.d_res_high             1.90 
_reflns_shell.d_res_low              1.96 
_reflns_shell.percent_possible_all   99.4 
_reflns_shell.Rmerge_I_obs           ? 
_reflns_shell.pdbx_Rsym_value        0.3800000 
_reflns_shell.meanI_over_sigI_obs    3.22 
_reflns_shell.pdbx_redundancy        ? 
_reflns_shell.pdbx_diffrn_id         ? 
_reflns_shell.pdbx_ordinal           1 
# 
_refine.entry_id                                 1MAI 
_refine.ls_number_reflns_obs                     11695 
_refine.ls_number_reflns_all                     ? 
_refine.pdbx_ls_sigma_I                          ? 
_refine.pdbx_ls_sigma_F                          2. 
_refine.pdbx_data_cutoff_high_absF               ? 
_refine.pdbx_data_cutoff_low_absF                ? 
_refine.pdbx_data_cutoff_high_rms_absF           ? 
_refine.ls_d_res_low                             8.00 
_refine.ls_d_res_high                            1.90 
_refine.ls_percent_reflns_obs                    99.5 
_refine.ls_R_factor_obs                          0.2050000 
_refine.ls_R_factor_all                          ? 
_refine.ls_R_factor_R_work                       0.2050000 
_refine.ls_R_factor_R_free                       0.2910000 
_refine.ls_R_factor_R_free_error                 ? 
_refine.ls_R_factor_R_free_error_details         ? 
_refine.ls_percent_reflns_R_free                 10.0 
_refine.ls_number_reflns_R_free                  ? 
_refine.ls_number_parameters                     ? 
_refine.ls_number_restraints                     ? 
_refine.occupancy_min                            ? 
_refine.occupancy_max                            ? 
_refine.B_iso_mean                               27.98 
_refine.aniso_B[1][1]                            ? 
_refine.aniso_B[2][2]                            ? 
_refine.aniso_B[3][3]                            ? 
_refine.aniso_B[1][2]                            ? 
_refine.aniso_B[1][3]                            ? 
_refine.aniso_B[2][3]                            ? 
_refine.solvent_model_details                    ? 
_refine.solvent_model_param_ksol                 ? 
_refine.solvent_model_param_bsol                 ? 
_refine.pdbx_ls_cross_valid_method               ? 
_refine.details                                  ? 
_refine.pdbx_starting_model                      ? 
_refine.pdbx_method_to_determine_struct          MIR 
_refine.pdbx_isotropic_thermal_model             ? 
_refine.pdbx_stereochemistry_target_values       ? 
_refine.pdbx_stereochem_target_val_spec_case     ? 
_refine.pdbx_R_Free_selection_details            ? 
_refine.pdbx_overall_ESU_R                       ? 
_refine.pdbx_overall_ESU_R_Free                  ? 
_refine.overall_SU_ML                            ? 
_refine.overall_SU_B                             ? 
_refine.pdbx_refine_id                           'X-RAY DIFFRACTION' 
_refine.pdbx_diffrn_id                           1 
_refine.pdbx_TLS_residual_ADP_flag               ? 
_refine.correlation_coeff_Fo_to_Fc               ? 
_refine.correlation_coeff_Fo_to_Fc_free          ? 
_refine.pdbx_solvent_vdw_probe_radii             ? 
_refine.pdbx_solvent_ion_probe_radii             ? 
_refine.pdbx_solvent_shrinkage_radii             ? 
_refine.pdbx_overall_phase_error                 ? 
_refine.overall_SU_R_Cruickshank_DPI             ? 
_refine.pdbx_overall_SU_R_free_Cruickshank_DPI   ? 
_refine.pdbx_overall_SU_R_Blow_DPI               ? 
_refine.pdbx_overall_SU_R_free_Blow_DPI          ? 
# 
_refine_analyze.entry_id                        1MAI 
_refine_analyze.Luzzati_coordinate_error_obs    0.25 
_refine_analyze.Luzzati_sigma_a_obs             ? 
_refine_analyze.Luzzati_d_res_low_obs           ? 
_refine_analyze.Luzzati_coordinate_error_free   ? 
_refine_analyze.Luzzati_sigma_a_free            ? 
_refine_analyze.Luzzati_d_res_low_free          ? 
_refine_analyze.number_disordered_residues      ? 
_refine_analyze.occupancy_sum_hydrogen          ? 
_refine_analyze.occupancy_sum_non_hydrogen      ? 
_refine_analyze.pdbx_refine_id                  'X-RAY DIFFRACTION' 
# 
_refine_hist.pdbx_refine_id                   'X-RAY DIFFRACTION' 
_refine_hist.cycle_id                         LAST 
_refine_hist.pdbx_number_atoms_protein        1567 
_refine_hist.pdbx_number_atoms_nucleic_acid   0 
_refine_hist.pdbx_number_atoms_ligand         24 
_refine_hist.number_atoms_solvent             110 
_refine_hist.number_atoms_total               1701 
_refine_hist.d_res_high                       1.90 
_refine_hist.d_res_low                        8.00 
# 
loop_
_refine_ls_restr.type 
_refine_ls_restr.dev_ideal 
_refine_ls_restr.dev_ideal_target 
_refine_ls_restr.weight 
_refine_ls_restr.number 
_refine_ls_restr.pdbx_refine_id 
_refine_ls_restr.pdbx_restraint_function 
x_bond_d                0.008 ? ? ? 'X-RAY DIFFRACTION' ? 
x_bond_d_na             ?     ? ? ? 'X-RAY DIFFRACTION' ? 
x_bond_d_prot           ?     ? ? ? 'X-RAY DIFFRACTION' ? 
x_angle_d               ?     ? ? ? 'X-RAY DIFFRACTION' ? 
x_angle_d_na            ?     ? ? ? 'X-RAY DIFFRACTION' ? 
x_angle_d_prot          ?     ? ? ? 'X-RAY DIFFRACTION' ? 
x_angle_deg             1.752 ? ? ? 'X-RAY DIFFRACTION' ? 
x_angle_deg_na          ?     ? ? ? 'X-RAY DIFFRACTION' ? 
x_angle_deg_prot        ?     ? ? ? 'X-RAY DIFFRACTION' ? 
x_dihedral_angle_d      21.42 ? ? ? 'X-RAY DIFFRACTION' ? 
x_dihedral_angle_d_na   ?     ? ? ? 'X-RAY DIFFRACTION' ? 
x_dihedral_angle_d_prot ?     ? ? ? 'X-RAY DIFFRACTION' ? 
x_improper_angle_d      1.113 ? ? ? 'X-RAY DIFFRACTION' ? 
x_improper_angle_d_na   ?     ? ? ? 'X-RAY DIFFRACTION' ? 
x_improper_angle_d_prot ?     ? ? ? 'X-RAY DIFFRACTION' ? 
x_mcbond_it             ?     ? ? ? 'X-RAY DIFFRACTION' ? 
x_mcangle_it            ?     ? ? ? 'X-RAY DIFFRACTION' ? 
x_scbond_it             ?     ? ? ? 'X-RAY DIFFRACTION' ? 
x_scangle_it            ?     ? ? ? 'X-RAY DIFFRACTION' ? 
# 
_struct.entry_id                  1MAI 
_struct.title                     
'STRUCTURE OF THE PLECKSTRIN HOMOLOGY DOMAIN FROM PHOSPHOLIPASE C DELTA IN COMPLEX WITH INOSITOL TRISPHOSPHATE' 
_struct.pdbx_model_details        ? 
_struct.pdbx_CASP_flag            ? 
_struct.pdbx_model_type_details   ? 
# 
_struct_keywords.entry_id        1MAI 
_struct_keywords.pdbx_keywords   'SIGNAL TRANSDUCTION PROTEIN' 
_struct_keywords.text            'PLECKSTRIN, PHOSPHOLIPASE, INOSITOL TRISPHOSPHATE, SIGNAL TRANSDUCTION PROTEIN, HYDROLASE' 
# 
loop_
_struct_asym.id 
_struct_asym.pdbx_blank_PDB_chainid_flag 
_struct_asym.pdbx_modified 
_struct_asym.entity_id 
_struct_asym.details 
A N N 1 ? 
B N N 2 ? 
C N N 3 ? 
# 
_struct_ref.id                         1 
_struct_ref.db_name                    UNP 
_struct_ref.db_code                    PLCD1_RAT 
_struct_ref.entity_id                  1 
_struct_ref.pdbx_db_accession          P10688 
_struct_ref.pdbx_align_begin           1 
_struct_ref.pdbx_seq_one_letter_code   
;MDSGRDFLTLHGLQDDPDLQALLKGSQLLKVKSSSWRRERFYKLQEDCKTIWQESRKVMRSPESQLFSIEDIQEVRMGHR
TEGLEKFARDIPEDRCFSIVFKDQRNTLDLIAPSPADAQHWVQGLRKIIHHSGSMDQRQKLQHWIHSCLRKADKNKDNKM
NFKELKDFLKELNIQVDDGYARKIFRECDHSQTDSLEDEEIETFYKMLTQRAEIDRAFEEAAGSAETLSVERLVTFLQHQ
QREEEAGPALALSLIERYEPSETAKAQRQMTKDGFLMYLLSADGNAFSLAHRRVYQDMDQPLSHYLVSSSHNTYLLEDQL
TGPSSTEAYIRALCKGCRCLELDCWDGPNQEPIIYHGYTFTSKILFCDVLRAIRDYAFKASPYPVILSLENHCSLEQQRV
MARHLRAILGPILLDQPLDGVTTSLPSPEQLKGKILLKGKKLGGLLPAGGENGSEATDVSDEVEAAEMEDEAVRSQVQHK
PKEDKLKLVPELSDMIIYCKSVHFGGFSSPGTSGQAFYEMASFSESRALRLLQESGNGFVRHNVSCLSRIYPAGWRTDSS
NYSPVEMWNGGCQIVALNFQTPGPEMDVYLGCFQDNGGCGYVLKPAFLRDPNTTFNSRALTQGPWWRPERLRVRIISGQQ
LPKVNKNKNSIVDPKVIVEIHGVGRDTGSRQTAVITNNGFNPRWDMEFEFEVTVPDLALVRFMVEDYDSSSKNDFIGQST
IPWNSLKQGYRHVHLLSKNGDQHPSATLFVKISIQD
;
_struct_ref.pdbx_db_isoform            ? 
# 
_struct_ref_seq.align_id                      1 
_struct_ref_seq.ref_id                        1 
_struct_ref_seq.pdbx_PDB_id_code              1MAI 
_struct_ref_seq.pdbx_strand_id                A 
_struct_ref_seq.seq_align_beg                 2 
_struct_ref_seq.pdbx_seq_align_beg_ins_code   ? 
_struct_ref_seq.seq_align_end                 131 
_struct_ref_seq.pdbx_seq_align_end_ins_code   ? 
_struct_ref_seq.pdbx_db_accession             P10688 
_struct_ref_seq.db_align_beg                  11 
_struct_ref_seq.pdbx_db_align_beg_ins_code    ? 
_struct_ref_seq.db_align_end                  140 
_struct_ref_seq.pdbx_db_align_end_ins_code    ? 
_struct_ref_seq.pdbx_auth_seq_align_beg       11 
_struct_ref_seq.pdbx_auth_seq_align_end       140 
# 
_pdbx_struct_assembly.id                   1 
_pdbx_struct_assembly.details              author_defined_assembly 
_pdbx_struct_assembly.method_details       ? 
_pdbx_struct_assembly.oligomeric_details   monomeric 
_pdbx_struct_assembly.oligomeric_count     1 
# 
_pdbx_struct_assembly_gen.assembly_id       1 
_pdbx_struct_assembly_gen.oper_expression   1 
_pdbx_struct_assembly_gen.asym_id_list      A,B,C 
# 
_pdbx_struct_oper_list.id                   1 
_pdbx_struct_oper_list.type                 'identity operation' 
_pdbx_struct_oper_list.name                 1_555 
_pdbx_struct_oper_list.symmetry_operation   x,y,z 
_pdbx_struct_oper_list.matrix[1][1]         1.0000000000 
_pdbx_struct_oper_list.matrix[1][2]         0.0000000000 
_pdbx_struct_oper_list.matrix[1][3]         0.0000000000 
_pdbx_struct_oper_list.vector[1]            0.0000000000 
_pdbx_struct_oper_list.matrix[2][1]         0.0000000000 
_pdbx_struct_oper_list.matrix[2][2]         1.0000000000 
_pdbx_struct_oper_list.matrix[2][3]         0.0000000000 
_pdbx_struct_oper_list.vector[2]            0.0000000000 
_pdbx_struct_oper_list.matrix[3][1]         0.0000000000 
_pdbx_struct_oper_list.matrix[3][2]         0.0000000000 
_pdbx_struct_oper_list.matrix[3][3]         1.0000000000 
_pdbx_struct_oper_list.vector[3]            0.0000000000 
# 
_struct_biol.id   1 
# 
loop_
_struct_conf.conf_type_id 
_struct_conf.id 
_struct_conf.pdbx_PDB_helix_id 
_struct_conf.beg_label_comp_id 
_struct_conf.beg_label_asym_id 
_struct_conf.beg_label_seq_id 
_struct_conf.pdbx_beg_PDB_ins_code 
_struct_conf.end_label_comp_id 
_struct_conf.end_label_asym_id 
_struct_conf.end_label_seq_id 
_struct_conf.pdbx_end_PDB_ins_code 
_struct_conf.beg_auth_comp_id 
_struct_conf.beg_auth_asym_id 
_struct_conf.beg_auth_seq_id 
_struct_conf.end_auth_comp_id 
_struct_conf.end_auth_asym_id 
_struct_conf.end_auth_seq_id 
_struct_conf.pdbx_PDB_helix_class 
_struct_conf.details 
_struct_conf.pdbx_PDB_helix_length 
HELX_P HELX_P1 1 PRO A 8   ? LYS A 15  ? PRO A 17  LYS A 24  1 ? 8  
HELX_P HELX_P2 2 ILE A 60  ? ASP A 62  ? ILE A 69  ASP A 71  5 ? 3  
HELX_P HELX_P3 3 GLU A 73  ? PHE A 78  ? GLU A 82  PHE A 87  1 ? 6  
HELX_P HELX_P4 4 GLU A 84  ? ARG A 86  ? GLU A 93  ARG A 95  5 ? 3  
HELX_P HELX_P5 5 PRO A 106 ? ILE A 119 ? PRO A 115 ILE A 128 1 ? 14 
# 
_struct_conf_type.id          HELX_P 
_struct_conf_type.criteria    ? 
_struct_conf_type.reference   ? 
# 
loop_
_struct_sheet.id 
_struct_sheet.type 
_struct_sheet.number_strands 
_struct_sheet.details 
A ? 4 ? 
B ? 3 ? 
# 
loop_
_struct_sheet_order.sheet_id 
_struct_sheet_order.range_id_1 
_struct_sheet_order.range_id_2 
_struct_sheet_order.offset 
_struct_sheet_order.sense 
A 1 2 ? anti-parallel 
A 2 3 ? anti-parallel 
A 3 4 ? anti-parallel 
B 1 2 ? anti-parallel 
B 2 3 ? anti-parallel 
# 
loop_
_struct_sheet_range.sheet_id 
_struct_sheet_range.id 
_struct_sheet_range.beg_label_comp_id 
_struct_sheet_range.beg_label_asym_id 
_struct_sheet_range.beg_label_seq_id 
_struct_sheet_range.pdbx_beg_PDB_ins_code 
_struct_sheet_range.end_label_comp_id 
_struct_sheet_range.end_label_asym_id 
_struct_sheet_range.end_label_seq_id 
_struct_sheet_range.pdbx_end_PDB_ins_code 
_struct_sheet_range.beg_auth_comp_id 
_struct_sheet_range.beg_auth_asym_id 
_struct_sheet_range.beg_auth_seq_id 
_struct_sheet_range.end_auth_comp_id 
_struct_sheet_range.end_auth_asym_id 
_struct_sheet_range.end_auth_seq_id 
A 1 SER A 17 ? VAL A 22  ? SER A 26  VAL A 31  
A 2 ARG A 28 ? LEU A 35  ? ARG A 37  LEU A 44  
A 3 THR A 41 ? GLN A 44  ? THR A 50  GLN A 53  
A 4 LEU A 57 ? SER A 59  ? LEU A 66  SER A 68  
B 1 LEU A 99 ? ILE A 102 ? LEU A 108 ILE A 111 
B 2 CYS A 87 ? PHE A 92  ? CYS A 96  PHE A 101 
B 3 ILE A 63 ? MET A 68  ? ILE A 72  MET A 77  
# 
loop_
_pdbx_struct_sheet_hbond.sheet_id 
_pdbx_struct_sheet_hbond.range_id_1 
_pdbx_struct_sheet_hbond.range_id_2 
_pdbx_struct_sheet_hbond.range_1_label_atom_id 
_pdbx_struct_sheet_hbond.range_1_label_comp_id 
_pdbx_struct_sheet_hbond.range_1_label_asym_id 
_pdbx_struct_sheet_hbond.range_1_label_seq_id 
_pdbx_struct_sheet_hbond.range_1_PDB_ins_code 
_pdbx_struct_sheet_hbond.range_1_auth_atom_id 
_pdbx_struct_sheet_hbond.range_1_auth_comp_id 
_pdbx_struct_sheet_hbond.range_1_auth_asym_id 
_pdbx_struct_sheet_hbond.range_1_auth_seq_id 
_pdbx_struct_sheet_hbond.range_2_label_atom_id 
_pdbx_struct_sheet_hbond.range_2_label_comp_id 
_pdbx_struct_sheet_hbond.range_2_label_asym_id 
_pdbx_struct_sheet_hbond.range_2_label_seq_id 
_pdbx_struct_sheet_hbond.range_2_PDB_ins_code 
_pdbx_struct_sheet_hbond.range_2_auth_atom_id 
_pdbx_struct_sheet_hbond.range_2_auth_comp_id 
_pdbx_struct_sheet_hbond.range_2_auth_asym_id 
_pdbx_struct_sheet_hbond.range_2_auth_seq_id 
A 1 2 O SER A 17 ? O SER A 26  N TYR A 33 ? N TYR A 42 
A 2 3 O LYS A 34 ? O LYS A 43  N TRP A 43 ? N TRP A 52 
A 3 4 O ILE A 42 ? O ILE A 51  N PHE A 58 ? N PHE A 67 
B 1 2 O LEU A 99 ? O LEU A 108 N ILE A 90 ? N ILE A 99 
B 2 3 O SER A 89 ? O SER A 98  N ARG A 67 ? N ARG A 76 
# 
_struct_site.id                   AC1 
_struct_site.pdbx_evidence_code   Software 
_struct_site.pdbx_auth_asym_id    A 
_struct_site.pdbx_auth_comp_id    I3P 
_struct_site.pdbx_auth_seq_id     200 
_struct_site.pdbx_auth_ins_code   ? 
_struct_site.pdbx_num_residues    17 
_struct_site.details              'BINDING SITE FOR RESIDUE I3P A 200' 
# 
loop_
_struct_site_gen.id 
_struct_site_gen.site_id 
_struct_site_gen.pdbx_num_res 
_struct_site_gen.label_comp_id 
_struct_site_gen.label_asym_id 
_struct_site_gen.label_seq_id 
_struct_site_gen.pdbx_auth_ins_code 
_struct_site_gen.auth_comp_id 
_struct_site_gen.auth_asym_id 
_struct_site_gen.auth_seq_id 
_struct_site_gen.label_atom_id 
_struct_site_gen.label_alt_id 
_struct_site_gen.symmetry 
_struct_site_gen.details 
1  AC1 17 ASP A 9   ? ASP A 18  . ? 6_555 ? 
2  AC1 17 LYS A 21  ? LYS A 30  . ? 1_555 ? 
3  AC1 17 LYS A 23  ? LYS A 32  . ? 1_555 ? 
4  AC1 17 TRP A 27  ? TRP A 36  . ? 1_555 ? 
5  AC1 17 ARG A 29  ? ARG A 38  . ? 1_555 ? 
6  AC1 17 ARG A 31  ? ARG A 40  . ? 1_555 ? 
7  AC1 17 SER A 46  ? SER A 55  . ? 1_555 ? 
8  AC1 17 ARG A 47  ? ARG A 56  . ? 1_555 ? 
9  AC1 17 LYS A 48  ? LYS A 57  . ? 1_555 ? 
10 AC1 17 GLN A 110 ? GLN A 119 . ? 6_555 ? 
11 AC1 17 HIS A 111 ? HIS A 120 . ? 6_555 ? 
12 AC1 17 GLN A 114 ? GLN A 123 . ? 6_555 ? 
13 AC1 17 LYS A 118 ? LYS A 127 . ? 6_555 ? 
14 AC1 17 HOH C .   ? HOH A 201 . ? 1_555 ? 
15 AC1 17 HOH C .   ? HOH A 203 . ? 1_555 ? 
16 AC1 17 HOH C .   ? HOH A 273 . ? 1_555 ? 
17 AC1 17 HOH C .   ? HOH A 295 . ? 1_555 ? 
# 
loop_
_pdbx_validate_torsion.id 
_pdbx_validate_torsion.PDB_model_num 
_pdbx_validate_torsion.auth_comp_id 
_pdbx_validate_torsion.auth_asym_id 
_pdbx_validate_torsion.auth_seq_id 
_pdbx_validate_torsion.PDB_ins_code 
_pdbx_validate_torsion.label_alt_id 
_pdbx_validate_torsion.phi 
_pdbx_validate_torsion.psi 
1 1 LEU A 13  ? ? 43.60   -78.41  
2 1 MET A 59  ? ? -109.52 58.29   
3 1 ASP A 103 ? ? -99.89  -153.26 
# 
loop_
_pdbx_unobs_or_zero_occ_residues.id 
_pdbx_unobs_or_zero_occ_residues.PDB_model_num 
_pdbx_unobs_or_zero_occ_residues.polymer_flag 
_pdbx_unobs_or_zero_occ_residues.occupancy_flag 
_pdbx_unobs_or_zero_occ_residues.auth_asym_id 
_pdbx_unobs_or_zero_occ_residues.auth_comp_id 
_pdbx_unobs_or_zero_occ_residues.auth_seq_id 
_pdbx_unobs_or_zero_occ_residues.PDB_ins_code 
_pdbx_unobs_or_zero_occ_residues.label_asym_id 
_pdbx_unobs_or_zero_occ_residues.label_comp_id 
_pdbx_unobs_or_zero_occ_residues.label_seq_id 
1  1 Y 1 A MET 10  ? A MET 1   
2  1 Y 1 A HIS 11  ? A HIS 2   
3  1 Y 1 A HIS 131 ? A HIS 122 
4  1 Y 1 A SER 132 ? A SER 123 
5  1 Y 1 A GLY 133 ? A GLY 124 
6  1 Y 1 A SER 134 ? A SER 125 
7  1 Y 1 A MET 135 ? A MET 126 
8  1 Y 1 A ASP 136 ? A ASP 127 
9  1 Y 1 A GLN 137 ? A GLN 128 
10 1 Y 1 A ARG 138 ? A ARG 129 
11 1 Y 1 A GLN 139 ? A GLN 130 
12 1 Y 1 A LYS 140 ? A LYS 131 
# 
loop_
_chem_comp_atom.comp_id 
_chem_comp_atom.atom_id 
_chem_comp_atom.type_symbol 
_chem_comp_atom.pdbx_aromatic_flag 
_chem_comp_atom.pdbx_stereo_config 
_chem_comp_atom.pdbx_ordinal 
ALA N    N N N 1   
ALA CA   C N S 2   
ALA C    C N N 3   
ALA O    O N N 4   
ALA CB   C N N 5   
ALA OXT  O N N 6   
ALA H    H N N 7   
ALA H2   H N N 8   
ALA HA   H N N 9   
ALA HB1  H N N 10  
ALA HB2  H N N 11  
ALA HB3  H N N 12  
ALA HXT  H N N 13  
ARG N    N N N 14  
ARG CA   C N S 15  
ARG C    C N N 16  
ARG O    O N N 17  
ARG CB   C N N 18  
ARG CG   C N N 19  
ARG CD   C N N 20  
ARG NE   N N N 21  
ARG CZ   C N N 22  
ARG NH1  N N N 23  
ARG NH2  N N N 24  
ARG OXT  O N N 25  
ARG H    H N N 26  
ARG H2   H N N 27  
ARG HA   H N N 28  
ARG HB2  H N N 29  
ARG HB3  H N N 30  
ARG HG2  H N N 31  
ARG HG3  H N N 32  
ARG HD2  H N N 33  
ARG HD3  H N N 34  
ARG HE   H N N 35  
ARG HH11 H N N 36  
ARG HH12 H N N 37  
ARG HH21 H N N 38  
ARG HH22 H N N 39  
ARG HXT  H N N 40  
ASN N    N N N 41  
ASN CA   C N S 42  
ASN C    C N N 43  
ASN O    O N N 44  
ASN CB   C N N 45  
ASN CG   C N N 46  
ASN OD1  O N N 47  
ASN ND2  N N N 48  
ASN OXT  O N N 49  
ASN H    H N N 50  
ASN H2   H N N 51  
ASN HA   H N N 52  
ASN HB2  H N N 53  
ASN HB3  H N N 54  
ASN HD21 H N N 55  
ASN HD22 H N N 56  
ASN HXT  H N N 57  
ASP N    N N N 58  
ASP CA   C N S 59  
ASP C    C N N 60  
ASP O    O N N 61  
ASP CB   C N N 62  
ASP CG   C N N 63  
ASP OD1  O N N 64  
ASP OD2  O N N 65  
ASP OXT  O N N 66  
ASP H    H N N 67  
ASP H2   H N N 68  
ASP HA   H N N 69  
ASP HB2  H N N 70  
ASP HB3  H N N 71  
ASP HD2  H N N 72  
ASP HXT  H N N 73  
CYS N    N N N 74  
CYS CA   C N R 75  
CYS C    C N N 76  
CYS O    O N N 77  
CYS CB   C N N 78  
CYS SG   S N N 79  
CYS OXT  O N N 80  
CYS H    H N N 81  
CYS H2   H N N 82  
CYS HA   H N N 83  
CYS HB2  H N N 84  
CYS HB3  H N N 85  
CYS HG   H N N 86  
CYS HXT  H N N 87  
GLN N    N N N 88  
GLN CA   C N S 89  
GLN C    C N N 90  
GLN O    O N N 91  
GLN CB   C N N 92  
GLN CG   C N N 93  
GLN CD   C N N 94  
GLN OE1  O N N 95  
GLN NE2  N N N 96  
GLN OXT  O N N 97  
GLN H    H N N 98  
GLN H2   H N N 99  
GLN HA   H N N 100 
GLN HB2  H N N 101 
GLN HB3  H N N 102 
GLN HG2  H N N 103 
GLN HG3  H N N 104 
GLN HE21 H N N 105 
GLN HE22 H N N 106 
GLN HXT  H N N 107 
GLU N    N N N 108 
GLU CA   C N S 109 
GLU C    C N N 110 
GLU O    O N N 111 
GLU CB   C N N 112 
GLU CG   C N N 113 
GLU CD   C N N 114 
GLU OE1  O N N 115 
GLU OE2  O N N 116 
GLU OXT  O N N 117 
GLU H    H N N 118 
GLU H2   H N N 119 
GLU HA   H N N 120 
GLU HB2  H N N 121 
GLU HB3  H N N 122 
GLU HG2  H N N 123 
GLU HG3  H N N 124 
GLU HE2  H N N 125 
GLU HXT  H N N 126 
GLY N    N N N 127 
GLY CA   C N N 128 
GLY C    C N N 129 
GLY O    O N N 130 
GLY OXT  O N N 131 
GLY H    H N N 132 
GLY H2   H N N 133 
GLY HA2  H N N 134 
GLY HA3  H N N 135 
GLY HXT  H N N 136 
HIS N    N N N 137 
HIS CA   C N S 138 
HIS C    C N N 139 
HIS O    O N N 140 
HIS CB   C N N 141 
HIS CG   C Y N 142 
HIS ND1  N Y N 143 
HIS CD2  C Y N 144 
HIS CE1  C Y N 145 
HIS NE2  N Y N 146 
HIS OXT  O N N 147 
HIS H    H N N 148 
HIS H2   H N N 149 
HIS HA   H N N 150 
HIS HB2  H N N 151 
HIS HB3  H N N 152 
HIS HD1  H N N 153 
HIS HD2  H N N 154 
HIS HE1  H N N 155 
HIS HE2  H N N 156 
HIS HXT  H N N 157 
HOH O    O N N 158 
HOH H1   H N N 159 
HOH H2   H N N 160 
I3P C1   C N R 161 
I3P C2   C N R 162 
I3P C3   C N S 163 
I3P C4   C N R 164 
I3P C5   C N R 165 
I3P C6   C N S 166 
I3P O1   O N N 167 
I3P O2   O N N 168 
I3P O3   O N N 169 
I3P O4   O N N 170 
I3P O5   O N N 171 
I3P O6   O N N 172 
I3P P1   P N N 173 
I3P O11  O N N 174 
I3P O12  O N N 175 
I3P O13  O N N 176 
I3P P4   P N N 177 
I3P O41  O N N 178 
I3P O42  O N N 179 
I3P O43  O N N 180 
I3P P5   P N N 181 
I3P O51  O N N 182 
I3P O52  O N N 183 
I3P O53  O N N 184 
I3P H1   H N N 185 
I3P H2   H N N 186 
I3P H3   H N N 187 
I3P H4   H N N 188 
I3P H5   H N N 189 
I3P H6   H N N 190 
I3P HO2  H N N 191 
I3P HO3  H N N 192 
I3P HO6  H N N 193 
I3P HO12 H N N 194 
I3P HO13 H N N 195 
I3P HO42 H N N 196 
I3P HO43 H N N 197 
I3P HO52 H N N 198 
I3P HO53 H N N 199 
ILE N    N N N 200 
ILE CA   C N S 201 
ILE C    C N N 202 
ILE O    O N N 203 
ILE CB   C N S 204 
ILE CG1  C N N 205 
ILE CG2  C N N 206 
ILE CD1  C N N 207 
ILE OXT  O N N 208 
ILE H    H N N 209 
ILE H2   H N N 210 
ILE HA   H N N 211 
ILE HB   H N N 212 
ILE HG12 H N N 213 
ILE HG13 H N N 214 
ILE HG21 H N N 215 
ILE HG22 H N N 216 
ILE HG23 H N N 217 
ILE HD11 H N N 218 
ILE HD12 H N N 219 
ILE HD13 H N N 220 
ILE HXT  H N N 221 
LEU N    N N N 222 
LEU CA   C N S 223 
LEU C    C N N 224 
LEU O    O N N 225 
LEU CB   C N N 226 
LEU CG   C N N 227 
LEU CD1  C N N 228 
LEU CD2  C N N 229 
LEU OXT  O N N 230 
LEU H    H N N 231 
LEU H2   H N N 232 
LEU HA   H N N 233 
LEU HB2  H N N 234 
LEU HB3  H N N 235 
LEU HG   H N N 236 
LEU HD11 H N N 237 
LEU HD12 H N N 238 
LEU HD13 H N N 239 
LEU HD21 H N N 240 
LEU HD22 H N N 241 
LEU HD23 H N N 242 
LEU HXT  H N N 243 
LYS N    N N N 244 
LYS CA   C N S 245 
LYS C    C N N 246 
LYS O    O N N 247 
LYS CB   C N N 248 
LYS CG   C N N 249 
LYS CD   C N N 250 
LYS CE   C N N 251 
LYS NZ   N N N 252 
LYS OXT  O N N 253 
LYS H    H N N 254 
LYS H2   H N N 255 
LYS HA   H N N 256 
LYS HB2  H N N 257 
LYS HB3  H N N 258 
LYS HG2  H N N 259 
LYS HG3  H N N 260 
LYS HD2  H N N 261 
LYS HD3  H N N 262 
LYS HE2  H N N 263 
LYS HE3  H N N 264 
LYS HZ1  H N N 265 
LYS HZ2  H N N 266 
LYS HZ3  H N N 267 
LYS HXT  H N N 268 
MET N    N N N 269 
MET CA   C N S 270 
MET C    C N N 271 
MET O    O N N 272 
MET CB   C N N 273 
MET CG   C N N 274 
MET SD   S N N 275 
MET CE   C N N 276 
MET OXT  O N N 277 
MET H    H N N 278 
MET H2   H N N 279 
MET HA   H N N 280 
MET HB2  H N N 281 
MET HB3  H N N 282 
MET HG2  H N N 283 
MET HG3  H N N 284 
MET HE1  H N N 285 
MET HE2  H N N 286 
MET HE3  H N N 287 
MET HXT  H N N 288 
PHE N    N N N 289 
PHE CA   C N S 290 
PHE C    C N N 291 
PHE O    O N N 292 
PHE CB   C N N 293 
PHE CG   C Y N 294 
PHE CD1  C Y N 295 
PHE CD2  C Y N 296 
PHE CE1  C Y N 297 
PHE CE2  C Y N 298 
PHE CZ   C Y N 299 
PHE OXT  O N N 300 
PHE H    H N N 301 
PHE H2   H N N 302 
PHE HA   H N N 303 
PHE HB2  H N N 304 
PHE HB3  H N N 305 
PHE HD1  H N N 306 
PHE HD2  H N N 307 
PHE HE1  H N N 308 
PHE HE2  H N N 309 
PHE HZ   H N N 310 
PHE HXT  H N N 311 
PRO N    N N N 312 
PRO CA   C N S 313 
PRO C    C N N 314 
PRO O    O N N 315 
PRO CB   C N N 316 
PRO CG   C N N 317 
PRO CD   C N N 318 
PRO OXT  O N N 319 
PRO H    H N N 320 
PRO HA   H N N 321 
PRO HB2  H N N 322 
PRO HB3  H N N 323 
PRO HG2  H N N 324 
PRO HG3  H N N 325 
PRO HD2  H N N 326 
PRO HD3  H N N 327 
PRO HXT  H N N 328 
SER N    N N N 329 
SER CA   C N S 330 
SER C    C N N 331 
SER O    O N N 332 
SER CB   C N N 333 
SER OG   O N N 334 
SER OXT  O N N 335 
SER H    H N N 336 
SER H2   H N N 337 
SER HA   H N N 338 
SER HB2  H N N 339 
SER HB3  H N N 340 
SER HG   H N N 341 
SER HXT  H N N 342 
THR N    N N N 343 
THR CA   C N S 344 
THR C    C N N 345 
THR O    O N N 346 
THR CB   C N R 347 
THR OG1  O N N 348 
THR CG2  C N N 349 
THR OXT  O N N 350 
THR H    H N N 351 
THR H2   H N N 352 
THR HA   H N N 353 
THR HB   H N N 354 
THR HG1  H N N 355 
THR HG21 H N N 356 
THR HG22 H N N 357 
THR HG23 H N N 358 
THR HXT  H N N 359 
TRP N    N N N 360 
TRP CA   C N S 361 
TRP C    C N N 362 
TRP O    O N N 363 
TRP CB   C N N 364 
TRP CG   C Y N 365 
TRP CD1  C Y N 366 
TRP CD2  C Y N 367 
TRP NE1  N Y N 368 
TRP CE2  C Y N 369 
TRP CE3  C Y N 370 
TRP CZ2  C Y N 371 
TRP CZ3  C Y N 372 
TRP CH2  C Y N 373 
TRP OXT  O N N 374 
TRP H    H N N 375 
TRP H2   H N N 376 
TRP HA   H N N 377 
TRP HB2  H N N 378 
TRP HB3  H N N 379 
TRP HD1  H N N 380 
TRP HE1  H N N 381 
TRP HE3  H N N 382 
TRP HZ2  H N N 383 
TRP HZ3  H N N 384 
TRP HH2  H N N 385 
TRP HXT  H N N 386 
TYR N    N N N 387 
TYR CA   C N S 388 
TYR C    C N N 389 
TYR O    O N N 390 
TYR CB   C N N 391 
TYR CG   C Y N 392 
TYR CD1  C Y N 393 
TYR CD2  C Y N 394 
TYR CE1  C Y N 395 
TYR CE2  C Y N 396 
TYR CZ   C Y N 397 
TYR OH   O N N 398 
TYR OXT  O N N 399 
TYR H    H N N 400 
TYR H2   H N N 401 
TYR HA   H N N 402 
TYR HB2  H N N 403 
TYR HB3  H N N 404 
TYR HD1  H N N 405 
TYR HD2  H N N 406 
TYR HE1  H N N 407 
TYR HE2  H N N 408 
TYR HH   H N N 409 
TYR HXT  H N N 410 
VAL N    N N N 411 
VAL CA   C N S 412 
VAL C    C N N 413 
VAL O    O N N 414 
VAL CB   C N N 415 
VAL CG1  C N N 416 
VAL CG2  C N N 417 
VAL OXT  O N N 418 
VAL H    H N N 419 
VAL H2   H N N 420 
VAL HA   H N N 421 
VAL HB   H N N 422 
VAL HG11 H N N 423 
VAL HG12 H N N 424 
VAL HG13 H N N 425 
VAL HG21 H N N 426 
VAL HG22 H N N 427 
VAL HG23 H N N 428 
VAL HXT  H N N 429 
# 
loop_
_chem_comp_bond.comp_id 
_chem_comp_bond.atom_id_1 
_chem_comp_bond.atom_id_2 
_chem_comp_bond.value_order 
_chem_comp_bond.pdbx_aromatic_flag 
_chem_comp_bond.pdbx_stereo_config 
_chem_comp_bond.pdbx_ordinal 
ALA N   CA   sing N N 1   
ALA N   H    sing N N 2   
ALA N   H2   sing N N 3   
ALA CA  C    sing N N 4   
ALA CA  CB   sing N N 5   
ALA CA  HA   sing N N 6   
ALA C   O    doub N N 7   
ALA C   OXT  sing N N 8   
ALA CB  HB1  sing N N 9   
ALA CB  HB2  sing N N 10  
ALA CB  HB3  sing N N 11  
ALA OXT HXT  sing N N 12  
ARG N   CA   sing N N 13  
ARG N   H    sing N N 14  
ARG N   H2   sing N N 15  
ARG CA  C    sing N N 16  
ARG CA  CB   sing N N 17  
ARG CA  HA   sing N N 18  
ARG C   O    doub N N 19  
ARG C   OXT  sing N N 20  
ARG CB  CG   sing N N 21  
ARG CB  HB2  sing N N 22  
ARG CB  HB3  sing N N 23  
ARG CG  CD   sing N N 24  
ARG CG  HG2  sing N N 25  
ARG CG  HG3  sing N N 26  
ARG CD  NE   sing N N 27  
ARG CD  HD2  sing N N 28  
ARG CD  HD3  sing N N 29  
ARG NE  CZ   sing N N 30  
ARG NE  HE   sing N N 31  
ARG CZ  NH1  sing N N 32  
ARG CZ  NH2  doub N N 33  
ARG NH1 HH11 sing N N 34  
ARG NH1 HH12 sing N N 35  
ARG NH2 HH21 sing N N 36  
ARG NH2 HH22 sing N N 37  
ARG OXT HXT  sing N N 38  
ASN N   CA   sing N N 39  
ASN N   H    sing N N 40  
ASN N   H2   sing N N 41  
ASN CA  C    sing N N 42  
ASN CA  CB   sing N N 43  
ASN CA  HA   sing N N 44  
ASN C   O    doub N N 45  
ASN C   OXT  sing N N 46  
ASN CB  CG   sing N N 47  
ASN CB  HB2  sing N N 48  
ASN CB  HB3  sing N N 49  
ASN CG  OD1  doub N N 50  
ASN CG  ND2  sing N N 51  
ASN ND2 HD21 sing N N 52  
ASN ND2 HD22 sing N N 53  
ASN OXT HXT  sing N N 54  
ASP N   CA   sing N N 55  
ASP N   H    sing N N 56  
ASP N   H2   sing N N 57  
ASP CA  C    sing N N 58  
ASP CA  CB   sing N N 59  
ASP CA  HA   sing N N 60  
ASP C   O    doub N N 61  
ASP C   OXT  sing N N 62  
ASP CB  CG   sing N N 63  
ASP CB  HB2  sing N N 64  
ASP CB  HB3  sing N N 65  
ASP CG  OD1  doub N N 66  
ASP CG  OD2  sing N N 67  
ASP OD2 HD2  sing N N 68  
ASP OXT HXT  sing N N 69  
CYS N   CA   sing N N 70  
CYS N   H    sing N N 71  
CYS N   H2   sing N N 72  
CYS CA  C    sing N N 73  
CYS CA  CB   sing N N 74  
CYS CA  HA   sing N N 75  
CYS C   O    doub N N 76  
CYS C   OXT  sing N N 77  
CYS CB  SG   sing N N 78  
CYS CB  HB2  sing N N 79  
CYS CB  HB3  sing N N 80  
CYS SG  HG   sing N N 81  
CYS OXT HXT  sing N N 82  
GLN N   CA   sing N N 83  
GLN N   H    sing N N 84  
GLN N   H2   sing N N 85  
GLN CA  C    sing N N 86  
GLN CA  CB   sing N N 87  
GLN CA  HA   sing N N 88  
GLN C   O    doub N N 89  
GLN C   OXT  sing N N 90  
GLN CB  CG   sing N N 91  
GLN CB  HB2  sing N N 92  
GLN CB  HB3  sing N N 93  
GLN CG  CD   sing N N 94  
GLN CG  HG2  sing N N 95  
GLN CG  HG3  sing N N 96  
GLN CD  OE1  doub N N 97  
GLN CD  NE2  sing N N 98  
GLN NE2 HE21 sing N N 99  
GLN NE2 HE22 sing N N 100 
GLN OXT HXT  sing N N 101 
GLU N   CA   sing N N 102 
GLU N   H    sing N N 103 
GLU N   H2   sing N N 104 
GLU CA  C    sing N N 105 
GLU CA  CB   sing N N 106 
GLU CA  HA   sing N N 107 
GLU C   O    doub N N 108 
GLU C   OXT  sing N N 109 
GLU CB  CG   sing N N 110 
GLU CB  HB2  sing N N 111 
GLU CB  HB3  sing N N 112 
GLU CG  CD   sing N N 113 
GLU CG  HG2  sing N N 114 
GLU CG  HG3  sing N N 115 
GLU CD  OE1  doub N N 116 
GLU CD  OE2  sing N N 117 
GLU OE2 HE2  sing N N 118 
GLU OXT HXT  sing N N 119 
GLY N   CA   sing N N 120 
GLY N   H    sing N N 121 
GLY N   H2   sing N N 122 
GLY CA  C    sing N N 123 
GLY CA  HA2  sing N N 124 
GLY CA  HA3  sing N N 125 
GLY C   O    doub N N 126 
GLY C   OXT  sing N N 127 
GLY OXT HXT  sing N N 128 
HIS N   CA   sing N N 129 
HIS N   H    sing N N 130 
HIS N   H2   sing N N 131 
HIS CA  C    sing N N 132 
HIS CA  CB   sing N N 133 
HIS CA  HA   sing N N 134 
HIS C   O    doub N N 135 
HIS C   OXT  sing N N 136 
HIS CB  CG   sing N N 137 
HIS CB  HB2  sing N N 138 
HIS CB  HB3  sing N N 139 
HIS CG  ND1  sing Y N 140 
HIS CG  CD2  doub Y N 141 
HIS ND1 CE1  doub Y N 142 
HIS ND1 HD1  sing N N 143 
HIS CD2 NE2  sing Y N 144 
HIS CD2 HD2  sing N N 145 
HIS CE1 NE2  sing Y N 146 
HIS CE1 HE1  sing N N 147 
HIS NE2 HE2  sing N N 148 
HIS OXT HXT  sing N N 149 
HOH O   H1   sing N N 150 
HOH O   H2   sing N N 151 
I3P C1  C2   sing N N 152 
I3P C1  C6   sing N N 153 
I3P C1  O1   sing N N 154 
I3P C1  H1   sing N N 155 
I3P C2  C3   sing N N 156 
I3P C2  O2   sing N N 157 
I3P C2  H2   sing N N 158 
I3P C3  C4   sing N N 159 
I3P C3  O3   sing N N 160 
I3P C3  H3   sing N N 161 
I3P C4  C5   sing N N 162 
I3P C4  O4   sing N N 163 
I3P C4  H4   sing N N 164 
I3P C5  C6   sing N N 165 
I3P C5  O5   sing N N 166 
I3P C5  H5   sing N N 167 
I3P C6  O6   sing N N 168 
I3P C6  H6   sing N N 169 
I3P O1  P1   sing N N 170 
I3P O2  HO2  sing N N 171 
I3P O3  HO3  sing N N 172 
I3P O4  P4   sing N N 173 
I3P O5  P5   sing N N 174 
I3P O6  HO6  sing N N 175 
I3P P1  O11  doub N N 176 
I3P P1  O12  sing N N 177 
I3P P1  O13  sing N N 178 
I3P O12 HO12 sing N N 179 
I3P O13 HO13 sing N N 180 
I3P P4  O41  doub N N 181 
I3P P4  O42  sing N N 182 
I3P P4  O43  sing N N 183 
I3P O42 HO42 sing N N 184 
I3P O43 HO43 sing N N 185 
I3P P5  O51  doub N N 186 
I3P P5  O52  sing N N 187 
I3P P5  O53  sing N N 188 
I3P O52 HO52 sing N N 189 
I3P O53 HO53 sing N N 190 
ILE N   CA   sing N N 191 
ILE N   H    sing N N 192 
ILE N   H2   sing N N 193 
ILE CA  C    sing N N 194 
ILE CA  CB   sing N N 195 
ILE CA  HA   sing N N 196 
ILE C   O    doub N N 197 
ILE C   OXT  sing N N 198 
ILE CB  CG1  sing N N 199 
ILE CB  CG2  sing N N 200 
ILE CB  HB   sing N N 201 
ILE CG1 CD1  sing N N 202 
ILE CG1 HG12 sing N N 203 
ILE CG1 HG13 sing N N 204 
ILE CG2 HG21 sing N N 205 
ILE CG2 HG22 sing N N 206 
ILE CG2 HG23 sing N N 207 
ILE CD1 HD11 sing N N 208 
ILE CD1 HD12 sing N N 209 
ILE CD1 HD13 sing N N 210 
ILE OXT HXT  sing N N 211 
LEU N   CA   sing N N 212 
LEU N   H    sing N N 213 
LEU N   H2   sing N N 214 
LEU CA  C    sing N N 215 
LEU CA  CB   sing N N 216 
LEU CA  HA   sing N N 217 
LEU C   O    doub N N 218 
LEU C   OXT  sing N N 219 
LEU CB  CG   sing N N 220 
LEU CB  HB2  sing N N 221 
LEU CB  HB3  sing N N 222 
LEU CG  CD1  sing N N 223 
LEU CG  CD2  sing N N 224 
LEU CG  HG   sing N N 225 
LEU CD1 HD11 sing N N 226 
LEU CD1 HD12 sing N N 227 
LEU CD1 HD13 sing N N 228 
LEU CD2 HD21 sing N N 229 
LEU CD2 HD22 sing N N 230 
LEU CD2 HD23 sing N N 231 
LEU OXT HXT  sing N N 232 
LYS N   CA   sing N N 233 
LYS N   H    sing N N 234 
LYS N   H2   sing N N 235 
LYS CA  C    sing N N 236 
LYS CA  CB   sing N N 237 
LYS CA  HA   sing N N 238 
LYS C   O    doub N N 239 
LYS C   OXT  sing N N 240 
LYS CB  CG   sing N N 241 
LYS CB  HB2  sing N N 242 
LYS CB  HB3  sing N N 243 
LYS CG  CD   sing N N 244 
LYS CG  HG2  sing N N 245 
LYS CG  HG3  sing N N 246 
LYS CD  CE   sing N N 247 
LYS CD  HD2  sing N N 248 
LYS CD  HD3  sing N N 249 
LYS CE  NZ   sing N N 250 
LYS CE  HE2  sing N N 251 
LYS CE  HE3  sing N N 252 
LYS NZ  HZ1  sing N N 253 
LYS NZ  HZ2  sing N N 254 
LYS NZ  HZ3  sing N N 255 
LYS OXT HXT  sing N N 256 
MET N   CA   sing N N 257 
MET N   H    sing N N 258 
MET N   H2   sing N N 259 
MET CA  C    sing N N 260 
MET CA  CB   sing N N 261 
MET CA  HA   sing N N 262 
MET C   O    doub N N 263 
MET C   OXT  sing N N 264 
MET CB  CG   sing N N 265 
MET CB  HB2  sing N N 266 
MET CB  HB3  sing N N 267 
MET CG  SD   sing N N 268 
MET CG  HG2  sing N N 269 
MET CG  HG3  sing N N 270 
MET SD  CE   sing N N 271 
MET CE  HE1  sing N N 272 
MET CE  HE2  sing N N 273 
MET CE  HE3  sing N N 274 
MET OXT HXT  sing N N 275 
PHE N   CA   sing N N 276 
PHE N   H    sing N N 277 
PHE N   H2   sing N N 278 
PHE CA  C    sing N N 279 
PHE CA  CB   sing N N 280 
PHE CA  HA   sing N N 281 
PHE C   O    doub N N 282 
PHE C   OXT  sing N N 283 
PHE CB  CG   sing N N 284 
PHE CB  HB2  sing N N 285 
PHE CB  HB3  sing N N 286 
PHE CG  CD1  doub Y N 287 
PHE CG  CD2  sing Y N 288 
PHE CD1 CE1  sing Y N 289 
PHE CD1 HD1  sing N N 290 
PHE CD2 CE2  doub Y N 291 
PHE CD2 HD2  sing N N 292 
PHE CE1 CZ   doub Y N 293 
PHE CE1 HE1  sing N N 294 
PHE CE2 CZ   sing Y N 295 
PHE CE2 HE2  sing N N 296 
PHE CZ  HZ   sing N N 297 
PHE OXT HXT  sing N N 298 
PRO N   CA   sing N N 299 
PRO N   CD   sing N N 300 
PRO N   H    sing N N 301 
PRO CA  C    sing N N 302 
PRO CA  CB   sing N N 303 
PRO CA  HA   sing N N 304 
PRO C   O    doub N N 305 
PRO C   OXT  sing N N 306 
PRO CB  CG   sing N N 307 
PRO CB  HB2  sing N N 308 
PRO CB  HB3  sing N N 309 
PRO CG  CD   sing N N 310 
PRO CG  HG2  sing N N 311 
PRO CG  HG3  sing N N 312 
PRO CD  HD2  sing N N 313 
PRO CD  HD3  sing N N 314 
PRO OXT HXT  sing N N 315 
SER N   CA   sing N N 316 
SER N   H    sing N N 317 
SER N   H2   sing N N 318 
SER CA  C    sing N N 319 
SER CA  CB   sing N N 320 
SER CA  HA   sing N N 321 
SER C   O    doub N N 322 
SER C   OXT  sing N N 323 
SER CB  OG   sing N N 324 
SER CB  HB2  sing N N 325 
SER CB  HB3  sing N N 326 
SER OG  HG   sing N N 327 
SER OXT HXT  sing N N 328 
THR N   CA   sing N N 329 
THR N   H    sing N N 330 
THR N   H2   sing N N 331 
THR CA  C    sing N N 332 
THR CA  CB   sing N N 333 
THR CA  HA   sing N N 334 
THR C   O    doub N N 335 
THR C   OXT  sing N N 336 
THR CB  OG1  sing N N 337 
THR CB  CG2  sing N N 338 
THR CB  HB   sing N N 339 
THR OG1 HG1  sing N N 340 
THR CG2 HG21 sing N N 341 
THR CG2 HG22 sing N N 342 
THR CG2 HG23 sing N N 343 
THR OXT HXT  sing N N 344 
TRP N   CA   sing N N 345 
TRP N   H    sing N N 346 
TRP N   H2   sing N N 347 
TRP CA  C    sing N N 348 
TRP CA  CB   sing N N 349 
TRP CA  HA   sing N N 350 
TRP C   O    doub N N 351 
TRP C   OXT  sing N N 352 
TRP CB  CG   sing N N 353 
TRP CB  HB2  sing N N 354 
TRP CB  HB3  sing N N 355 
TRP CG  CD1  doub Y N 356 
TRP CG  CD2  sing Y N 357 
TRP CD1 NE1  sing Y N 358 
TRP CD1 HD1  sing N N 359 
TRP CD2 CE2  doub Y N 360 
TRP CD2 CE3  sing Y N 361 
TRP NE1 CE2  sing Y N 362 
TRP NE1 HE1  sing N N 363 
TRP CE2 CZ2  sing Y N 364 
TRP CE3 CZ3  doub Y N 365 
TRP CE3 HE3  sing N N 366 
TRP CZ2 CH2  doub Y N 367 
TRP CZ2 HZ2  sing N N 368 
TRP CZ3 CH2  sing Y N 369 
TRP CZ3 HZ3  sing N N 370 
TRP CH2 HH2  sing N N 371 
TRP OXT HXT  sing N N 372 
TYR N   CA   sing N N 373 
TYR N   H    sing N N 374 
TYR N   H2   sing N N 375 
TYR CA  C    sing N N 376 
TYR CA  CB   sing N N 377 
TYR CA  HA   sing N N 378 
TYR C   O    doub N N 379 
TYR C   OXT  sing N N 380 
TYR CB  CG   sing N N 381 
TYR CB  HB2  sing N N 382 
TYR CB  HB3  sing N N 383 
TYR CG  CD1  doub Y N 384 
TYR CG  CD2  sing Y N 385 
TYR CD1 CE1  sing Y N 386 
TYR CD1 HD1  sing N N 387 
TYR CD2 CE2  doub Y N 388 
TYR CD2 HD2  sing N N 389 
TYR CE1 CZ   doub Y N 390 
TYR CE1 HE1  sing N N 391 
TYR CE2 CZ   sing Y N 392 
TYR CE2 HE2  sing N N 393 
TYR CZ  OH   sing N N 394 
TYR OH  HH   sing N N 395 
TYR OXT HXT  sing N N 396 
VAL N   CA   sing N N 397 
VAL N   H    sing N N 398 
VAL N   H2   sing N N 399 
VAL CA  C    sing N N 400 
VAL CA  CB   sing N N 401 
VAL CA  HA   sing N N 402 
VAL C   O    doub N N 403 
VAL C   OXT  sing N N 404 
VAL CB  CG1  sing N N 405 
VAL CB  CG2  sing N N 406 
VAL CB  HB   sing N N 407 
VAL CG1 HG11 sing N N 408 
VAL CG1 HG12 sing N N 409 
VAL CG1 HG13 sing N N 410 
VAL CG2 HG21 sing N N 411 
VAL CG2 HG22 sing N N 412 
VAL CG2 HG23 sing N N 413 
VAL OXT HXT  sing N N 414 
# 
_atom_sites.entry_id                    1MAI 
_atom_sites.fract_transf_matrix[1][1]   0.00323298 
_atom_sites.fract_transf_matrix[1][2]   -0.01467020 
_atom_sites.fract_transf_matrix[1][3]   -0.00759935 
_atom_sites.fract_transf_matrix[2][1]   -0.01430264 
_atom_sites.fract_transf_matrix[2][2]   -0.00636135 
_atom_sites.fract_transf_matrix[2][3]   0.00619556 
_atom_sites.fract_transf_matrix[3][1]   -0.00608772 
_atom_sites.fract_transf_matrix[3][2]   0.00387656 
_atom_sites.fract_transf_matrix[3][3]   -0.01007341 
_atom_sites.fract_transf_vector[1]      0.349453 
_atom_sites.fract_transf_vector[2]      0.215728 
_atom_sites.fract_transf_vector[3]      0.147594 
# 
loop_
_atom_type.symbol 
C 
N 
O 
P 
S 
# 
loop_
_atom_site.group_PDB 
_atom_site.id 
_atom_site.type_symbol 
_atom_site.label_atom_id 
_atom_site.label_alt_id 
_atom_site.label_comp_id 
_atom_site.label_asym_id 
_atom_site.label_entity_id 
_atom_site.label_seq_id 
_atom_site.pdbx_PDB_ins_code 
_atom_site.Cartn_x 
_atom_site.Cartn_y 
_atom_site.Cartn_z 
_atom_site.occupancy 
_atom_site.B_iso_or_equiv 
_atom_site.pdbx_formal_charge 
_atom_site.auth_seq_id 
_atom_site.auth_comp_id 
_atom_site.auth_asym_id 
_atom_site.auth_atom_id 
_atom_site.pdbx_PDB_model_num 
ATOM   1    N N   . GLY A 1 3   ? 6.982   19.591  -3.741  1.00 66.13 ? 12  GLY A N   1 
ATOM   2    C CA  . GLY A 1 3   ? 6.459   18.234  -3.429  1.00 66.75 ? 12  GLY A CA  1 
ATOM   3    C C   . GLY A 1 3   ? 7.418   17.550  -2.481  1.00 66.90 ? 12  GLY A C   1 
ATOM   4    O O   . GLY A 1 3   ? 8.250   18.224  -1.874  1.00 67.55 ? 12  GLY A O   1 
ATOM   5    N N   . LEU A 1 4   ? 7.288   16.230  -2.350  1.00 66.96 ? 13  LEU A N   1 
ATOM   6    C CA  . LEU A 1 4   ? 8.134   15.385  -1.488  1.00 66.13 ? 13  LEU A CA  1 
ATOM   7    C C   . LEU A 1 4   ? 8.419   15.946  -0.101  1.00 64.91 ? 13  LEU A C   1 
ATOM   8    O O   . LEU A 1 4   ? 7.812   15.524  0.880   1.00 66.03 ? 13  LEU A O   1 
ATOM   9    C CB  . LEU A 1 4   ? 9.455   15.045  -2.189  1.00 66.94 ? 13  LEU A CB  1 
ATOM   10   C CG  . LEU A 1 4   ? 10.377  14.030  -1.508  1.00 67.52 ? 13  LEU A CG  1 
ATOM   11   C CD1 . LEU A 1 4   ? 9.717   12.671  -1.539  1.00 67.32 ? 13  LEU A CD1 1 
ATOM   12   C CD2 . LEU A 1 4   ? 11.736  13.971  -2.205  1.00 68.59 ? 13  LEU A CD2 1 
ATOM   13   N N   . GLN A 1 5   ? 9.352   16.891  -0.033  1.00 64.35 ? 14  GLN A N   1 
ATOM   14   C CA  . GLN A 1 5   ? 9.739   17.527  1.218   1.00 62.28 ? 14  GLN A CA  1 
ATOM   15   C C   . GLN A 1 5   ? 8.639   18.441  1.750   1.00 57.87 ? 14  GLN A C   1 
ATOM   16   O O   . GLN A 1 5   ? 8.517   18.634  2.962   1.00 57.94 ? 14  GLN A O   1 
ATOM   17   C CB  . GLN A 1 5   ? 11.046  18.316  1.033   1.00 66.43 ? 14  GLN A CB  1 
ATOM   18   C CG  . GLN A 1 5   ? 12.197  17.881  1.974   1.00 72.24 ? 14  GLN A CG  1 
ATOM   19   C CD  . GLN A 1 5   ? 12.755  16.464  1.688   1.00 75.28 ? 14  GLN A CD  1 
ATOM   20   O OE1 . GLN A 1 5   ? 12.091  15.617  1.071   1.00 75.65 ? 14  GLN A OE1 1 
ATOM   21   N NE2 . GLN A 1 5   ? 13.982  16.211  2.152   1.00 75.34 ? 14  GLN A NE2 1 
ATOM   22   N N   . ASP A 1 6   ? 7.856   19.025  0.848   1.00 51.91 ? 15  ASP A N   1 
ATOM   23   C CA  . ASP A 1 6   ? 6.782   19.912  1.266   1.00 47.76 ? 15  ASP A CA  1 
ATOM   24   C C   . ASP A 1 6   ? 5.420   19.244  1.334   1.00 41.48 ? 15  ASP A C   1 
ATOM   25   O O   . ASP A 1 6   ? 4.488   19.784  1.921   1.00 39.71 ? 15  ASP A O   1 
ATOM   26   C CB  . ASP A 1 6   ? 6.717   21.151  0.364   1.00 55.33 ? 15  ASP A CB  1 
ATOM   27   C CG  . ASP A 1 6   ? 7.696   22.241  0.791   1.00 61.63 ? 15  ASP A CG  1 
ATOM   28   O OD1 . ASP A 1 6   ? 8.762   21.900  1.357   1.00 65.21 ? 15  ASP A OD1 1 
ATOM   29   O OD2 . ASP A 1 6   ? 7.394   23.442  0.568   1.00 64.54 ? 15  ASP A OD2 1 
ATOM   30   N N   . ASP A 1 7   ? 5.296   18.062  0.752   1.00 35.75 ? 16  ASP A N   1 
ATOM   31   C CA  . ASP A 1 7   ? 4.015   17.375  0.770   1.00 29.68 ? 16  ASP A CA  1 
ATOM   32   C C   . ASP A 1 7   ? 3.910   16.495  2.006   1.00 26.53 ? 16  ASP A C   1 
ATOM   33   O O   . ASP A 1 7   ? 4.678   15.542  2.158   1.00 25.16 ? 16  ASP A O   1 
ATOM   34   C CB  . ASP A 1 7   ? 3.854   16.534  -0.487  1.00 32.97 ? 16  ASP A CB  1 
ATOM   35   C CG  . ASP A 1 7   ? 2.424   16.090  -0.704  1.00 37.64 ? 16  ASP A CG  1 
ATOM   36   O OD1 . ASP A 1 7   ? 1.898   15.312  0.118   1.00 39.75 ? 16  ASP A OD1 1 
ATOM   37   O OD2 . ASP A 1 7   ? 1.811   16.546  -1.694  1.00 41.54 ? 16  ASP A OD2 1 
ATOM   38   N N   . PRO A 1 8   ? 2.912   16.752  2.873   1.00 22.46 ? 17  PRO A N   1 
ATOM   39   C CA  . PRO A 1 8   ? 2.696   15.983  4.111   1.00 19.84 ? 17  PRO A CA  1 
ATOM   40   C C   . PRO A 1 8   ? 2.412   14.483  3.918   1.00 19.39 ? 17  PRO A C   1 
ATOM   41   O O   . PRO A 1 8   ? 2.785   13.655  4.764   1.00 21.04 ? 17  PRO A O   1 
ATOM   42   C CB  . PRO A 1 8   ? 1.541   16.728  4.771   1.00 19.77 ? 17  PRO A CB  1 
ATOM   43   C CG  . PRO A 1 8   ? 0.796   17.292  3.592   1.00 22.94 ? 17  PRO A CG  1 
ATOM   44   C CD  . PRO A 1 8   ? 1.885   17.795  2.713   1.00 20.91 ? 17  PRO A CD  1 
ATOM   45   N N   . ASP A 1 9   ? 1.754   14.132  2.813   1.00 18.45 ? 18  ASP A N   1 
ATOM   46   C CA  . ASP A 1 9   ? 1.464   12.739  2.503   1.00 14.00 ? 18  ASP A CA  1 
ATOM   47   C C   . ASP A 1 9   ? 2.773   12.037  2.167   1.00 15.66 ? 18  ASP A C   1 
ATOM   48   O O   . ASP A 1 9   ? 3.054   10.978  2.706   1.00 16.10 ? 18  ASP A O   1 
ATOM   49   C CB  . ASP A 1 9   ? 0.532   12.621  1.306   1.00 14.06 ? 18  ASP A CB  1 
ATOM   50   C CG  . ASP A 1 9   ? -0.796  13.293  1.530   1.00 14.71 ? 18  ASP A CG  1 
ATOM   51   O OD1 . ASP A 1 9   ? -1.346  13.199  2.635   1.00 16.47 ? 18  ASP A OD1 1 
ATOM   52   O OD2 . ASP A 1 9   ? -1.308  13.899  0.583   1.00 19.45 ? 18  ASP A OD2 1 
ATOM   53   N N   . LEU A 1 10  ? 3.561   12.623  1.268   1.00 16.38 ? 19  LEU A N   1 
ATOM   54   C CA  . LEU A 1 10  ? 4.845   12.043  0.877   1.00 16.16 ? 19  LEU A CA  1 
ATOM   55   C C   . LEU A 1 10  ? 5.839   12.007  2.036   1.00 18.81 ? 19  LEU A C   1 
ATOM   56   O O   . LEU A 1 10  ? 6.630   11.076  2.130   1.00 21.10 ? 19  LEU A O   1 
ATOM   57   C CB  . LEU A 1 10  ? 5.441   12.761  -0.340  1.00 16.09 ? 19  LEU A CB  1 
ATOM   58   C CG  . LEU A 1 10  ? 4.681   12.564  -1.665  1.00 18.31 ? 19  LEU A CG  1 
ATOM   59   C CD1 . LEU A 1 10  ? 5.399   13.269  -2.785  1.00 15.22 ? 19  LEU A CD1 1 
ATOM   60   C CD2 . LEU A 1 10  ? 4.522   11.077  -2.005  1.00 16.44 ? 19  LEU A CD2 1 
ATOM   61   N N   . GLN A 1 11  ? 5.798   13.001  2.918   1.00 19.46 ? 20  GLN A N   1 
ATOM   62   C CA  . GLN A 1 11  ? 6.677   13.015  4.088   1.00 19.91 ? 20  GLN A CA  1 
ATOM   63   C C   . GLN A 1 11  ? 6.330   11.805  4.965   1.00 18.75 ? 20  GLN A C   1 
ATOM   64   O O   . GLN A 1 11  ? 7.208   11.150  5.534   1.00 15.87 ? 20  GLN A O   1 
ATOM   65   C CB  . GLN A 1 11  ? 6.485   14.291  4.928   1.00 24.36 ? 20  GLN A CB  1 
ATOM   66   C CG  . GLN A 1 11  ? 7.106   15.599  4.398   1.00 32.38 ? 20  GLN A CG  1 
ATOM   67   C CD  . GLN A 1 11  ? 6.690   16.844  5.236   1.00 40.65 ? 20  GLN A CD  1 
ATOM   68   O OE1 . GLN A 1 11  ? 7.311   17.915  5.134   1.00 43.31 ? 20  GLN A OE1 1 
ATOM   69   N NE2 . GLN A 1 11  ? 5.631   16.705  6.050   1.00 38.25 ? 20  GLN A NE2 1 
ATOM   70   N N   . ALA A 1 12  ? 5.039   11.512  5.081   1.00 16.38 ? 21  ALA A N   1 
ATOM   71   C CA  . ALA A 1 12  ? 4.611   10.386  5.882   1.00 16.47 ? 21  ALA A CA  1 
ATOM   72   C C   . ALA A 1 12  ? 5.051   9.057   5.259   1.00 17.28 ? 21  ALA A C   1 
ATOM   73   O O   . ALA A 1 12  ? 5.530   8.163   5.963   1.00 16.53 ? 21  ALA A O   1 
ATOM   74   C CB  . ALA A 1 12  ? 3.124   10.429  6.063   1.00 15.89 ? 21  ALA A CB  1 
ATOM   75   N N   . LEU A 1 13  ? 4.908   8.935   3.937   1.00 19.28 ? 22  LEU A N   1 
ATOM   76   C CA  . LEU A 1 13  ? 5.307   7.717   3.206   1.00 18.14 ? 22  LEU A CA  1 
ATOM   77   C C   . LEU A 1 13  ? 6.820   7.451   3.282   1.00 18.48 ? 22  LEU A C   1 
ATOM   78   O O   . LEU A 1 13  ? 7.238   6.286   3.379   1.00 16.29 ? 22  LEU A O   1 
ATOM   79   C CB  . LEU A 1 13  ? 4.858   7.775   1.742   1.00 13.79 ? 22  LEU A CB  1 
ATOM   80   C CG  . LEU A 1 13  ? 3.364   8.041   1.465   1.00 15.00 ? 22  LEU A CG  1 
ATOM   81   C CD1 . LEU A 1 13  ? 3.013   7.554   0.069   1.00 13.39 ? 22  LEU A CD1 1 
ATOM   82   C CD2 . LEU A 1 13  ? 2.470   7.362   2.473   1.00 12.43 ? 22  LEU A CD2 1 
ATOM   83   N N   . LEU A 1 14  ? 7.626   8.520   3.255   1.00 17.16 ? 23  LEU A N   1 
ATOM   84   C CA  . LEU A 1 14  ? 9.093   8.389   3.349   1.00 20.37 ? 23  LEU A CA  1 
ATOM   85   C C   . LEU A 1 14  ? 9.501   7.786   4.710   1.00 19.90 ? 23  LEU A C   1 
ATOM   86   O O   . LEU A 1 14  ? 10.540  7.144   4.831   1.00 21.70 ? 23  LEU A O   1 
ATOM   87   C CB  . LEU A 1 14  ? 9.814   9.733   3.083   1.00 16.80 ? 23  LEU A CB  1 
ATOM   88   C CG  . LEU A 1 14  ? 9.779   10.297  1.645   1.00 18.39 ? 23  LEU A CG  1 
ATOM   89   C CD1 . LEU A 1 14  ? 10.479  11.631  1.612   1.00 18.14 ? 23  LEU A CD1 1 
ATOM   90   C CD2 . LEU A 1 14  ? 10.422  9.356   0.635   1.00 14.02 ? 23  LEU A CD2 1 
ATOM   91   N N   . LYS A 1 15  ? 8.672   8.002   5.720   1.00 18.65 ? 24  LYS A N   1 
ATOM   92   C CA  . LYS A 1 15  ? 8.917   7.443   7.036   1.00 21.76 ? 24  LYS A CA  1 
ATOM   93   C C   . LYS A 1 15  ? 8.477   5.977   7.076   1.00 19.99 ? 24  LYS A C   1 
ATOM   94   O O   . LYS A 1 15  ? 9.016   5.182   7.847   1.00 20.26 ? 24  LYS A O   1 
ATOM   95   C CB  . LYS A 1 15  ? 8.159   8.235   8.098   1.00 22.14 ? 24  LYS A CB  1 
ATOM   96   C CG  . LYS A 1 15  ? 8.771   9.553   8.411   1.00 30.06 ? 24  LYS A CG  1 
ATOM   97   C CD  . LYS A 1 15  ? 7.962   10.253  9.469   1.00 36.92 ? 24  LYS A CD  1 
ATOM   98   C CE  . LYS A 1 15  ? 8.740   11.435  10.040  1.00 45.43 ? 24  LYS A CE  1 
ATOM   99   N NZ  . LYS A 1 15  ? 9.080   12.455  8.995   1.00 49.12 ? 24  LYS A NZ  1 
ATOM   100  N N   . GLY A 1 16  ? 7.476   5.635   6.268   1.00 20.68 ? 25  GLY A N   1 
ATOM   101  C CA  . GLY A 1 16  ? 6.980   4.275   6.220   1.00 16.70 ? 25  GLY A CA  1 
ATOM   102  C C   . GLY A 1 16  ? 5.860   4.078   7.203   1.00 18.85 ? 25  GLY A C   1 
ATOM   103  O O   . GLY A 1 16  ? 5.731   4.848   8.140   1.00 18.86 ? 25  GLY A O   1 
ATOM   104  N N   . SER A 1 17  ? 5.050   3.045   6.991   1.00 17.87 ? 26  SER A N   1 
ATOM   105  C CA  . SER A 1 17  ? 3.914   2.722   7.860   1.00 18.73 ? 26  SER A CA  1 
ATOM   106  C C   . SER A 1 17  ? 3.792   1.224   8.059   1.00 15.72 ? 26  SER A C   1 
ATOM   107  O O   . SER A 1 17  ? 4.182   0.445   7.206   1.00 16.25 ? 26  SER A O   1 
ATOM   108  C CB  . SER A 1 17  ? 2.571   3.159   7.221   1.00 12.47 ? 26  SER A CB  1 
ATOM   109  O OG  . SER A 1 17  ? 2.580   4.501   6.800   1.00 22.59 ? 26  SER A OG  1 
ATOM   110  N N   . GLN A 1 18  ? 3.225   0.837   9.190   1.00 17.22 ? 27  GLN A N   1 
ATOM   111  C CA  . GLN A 1 18  ? 2.921   -0.557  9.466   1.00 18.42 ? 27  GLN A CA  1 
ATOM   112  C C   . GLN A 1 18  ? 1.467   -0.684  8.981   1.00 19.77 ? 27  GLN A C   1 
ATOM   113  O O   . GLN A 1 18  ? 0.569   -0.022  9.507   1.00 23.78 ? 27  GLN A O   1 
ATOM   114  C CB  . GLN A 1 18  ? 2.961   -0.836  10.972  1.00 19.32 ? 27  GLN A CB  1 
ATOM   115  C CG  . GLN A 1 18  ? 4.349   -0.777  11.598  1.00 22.88 ? 27  GLN A CG  1 
ATOM   116  C CD  . GLN A 1 18  ? 5.256   -1.904  11.130  1.00 25.60 ? 27  GLN A CD  1 
ATOM   117  O OE1 . GLN A 1 18  ? 6.472   -1.877  11.374  1.00 32.33 ? 27  GLN A OE1 1 
ATOM   118  N NE2 . GLN A 1 18  ? 4.681   -2.905  10.459  1.00 25.55 ? 27  GLN A NE2 1 
ATOM   119  N N   . LEU A 1 19  ? 1.235   -1.474  7.950   1.00 17.43 ? 28  LEU A N   1 
ATOM   120  C CA  . LEU A 1 19  ? -0.113  -1.652  7.447   1.00 14.37 ? 28  LEU A CA  1 
ATOM   121  C C   . LEU A 1 19  ? -0.445  -3.122  7.594   1.00 16.66 ? 28  LEU A C   1 
ATOM   122  O O   . LEU A 1 19  ? 0.407   -3.926  7.961   1.00 19.40 ? 28  LEU A O   1 
ATOM   123  C CB  . LEU A 1 19  ? -0.192  -1.244  5.960   1.00 14.48 ? 28  LEU A CB  1 
ATOM   124  C CG  . LEU A 1 19  ? 0.219   0.186   5.591   1.00 16.65 ? 28  LEU A CG  1 
ATOM   125  C CD1 . LEU A 1 19  ? 0.158   0.394   4.087   1.00 15.13 ? 28  LEU A CD1 1 
ATOM   126  C CD2 . LEU A 1 19  ? -0.679  1.189   6.296   1.00 14.87 ? 28  LEU A CD2 1 
ATOM   127  N N   . LEU A 1 20  ? -1.702  -3.470  7.348   1.00 17.10 ? 29  LEU A N   1 
ATOM   128  C CA  . LEU A 1 20  ? -2.142  -4.851  7.416   1.00 15.39 ? 29  LEU A CA  1 
ATOM   129  C C   . LEU A 1 20  ? -2.463  -5.281  5.995   1.00 15.73 ? 29  LEU A C   1 
ATOM   130  O O   . LEU A 1 20  ? -3.228  -4.598  5.298   1.00 16.28 ? 29  LEU A O   1 
ATOM   131  C CB  . LEU A 1 20  ? -3.409  -4.978  8.273   1.00 14.53 ? 29  LEU A CB  1 
ATOM   132  C CG  . LEU A 1 20  ? -3.237  -4.772  9.764   1.00 19.37 ? 29  LEU A CG  1 
ATOM   133  C CD1 . LEU A 1 20  ? -4.634  -4.731  10.379  1.00 21.63 ? 29  LEU A CD1 1 
ATOM   134  C CD2 . LEU A 1 20  ? -2.355  -5.892  10.390  1.00 16.52 ? 29  LEU A CD2 1 
ATOM   135  N N   . LYS A 1 21  ? -1.866  -6.377  5.550   1.00 15.18 ? 30  LYS A N   1 
ATOM   136  C CA  . LYS A 1 21  ? -2.140  -6.881  4.221   1.00 15.46 ? 30  LYS A CA  1 
ATOM   137  C C   . LYS A 1 21  ? -3.239  -7.938  4.363   1.00 19.20 ? 30  LYS A C   1 
ATOM   138  O O   . LYS A 1 21  ? -3.124  -8.870  5.188   1.00 19.08 ? 30  LYS A O   1 
ATOM   139  C CB  . LYS A 1 21  ? -0.886  -7.494  3.582   1.00 17.35 ? 30  LYS A CB  1 
ATOM   140  C CG  . LYS A 1 21  ? -1.071  -7.820  2.108   1.00 15.38 ? 30  LYS A CG  1 
ATOM   141  C CD  . LYS A 1 21  ? -0.160  -8.934  1.622   1.00 19.49 ? 30  LYS A CD  1 
ATOM   142  C CE  . LYS A 1 21  ? 1.188   -8.448  1.228   1.00 18.01 ? 30  LYS A CE  1 
ATOM   143  N NZ  . LYS A 1 21  ? 1.965   -9.567  0.664   1.00 17.74 ? 30  LYS A NZ  1 
ATOM   144  N N   . VAL A 1 22  ? -4.291  -7.774  3.554   1.00 19.42 ? 31  VAL A N   1 
ATOM   145  C CA  . VAL A 1 22  ? -5.466  -8.663  3.526   1.00 21.43 ? 31  VAL A CA  1 
ATOM   146  C C   . VAL A 1 22  ? -5.375  -9.691  2.392   1.00 21.39 ? 31  VAL A C   1 
ATOM   147  O O   . VAL A 1 22  ? -5.273  -9.318  1.213   1.00 19.49 ? 31  VAL A O   1 
ATOM   148  C CB  . VAL A 1 22  ? -6.793  -7.838  3.323   1.00 19.62 ? 31  VAL A CB  1 
ATOM   149  C CG1 . VAL A 1 22  ? -8.007  -8.764  3.190   1.00 18.55 ? 31  VAL A CG1 1 
ATOM   150  C CG2 . VAL A 1 22  ? -7.003  -6.884  4.489   1.00 19.05 ? 31  VAL A CG2 1 
ATOM   151  N N   . LYS A 1 23  ? -5.399  -10.974 2.753   1.00 21.21 ? 32  LYS A N   1 
ATOM   152  C CA  . LYS A 1 23  ? -5.353  -12.066 1.768   1.00 21.36 ? 32  LYS A CA  1 
ATOM   153  C C   . LYS A 1 23  ? -6.568  -13.014 1.862   1.00 22.54 ? 32  LYS A C   1 
ATOM   154  O O   . LYS A 1 23  ? -6.952  -13.612 0.875   1.00 22.13 ? 32  LYS A O   1 
ATOM   155  C CB  . LYS A 1 23  ? -4.049  -12.861 1.874   1.00 18.81 ? 32  LYS A CB  1 
ATOM   156  C CG  . LYS A 1 23  ? -2.770  -12.096 1.483   1.00 15.62 ? 32  LYS A CG  1 
ATOM   157  C CD  . LYS A 1 23  ? -2.784  -11.615 0.045   1.00 17.21 ? 32  LYS A CD  1 
ATOM   158  C CE  . LYS A 1 23  ? -2.989  -12.759 -0.948  1.00 20.05 ? 32  LYS A CE  1 
ATOM   159  N NZ  . LYS A 1 23  ? -2.848  -12.289 -2.364  1.00 22.99 ? 32  LYS A NZ  1 
ATOM   160  N N   . SER A 1 24  ? -7.162  -13.155 3.045   1.00 23.26 ? 33  SER A N   1 
ATOM   161  C CA  . SER A 1 24  ? -8.347  -13.994 3.224   1.00 23.37 ? 33  SER A CA  1 
ATOM   162  C C   . SER A 1 24  ? -9.033  -13.504 4.494   1.00 27.08 ? 33  SER A C   1 
ATOM   163  O O   . SER A 1 24  ? -8.728  -12.408 4.986   1.00 23.78 ? 33  SER A O   1 
ATOM   164  C CB  . SER A 1 24  ? -7.979  -15.466 3.367   1.00 17.90 ? 33  SER A CB  1 
ATOM   165  O OG  . SER A 1 24  ? -7.413  -15.703 4.636   1.00 17.02 ? 33  SER A OG  1 
ATOM   166  N N   . SER A 1 25  ? -9.979  -14.296 5.000   1.00 33.20 ? 34  SER A N   1 
ATOM   167  C CA  . SER A 1 25  ? -10.722 -13.964 6.233   1.00 37.66 ? 34  SER A CA  1 
ATOM   168  C C   . SER A 1 25  ? -9.801  -14.027 7.444   1.00 35.27 ? 34  SER A C   1 
ATOM   169  O O   . SER A 1 25  ? -9.894  -13.208 8.368   1.00 36.82 ? 34  SER A O   1 
ATOM   170  C CB  . SER A 1 25  ? -11.871 -14.953 6.447   1.00 40.65 ? 34  SER A CB  1 
ATOM   171  O OG  . SER A 1 25  ? -12.752 -14.961 5.338   1.00 52.92 ? 34  SER A OG  1 
ATOM   172  N N   . SER A 1 26  ? -8.920  -15.021 7.420   1.00 33.72 ? 35  SER A N   1 
ATOM   173  C CA  . SER A 1 26  ? -7.955  -15.250 8.478   1.00 33.57 ? 35  SER A CA  1 
ATOM   174  C C   . SER A 1 26  ? -6.640  -14.514 8.241   1.00 30.36 ? 35  SER A C   1 
ATOM   175  O O   . SER A 1 26  ? -6.117  -13.878 9.152   1.00 34.41 ? 35  SER A O   1 
ATOM   176  C CB  . SER A 1 26  ? -7.678  -16.746 8.603   1.00 33.65 ? 35  SER A CB  1 
ATOM   177  O OG  . SER A 1 26  ? -7.258  -17.276 7.352   1.00 39.87 ? 35  SER A OG  1 
ATOM   178  N N   . TRP A 1 27  ? -6.100  -14.614 7.033   1.00 26.21 ? 36  TRP A N   1 
ATOM   179  C CA  . TRP A 1 27  ? -4.827  -13.975 6.706   1.00 22.47 ? 36  TRP A CA  1 
ATOM   180  C C   . TRP A 1 27  ? -4.960  -12.454 6.576   1.00 22.10 ? 36  TRP A C   1 
ATOM   181  O O   . TRP A 1 27  ? -5.442  -11.938 5.562   1.00 21.54 ? 36  TRP A O   1 
ATOM   182  C CB  . TRP A 1 27  ? -4.265  -14.569 5.402   1.00 21.19 ? 36  TRP A CB  1 
ATOM   183  C CG  . TRP A 1 27  ? -2.754  -14.607 5.298   1.00 18.33 ? 36  TRP A CG  1 
ATOM   184  C CD1 . TRP A 1 27  ? -1.961  -15.709 5.443   1.00 19.27 ? 36  TRP A CD1 1 
ATOM   185  C CD2 . TRP A 1 27  ? -1.861  -13.499 5.042   1.00 17.45 ? 36  TRP A CD2 1 
ATOM   186  N NE1 . TRP A 1 27  ? -0.638  -15.359 5.301   1.00 21.77 ? 36  TRP A NE1 1 
ATOM   187  C CE2 . TRP A 1 27  ? -0.548  -14.011 5.056   1.00 18.84 ? 36  TRP A CE2 1 
ATOM   188  C CE3 . TRP A 1 27  ? -2.045  -12.128 4.810   1.00 16.68 ? 36  TRP A CE3 1 
ATOM   189  C CZ2 . TRP A 1 27  ? 0.580   -13.197 4.848   1.00 16.54 ? 36  TRP A CZ2 1 
ATOM   190  C CZ3 . TRP A 1 27  ? -0.925  -11.329 4.603   1.00 16.50 ? 36  TRP A CZ3 1 
ATOM   191  C CH2 . TRP A 1 27  ? 0.370   -11.868 4.624   1.00 15.75 ? 36  TRP A CH2 1 
ATOM   192  N N   . ARG A 1 28  ? -4.533  -11.749 7.617   1.00 21.03 ? 37  ARG A N   1 
ATOM   193  C CA  . ARG A 1 28  ? -4.548  -10.286 7.665   1.00 22.41 ? 37  ARG A CA  1 
ATOM   194  C C   . ARG A 1 28  ? -3.343  -10.009 8.528   1.00 23.24 ? 37  ARG A C   1 
ATOM   195  O O   . ARG A 1 28  ? -3.432  -10.066 9.752   1.00 23.01 ? 37  ARG A O   1 
ATOM   196  C CB  . ARG A 1 28  ? -5.799  -9.780  8.371   1.00 24.82 ? 37  ARG A CB  1 
ATOM   197  C CG  . ARG A 1 28  ? -5.825  -8.271  8.559   1.00 30.90 ? 37  ARG A CG  1 
ATOM   198  C CD  . ARG A 1 28  ? -7.108  -7.836  9.242   1.00 35.35 ? 37  ARG A CD  1 
ATOM   199  N NE  . ARG A 1 28  ? -8.290  -8.170  8.448   1.00 37.97 ? 37  ARG A NE  1 
ATOM   200  C CZ  . ARG A 1 28  ? -9.531  -7.808  8.761   1.00 37.80 ? 37  ARG A CZ  1 
ATOM   201  N NH1 . ARG A 1 28  ? -9.763  -7.104  9.862   1.00 40.04 ? 37  ARG A NH1 1 
ATOM   202  N NH2 . ARG A 1 28  ? -10.534 -8.102  7.950   1.00 36.22 ? 37  ARG A NH2 1 
ATOM   203  N N   . ARG A 1 29  ? -2.216  -9.718  7.896   1.00 22.40 ? 38  ARG A N   1 
ATOM   204  C CA  . ARG A 1 29  ? -0.988  -9.549  8.641   1.00 18.70 ? 38  ARG A CA  1 
ATOM   205  C C   . ARG A 1 29  ? -0.290  -8.243  8.448   1.00 19.11 ? 38  ARG A C   1 
ATOM   206  O O   . ARG A 1 29  ? -0.373  -7.629  7.388   1.00 17.34 ? 38  ARG A O   1 
ATOM   207  C CB  . ARG A 1 29  ? -0.050  -10.710 8.319   1.00 21.67 ? 38  ARG A CB  1 
ATOM   208  C CG  . ARG A 1 29  ? -0.671  -12.043 8.687   1.00 22.89 ? 38  ARG A CG  1 
ATOM   209  C CD  . ARG A 1 29  ? 0.187   -13.228 8.432   1.00 22.62 ? 38  ARG A CD  1 
ATOM   210  N NE  . ARG A 1 29  ? -0.598  -14.436 8.640   1.00 26.42 ? 38  ARG A NE  1 
ATOM   211  C CZ  . ARG A 1 29  ? -0.102  -15.665 8.633   1.00 30.11 ? 38  ARG A CZ  1 
ATOM   212  N NH1 . ARG A 1 29  ? 1.197   -15.855 8.432   1.00 34.56 ? 38  ARG A NH1 1 
ATOM   213  N NH2 . ARG A 1 29  ? -0.909  -16.706 8.810   1.00 29.31 ? 38  ARG A NH2 1 
ATOM   214  N N   . GLU A 1 30  ? 0.431   -7.842  9.486   1.00 17.79 ? 39  GLU A N   1 
ATOM   215  C CA  . GLU A 1 30  ? 1.162   -6.591  9.489   1.00 18.66 ? 39  GLU A CA  1 
ATOM   216  C C   . GLU A 1 30  ? 2.357   -6.638  8.545   1.00 16.20 ? 39  GLU A C   1 
ATOM   217  O O   . GLU A 1 30  ? 3.136   -7.582  8.557   1.00 15.82 ? 39  GLU A O   1 
ATOM   218  C CB  . GLU A 1 30  ? 1.621   -6.305  10.900  1.00 21.36 ? 39  GLU A CB  1 
ATOM   219  C CG  . GLU A 1 30  ? 2.100   -4.911  11.135  1.00 30.89 ? 39  GLU A CG  1 
ATOM   220  C CD  . GLU A 1 30  ? 2.677   -4.774  12.521  1.00 36.43 ? 39  GLU A CD  1 
ATOM   221  O OE1 . GLU A 1 30  ? 3.616   -5.541  12.847  1.00 41.36 ? 39  GLU A OE1 1 
ATOM   222  O OE2 . GLU A 1 30  ? 2.181   -3.927  13.292  1.00 38.94 ? 39  GLU A OE2 1 
ATOM   223  N N   . ARG A 1 31  ? 2.520   -5.579  7.770   1.00 13.19 ? 40  ARG A N   1 
ATOM   224  C CA  . ARG A 1 31  ? 3.596   -5.485  6.812   1.00 11.52 ? 40  ARG A CA  1 
ATOM   225  C C   . ARG A 1 31  ? 3.983   -4.019  6.782   1.00 11.36 ? 40  ARG A C   1 
ATOM   226  O O   . ARG A 1 31  ? 3.122   -3.147  6.799   1.00 12.94 ? 40  ARG A O   1 
ATOM   227  C CB  . ARG A 1 31  ? 3.109   -5.937  5.432   1.00 11.36 ? 40  ARG A CB  1 
ATOM   228  C CG  . ARG A 1 31  ? 2.857   -7.444  5.268   1.00 10.51 ? 40  ARG A CG  1 
ATOM   229  C CD  . ARG A 1 31  ? 4.180   -8.210  5.340   1.00 13.34 ? 40  ARG A CD  1 
ATOM   230  N NE  . ARG A 1 31  ? 4.088   -9.645  5.033   1.00 15.34 ? 40  ARG A NE  1 
ATOM   231  C CZ  . ARG A 1 31  ? 3.806   -10.598 5.919   1.00 16.90 ? 40  ARG A CZ  1 
ATOM   232  N NH1 . ARG A 1 31  ? 3.567   -10.293 7.190   1.00 19.36 ? 40  ARG A NH1 1 
ATOM   233  N NH2 . ARG A 1 31  ? 3.770   -11.867 5.538   1.00 18.66 ? 40  ARG A NH2 1 
ATOM   234  N N   . PHE A 1 32  ? 5.281   -3.751  6.823   1.00 11.79 ? 41  PHE A N   1 
ATOM   235  C CA  . PHE A 1 32  ? 5.786   -2.392  6.794   1.00 9.47  ? 41  PHE A CA  1 
ATOM   236  C C   . PHE A 1 32  ? 6.067   -1.997  5.341   1.00 12.02 ? 41  PHE A C   1 
ATOM   237  O O   . PHE A 1 32  ? 6.675   -2.763  4.597   1.00 11.21 ? 41  PHE A O   1 
ATOM   238  C CB  . PHE A 1 32  ? 7.060   -2.313  7.629   1.00 11.60 ? 41  PHE A CB  1 
ATOM   239  C CG  . PHE A 1 32  ? 7.640   -0.934  7.716   1.00 13.66 ? 41  PHE A CG  1 
ATOM   240  C CD1 . PHE A 1 32  ? 7.140   -0.013  8.627   1.00 11.97 ? 41  PHE A CD1 1 
ATOM   241  C CD2 . PHE A 1 32  ? 8.708   -0.563  6.907   1.00 15.46 ? 41  PHE A CD2 1 
ATOM   242  C CE1 . PHE A 1 32  ? 7.688   1.257   8.740   1.00 12.44 ? 41  PHE A CE1 1 
ATOM   243  C CE2 . PHE A 1 32  ? 9.270   0.723   7.014   1.00 16.80 ? 41  PHE A CE2 1 
ATOM   244  C CZ  . PHE A 1 32  ? 8.756   1.631   7.936   1.00 14.52 ? 41  PHE A CZ  1 
ATOM   245  N N   . TYR A 1 33  ? 5.645   -0.792  4.963   1.00 12.19 ? 42  TYR A N   1 
ATOM   246  C CA  . TYR A 1 33  ? 5.825   -0.256  3.621   1.00 11.52 ? 42  TYR A CA  1 
ATOM   247  C C   . TYR A 1 33  ? 6.503   1.087   3.758   1.00 11.45 ? 42  TYR A C   1 
ATOM   248  O O   . TYR A 1 33  ? 6.214   1.834   4.680   1.00 13.92 ? 42  TYR A O   1 
ATOM   249  C CB  . TYR A 1 33  ? 4.469   -0.067  2.928   1.00 12.69 ? 42  TYR A CB  1 
ATOM   250  C CG  . TYR A 1 33  ? 3.789   -1.366  2.599   1.00 15.43 ? 42  TYR A CG  1 
ATOM   251  C CD1 . TYR A 1 33  ? 4.078   -2.058  1.411   1.00 17.32 ? 42  TYR A CD1 1 
ATOM   252  C CD2 . TYR A 1 33  ? 2.897   -1.942  3.496   1.00 16.44 ? 42  TYR A CD2 1 
ATOM   253  C CE1 . TYR A 1 33  ? 3.502   -3.292  1.138   1.00 11.46 ? 42  TYR A CE1 1 
ATOM   254  C CE2 . TYR A 1 33  ? 2.319   -3.170  3.236   1.00 15.83 ? 42  TYR A CE2 1 
ATOM   255  C CZ  . TYR A 1 33  ? 2.632   -3.835  2.062   1.00 16.93 ? 42  TYR A CZ  1 
ATOM   256  O OH  . TYR A 1 33  ? 2.092   -5.064  1.863   1.00 18.11 ? 42  TYR A OH  1 
ATOM   257  N N   . LYS A 1 34  ? 7.374   1.426   2.823   1.00 11.98 ? 43  LYS A N   1 
ATOM   258  C CA  . LYS A 1 34  ? 8.076   2.685   2.920   1.00 13.11 ? 43  LYS A CA  1 
ATOM   259  C C   . LYS A 1 34  ? 8.510   3.186   1.564   1.00 13.51 ? 43  LYS A C   1 
ATOM   260  O O   . LYS A 1 34  ? 9.211   2.497   0.818   1.00 10.56 ? 43  LYS A O   1 
ATOM   261  C CB  . LYS A 1 34  ? 9.292   2.501   3.820   1.00 13.10 ? 43  LYS A CB  1 
ATOM   262  C CG  . LYS A 1 34  ? 10.182  3.704   3.972   1.00 13.49 ? 43  LYS A CG  1 
ATOM   263  C CD  . LYS A 1 34  ? 11.209  3.382   5.059   1.00 18.13 ? 43  LYS A CD  1 
ATOM   264  C CE  . LYS A 1 34  ? 12.286  4.431   5.194   1.00 16.57 ? 43  LYS A CE  1 
ATOM   265  N NZ  . LYS A 1 34  ? 13.207  4.053   6.310   1.00 17.28 ? 43  LYS A NZ  1 
ATOM   266  N N   . LEU A 1 35  ? 8.081   4.398   1.243   1.00 14.79 ? 44  LEU A N   1 
ATOM   267  C CA  . LEU A 1 35  ? 8.442   5.022   -0.012  1.00 15.31 ? 44  LEU A CA  1 
ATOM   268  C C   . LEU A 1 35  ? 9.914   5.427   0.118   1.00 16.43 ? 44  LEU A C   1 
ATOM   269  O O   . LEU A 1 35  ? 10.334  5.986   1.145   1.00 16.66 ? 44  LEU A O   1 
ATOM   270  C CB  . LEU A 1 35  ? 7.575   6.253   -0.250  1.00 13.90 ? 44  LEU A CB  1 
ATOM   271  C CG  . LEU A 1 35  ? 7.872   7.052   -1.510  1.00 15.26 ? 44  LEU A CG  1 
ATOM   272  C CD1 . LEU A 1 35  ? 7.586   6.199   -2.728  1.00 16.59 ? 44  LEU A CD1 1 
ATOM   273  C CD2 . LEU A 1 35  ? 7.043   8.323   -1.529  1.00 14.02 ? 44  LEU A CD2 1 
ATOM   274  N N   . GLN A 1 36  ? 10.694  5.111   -0.912  1.00 16.92 ? 45  GLN A N   1 
ATOM   275  C CA  . GLN A 1 36  ? 12.121  5.417   -0.938  1.00 16.89 ? 45  GLN A CA  1 
ATOM   276  C C   . GLN A 1 36  ? 12.337  6.873   -1.366  1.00 20.12 ? 45  GLN A C   1 
ATOM   277  O O   . GLN A 1 36  ? 11.480  7.457   -2.049  1.00 17.17 ? 45  GLN A O   1 
ATOM   278  C CB  . GLN A 1 36  ? 12.828  4.440   -1.876  1.00 14.75 ? 45  GLN A CB  1 
ATOM   279  C CG  . GLN A 1 36  ? 12.537  3.004   -1.502  1.00 10.75 ? 45  GLN A CG  1 
ATOM   280  C CD  . GLN A 1 36  ? 13.122  2.644   -0.154  1.00 17.00 ? 45  GLN A CD  1 
ATOM   281  O OE1 . GLN A 1 36  ? 14.342  2.614   0.006   1.00 15.76 ? 45  GLN A OE1 1 
ATOM   282  N NE2 . GLN A 1 36  ? 12.267  2.397   0.832   1.00 11.97 ? 45  GLN A NE2 1 
ATOM   283  N N   . GLU A 1 37  ? 13.479  7.440   -0.959  1.00 21.04 ? 46  GLU A N   1 
ATOM   284  C CA  . GLU A 1 37  ? 13.852  8.829   -1.239  1.00 26.10 ? 46  GLU A CA  1 
ATOM   285  C C   . GLU A 1 37  ? 13.786  9.229   -2.720  1.00 26.00 ? 46  GLU A C   1 
ATOM   286  O O   . GLU A 1 37  ? 13.485  10.385  -3.038  1.00 27.62 ? 46  GLU A O   1 
ATOM   287  C CB  . GLU A 1 37  ? 15.258  9.148   -0.693  1.00 27.98 ? 46  GLU A CB  1 
ATOM   288  C CG  . GLU A 1 37  ? 15.507  8.813   0.777   1.00 36.90 ? 46  GLU A CG  1 
ATOM   289  C CD  . GLU A 1 37  ? 14.665  9.622   1.724   1.00 40.21 ? 46  GLU A CD  1 
ATOM   290  O OE1 . GLU A 1 37  ? 14.258  10.744  1.352   1.00 45.66 ? 46  GLU A OE1 1 
ATOM   291  O OE2 . GLU A 1 37  ? 14.407  9.141   2.848   1.00 44.17 ? 46  GLU A OE2 1 
ATOM   292  N N   . ASP A 1 38  ? 14.094  8.299   -3.618  1.00 24.09 ? 47  ASP A N   1 
ATOM   293  C CA  . ASP A 1 38  ? 14.047  8.585   -5.048  1.00 25.27 ? 47  ASP A CA  1 
ATOM   294  C C   . ASP A 1 38  ? 12.609  8.761   -5.579  1.00 26.97 ? 47  ASP A C   1 
ATOM   295  O O   . ASP A 1 38  ? 12.397  9.044   -6.763  1.00 25.73 ? 47  ASP A O   1 
ATOM   296  C CB  . ASP A 1 38  ? 14.768  7.478   -5.819  1.00 26.07 ? 47  ASP A CB  1 
ATOM   297  C CG  . ASP A 1 38  ? 14.157  6.097   -5.613  1.00 27.57 ? 47  ASP A CG  1 
ATOM   298  O OD1 . ASP A 1 38  ? 13.059  5.956   -5.028  1.00 29.30 ? 47  ASP A OD1 1 
ATOM   299  O OD2 . ASP A 1 38  ? 14.790  5.121   -6.062  1.00 32.00 ? 47  ASP A OD2 1 
ATOM   300  N N   . CYS A 1 39  ? 11.636  8.564   -4.689  1.00 28.55 ? 48  CYS A N   1 
ATOM   301  C CA  . CYS A 1 39  ? 10.209  8.655   -5.009  1.00 31.81 ? 48  CYS A CA  1 
ATOM   302  C C   . CYS A 1 39  ? 9.856   7.760   -6.183  1.00 30.52 ? 48  CYS A C   1 
ATOM   303  O O   . CYS A 1 39  ? 8.855   7.981   -6.849  1.00 32.52 ? 48  CYS A O   1 
ATOM   304  C CB  . CYS A 1 39  ? 9.784   10.100  -5.300  1.00 36.89 ? 48  CYS A CB  1 
ATOM   305  S SG  . CYS A 1 39  ? 9.171   11.020  -3.872  1.00 39.46 ? 48  CYS A SG  1 
ATOM   306  N N   . LYS A 1 40  ? 10.665  6.728   -6.396  1.00 29.45 ? 49  LYS A N   1 
ATOM   307  C CA  . LYS A 1 40  ? 10.466  5.793   -7.493  1.00 31.68 ? 49  LYS A CA  1 
ATOM   308  C C   . LYS A 1 40  ? 10.134  4.380   -7.047  1.00 29.09 ? 49  LYS A C   1 
ATOM   309  O O   . LYS A 1 40  ? 9.495   3.635   -7.793  1.00 26.68 ? 49  LYS A O   1 
ATOM   310  C CB  . LYS A 1 40  ? 11.712  5.726   -8.380  1.00 37.40 ? 49  LYS A CB  1 
ATOM   311  C CG  . LYS A 1 40  ? 12.019  6.999   -9.143  1.00 44.67 ? 49  LYS A CG  1 
ATOM   312  C CD  . LYS A 1 40  ? 13.176  6.763   -10.107 1.00 53.18 ? 49  LYS A CD  1 
ATOM   313  C CE  . LYS A 1 40  ? 14.512  6.523   -9.389  1.00 54.68 ? 49  LYS A CE  1 
ATOM   314  N NZ  . LYS A 1 40  ? 15.100  7.804   -8.851  1.00 59.98 ? 49  LYS A NZ  1 
ATOM   315  N N   . THR A 1 41  ? 10.605  3.983   -5.867  1.00 25.81 ? 50  THR A N   1 
ATOM   316  C CA  . THR A 1 41  ? 10.343  2.625   -5.390  1.00 22.69 ? 50  THR A CA  1 
ATOM   317  C C   . THR A 1 41  ? 9.773   2.588   -3.986  1.00 16.72 ? 50  THR A C   1 
ATOM   318  O O   . THR A 1 41  ? 9.865   3.555   -3.244  1.00 15.17 ? 50  THR A O   1 
ATOM   319  C CB  . THR A 1 41  ? 11.630  1.703   -5.459  1.00 25.18 ? 50  THR A CB  1 
ATOM   320  O OG1 . THR A 1 41  ? 12.540  2.045   -4.414  1.00 29.71 ? 50  THR A OG1 1 
ATOM   321  C CG2 . THR A 1 41  ? 12.352  1.889   -6.790  1.00 27.84 ? 50  THR A CG2 1 
ATOM   322  N N   . ILE A 1 42  ? 9.155   1.465   -3.653  1.00 14.47 ? 51  ILE A N   1 
ATOM   323  C CA  . ILE A 1 42  ? 8.576   1.235   -2.345  1.00 15.25 ? 51  ILE A CA  1 
ATOM   324  C C   . ILE A 1 42  ? 9.161   -0.064  -1.794  1.00 14.90 ? 51  ILE A C   1 
ATOM   325  O O   . ILE A 1 42  ? 9.242   -1.061  -2.513  1.00 16.80 ? 51  ILE A O   1 
ATOM   326  C CB  . ILE A 1 42  ? 7.037   1.075   -2.442  1.00 13.00 ? 51  ILE A CB  1 
ATOM   327  C CG1 . ILE A 1 42  ? 6.409   2.412   -2.854  1.00 17.87 ? 51  ILE A CG1 1 
ATOM   328  C CG2 . ILE A 1 42  ? 6.448   0.576   -1.120  1.00 11.30 ? 51  ILE A CG2 1 
ATOM   329  C CD1 . ILE A 1 42  ? 4.943   2.301   -3.169  1.00 20.06 ? 51  ILE A CD1 1 
ATOM   330  N N   . TRP A 1 43  ? 9.643   -0.031  -0.558  1.00 12.55 ? 52  TRP A N   1 
ATOM   331  C CA  . TRP A 1 43  ? 10.162  -1.234  0.087   1.00 12.63 ? 52  TRP A CA  1 
ATOM   332  C C   . TRP A 1 43  ? 8.987   -1.867  0.810   1.00 11.58 ? 52  TRP A C   1 
ATOM   333  O O   . TRP A 1 43  ? 8.194   -1.167  1.433   1.00 13.29 ? 52  TRP A O   1 
ATOM   334  C CB  . TRP A 1 43  ? 11.251  -0.882  1.110   1.00 14.73 ? 52  TRP A CB  1 
ATOM   335  C CG  . TRP A 1 43  ? 11.893  -2.100  1.746   1.00 15.78 ? 52  TRP A CG  1 
ATOM   336  C CD1 . TRP A 1 43  ? 12.972  -2.821  1.272   1.00 15.14 ? 52  TRP A CD1 1 
ATOM   337  C CD2 . TRP A 1 43  ? 11.470  -2.753  2.941   1.00 14.23 ? 52  TRP A CD2 1 
ATOM   338  N NE1 . TRP A 1 43  ? 13.227  -3.888  2.105   1.00 15.80 ? 52  TRP A NE1 1 
ATOM   339  C CE2 . TRP A 1 43  ? 12.318  -3.869  3.133   1.00 17.10 ? 52  TRP A CE2 1 
ATOM   340  C CE3 . TRP A 1 43  ? 10.453  -2.508  3.864   1.00 13.61 ? 52  TRP A CE3 1 
ATOM   341  C CZ2 . TRP A 1 43  ? 12.170  -4.733  4.211   1.00 18.54 ? 52  TRP A CZ2 1 
ATOM   342  C CZ3 . TRP A 1 43  ? 10.306  -3.355  4.928   1.00 14.86 ? 52  TRP A CZ3 1 
ATOM   343  C CH2 . TRP A 1 43  ? 11.159  -4.462  5.099   1.00 20.04 ? 52  TRP A CH2 1 
ATOM   344  N N   . GLN A 1 44  ? 8.865   -3.183  0.743   1.00 12.30 ? 53  GLN A N   1 
ATOM   345  C CA  . GLN A 1 44  ? 7.779   -3.878  1.424   1.00 12.53 ? 53  GLN A CA  1 
ATOM   346  C C   . GLN A 1 44  ? 8.328   -5.067  2.183   1.00 13.58 ? 53  GLN A C   1 
ATOM   347  O O   . GLN A 1 44  ? 9.196   -5.817  1.702   1.00 14.98 ? 53  GLN A O   1 
ATOM   348  C CB  . GLN A 1 44  ? 6.725   -4.359  0.433   1.00 15.26 ? 53  GLN A CB  1 
ATOM   349  C CG  . GLN A 1 44  ? 7.334   -5.165  -0.690  1.00 24.73 ? 53  GLN A CG  1 
ATOM   350  C CD  . GLN A 1 44  ? 6.319   -5.623  -1.700  1.00 26.80 ? 53  GLN A CD  1 
ATOM   351  O OE1 . GLN A 1 44  ? 5.115   -5.401  -1.539  1.00 26.84 ? 53  GLN A OE1 1 
ATOM   352  N NE2 . GLN A 1 44  ? 6.802   -6.239  -2.777  1.00 26.85 ? 53  GLN A NE2 1 
ATOM   353  N N   . GLU A 1 45  ? 7.862   -5.212  3.407   1.00 13.66 ? 54  GLU A N   1 
ATOM   354  C CA  . GLU A 1 45  ? 8.289   -6.316  4.235   1.00 14.75 ? 54  GLU A CA  1 
ATOM   355  C C   . GLU A 1 45  ? 7.737   -7.585  3.606   1.00 16.09 ? 54  GLU A C   1 
ATOM   356  O O   . GLU A 1 45  ? 6.692   -7.574  2.965   1.00 14.31 ? 54  GLU A O   1 
ATOM   357  C CB  . GLU A 1 45  ? 7.729   -6.163  5.636   1.00 14.19 ? 54  GLU A CB  1 
ATOM   358  C CG  . GLU A 1 45  ? 8.057   -7.310  6.542   1.00 17.64 ? 54  GLU A CG  1 
ATOM   359  C CD  . GLU A 1 45  ? 7.373   -7.198  7.885   1.00 23.68 ? 54  GLU A CD  1 
ATOM   360  O OE1 . GLU A 1 45  ? 6.765   -6.146  8.169   1.00 23.04 ? 54  GLU A OE1 1 
ATOM   361  O OE2 . GLU A 1 45  ? 7.429   -8.175  8.661   1.00 24.47 ? 54  GLU A OE2 1 
ATOM   362  N N   . SER A 1 46  ? 8.448   -8.679  3.789   1.00 17.77 ? 55  SER A N   1 
ATOM   363  C CA  . SER A 1 46  ? 8.018   -9.939  3.254   1.00 17.95 ? 55  SER A CA  1 
ATOM   364  C C   . SER A 1 46  ? 8.437   -11.035 4.227   1.00 20.11 ? 55  SER A C   1 
ATOM   365  O O   . SER A 1 46  ? 9.406   -10.896 4.976   1.00 19.32 ? 55  SER A O   1 
ATOM   366  C CB  . SER A 1 46  ? 8.668   -10.151 1.890   1.00 20.88 ? 55  SER A CB  1 
ATOM   367  O OG  . SER A 1 46  ? 8.352   -11.428 1.362   1.00 23.37 ? 55  SER A OG  1 
ATOM   368  N N   . ARG A 1 47  ? 7.672   -12.113 4.226   1.00 21.75 ? 56  ARG A N   1 
ATOM   369  C CA  . ARG A 1 47  ? 7.942   -13.271 5.060   1.00 24.19 ? 56  ARG A CA  1 
ATOM   370  C C   . ARG A 1 47  ? 7.891   -14.514 4.169   1.00 25.28 ? 56  ARG A C   1 
ATOM   371  O O   . ARG A 1 47  ? 7.652   -15.623 4.654   1.00 25.72 ? 56  ARG A O   1 
ATOM   372  C CB  . ARG A 1 47  ? 6.910   -13.378 6.183   1.00 24.67 ? 56  ARG A CB  1 
ATOM   373  C CG  . ARG A 1 47  ? 7.114   -12.383 7.271   1.00 28.33 ? 56  ARG A CG  1 
ATOM   374  C CD  . ARG A 1 47  ? 8.403   -12.710 7.998   1.00 38.01 ? 56  ARG A CD  1 
ATOM   375  N NE  . ARG A 1 47  ? 8.773   -11.682 8.965   1.00 42.55 ? 56  ARG A NE  1 
ATOM   376  C CZ  . ARG A 1 47  ? 9.501   -10.603 8.683   1.00 44.48 ? 56  ARG A CZ  1 
ATOM   377  N NH1 . ARG A 1 47  ? 9.949   -10.391 7.448   1.00 42.73 ? 56  ARG A NH1 1 
ATOM   378  N NH2 . ARG A 1 47  ? 9.793   -9.739  9.651   1.00 44.29 ? 56  ARG A NH2 1 
ATOM   379  N N   . LYS A 1 48  ? 8.079   -14.315 2.862   1.00 25.16 ? 57  LYS A N   1 
ATOM   380  C CA  . LYS A 1 48  ? 8.074   -15.418 1.900   1.00 26.23 ? 57  LYS A CA  1 
ATOM   381  C C   . LYS A 1 48  ? 9.246   -16.354 2.161   1.00 29.28 ? 57  LYS A C   1 
ATOM   382  O O   . LYS A 1 48  ? 10.323  -15.920 2.594   1.00 27.54 ? 57  LYS A O   1 
ATOM   383  C CB  . LYS A 1 48  ? 8.139   -14.907 0.457   1.00 21.22 ? 57  LYS A CB  1 
ATOM   384  C CG  . LYS A 1 48  ? 6.810   -14.448 -0.071  1.00 22.06 ? 57  LYS A CG  1 
ATOM   385  C CD  . LYS A 1 48  ? 6.896   -14.065 -1.523  1.00 23.88 ? 57  LYS A CD  1 
ATOM   386  C CE  . LYS A 1 48  ? 5.542   -13.641 -2.058  1.00 23.55 ? 57  LYS A CE  1 
ATOM   387  N NZ  . LYS A 1 48  ? 5.167   -12.266 -1.624  1.00 24.00 ? 57  LYS A NZ  1 
ATOM   388  N N   . VAL A 1 49  ? 9.010   -17.639 1.910   1.00 31.92 ? 58  VAL A N   1 
ATOM   389  C CA  . VAL A 1 49  ? 10.008  -18.692 2.086   1.00 36.03 ? 58  VAL A CA  1 
ATOM   390  C C   . VAL A 1 49  ? 11.341  -18.314 1.425   1.00 38.62 ? 58  VAL A C   1 
ATOM   391  O O   . VAL A 1 49  ? 12.388  -18.300 2.077   1.00 39.17 ? 58  VAL A O   1 
ATOM   392  C CB  . VAL A 1 49  ? 9.501   -20.037 1.481   1.00 37.13 ? 58  VAL A CB  1 
ATOM   393  C CG1 . VAL A 1 49  ? 10.582  -21.106 1.528   1.00 40.11 ? 58  VAL A CG1 1 
ATOM   394  C CG2 . VAL A 1 49  ? 8.286   -20.517 2.226   1.00 37.36 ? 58  VAL A CG2 1 
ATOM   395  N N   . MET A 1 50  ? 11.277  -17.935 0.153   1.00 40.25 ? 59  MET A N   1 
ATOM   396  C CA  . MET A 1 50  ? 12.467  -17.577 -0.612  1.00 42.80 ? 59  MET A CA  1 
ATOM   397  C C   . MET A 1 50  ? 12.521  -16.066 -0.904  1.00 43.26 ? 59  MET A C   1 
ATOM   398  O O   . MET A 1 50  ? 12.588  -15.664 -2.063  1.00 48.40 ? 59  MET A O   1 
ATOM   399  C CB  . MET A 1 50  ? 12.437  -18.375 -1.928  1.00 44.97 ? 59  MET A CB  1 
ATOM   400  C CG  . MET A 1 50  ? 13.775  -18.609 -2.631  1.00 46.30 ? 59  MET A CG  1 
ATOM   401  S SD  . MET A 1 50  ? 14.869  -19.727 -1.767  1.00 46.87 ? 59  MET A SD  1 
ATOM   402  C CE  . MET A 1 50  ? 15.992  -18.559 -1.152  1.00 44.61 ? 59  MET A CE  1 
ATOM   403  N N   . ARG A 1 51  ? 12.513  -15.229 0.127   1.00 41.49 ? 60  ARG A N   1 
ATOM   404  C CA  . ARG A 1 51  ? 12.539  -13.780 -0.094  1.00 40.92 ? 60  ARG A CA  1 
ATOM   405  C C   . ARG A 1 51  ? 13.945  -13.263 -0.373  1.00 40.48 ? 60  ARG A C   1 
ATOM   406  O O   . ARG A 1 51  ? 14.944  -13.936 -0.101  1.00 39.80 ? 60  ARG A O   1 
ATOM   407  C CB  . ARG A 1 51  ? 11.902  -13.023 1.085   1.00 40.62 ? 60  ARG A CB  1 
ATOM   408  C CG  . ARG A 1 51  ? 12.809  -12.852 2.279   1.00 42.42 ? 60  ARG A CG  1 
ATOM   409  C CD  . ARG A 1 51  ? 12.051  -12.492 3.542   1.00 44.70 ? 60  ARG A CD  1 
ATOM   410  N NE  . ARG A 1 51  ? 11.495  -13.665 4.213   1.00 48.40 ? 60  ARG A NE  1 
ATOM   411  C CZ  . ARG A 1 51  ? 11.662  -13.937 5.507   1.00 50.26 ? 60  ARG A CZ  1 
ATOM   412  N NH1 . ARG A 1 51  ? 12.376  -13.120 6.281   1.00 50.65 ? 60  ARG A NH1 1 
ATOM   413  N NH2 . ARG A 1 51  ? 11.098  -15.019 6.031   1.00 50.06 ? 60  ARG A NH2 1 
ATOM   414  N N   . SER A 1 52  ? 14.008  -12.041 -0.880  1.00 40.90 ? 61  SER A N   1 
ATOM   415  C CA  . SER A 1 52  ? 15.266  -11.409 -1.220  1.00 41.42 ? 61  SER A CA  1 
ATOM   416  C C   . SER A 1 52  ? 15.091  -9.902  -1.252  1.00 43.44 ? 61  SER A C   1 
ATOM   417  O O   . SER A 1 52  ? 14.002  -9.408  -1.516  1.00 43.25 ? 61  SER A O   1 
ATOM   418  C CB  . SER A 1 52  ? 15.701  -11.889 -2.603  1.00 44.47 ? 61  SER A CB  1 
ATOM   419  O OG  . SER A 1 52  ? 14.699  -11.626 -3.582  1.00 47.05 ? 61  SER A OG  1 
ATOM   420  N N   . PRO A 1 53  ? 16.171  -9.148  -1.017  1.00 47.04 ? 62  PRO A N   1 
ATOM   421  C CA  . PRO A 1 53  ? 16.136  -7.683  -1.026  1.00 48.15 ? 62  PRO A CA  1 
ATOM   422  C C   . PRO A 1 53  ? 15.480  -7.092  -2.270  1.00 47.48 ? 62  PRO A C   1 
ATOM   423  O O   . PRO A 1 53  ? 14.681  -6.174  -2.158  1.00 48.84 ? 62  PRO A O   1 
ATOM   424  C CB  . PRO A 1 53  ? 17.608  -7.318  -0.926  1.00 49.81 ? 62  PRO A CB  1 
ATOM   425  C CG  . PRO A 1 53  ? 18.099  -8.346  0.038   1.00 50.45 ? 62  PRO A CG  1 
ATOM   426  C CD  . PRO A 1 53  ? 17.476  -9.624  -0.529  1.00 49.26 ? 62  PRO A CD  1 
ATOM   427  N N   . GLU A 1 54  ? 15.793  -7.606  -3.451  1.00 45.26 ? 63  GLU A N   1 
ATOM   428  C CA  . GLU A 1 54  ? 15.147  -7.065  -4.633  1.00 43.77 ? 63  GLU A CA  1 
ATOM   429  C C   . GLU A 1 54  ? 13.683  -7.459  -4.686  1.00 39.51 ? 63  GLU A C   1 
ATOM   430  O O   . GLU A 1 54  ? 12.877  -6.730  -5.247  1.00 39.42 ? 63  GLU A O   1 
ATOM   431  C CB  . GLU A 1 54  ? 15.856  -7.471  -5.925  1.00 48.86 ? 63  GLU A CB  1 
ATOM   432  C CG  . GLU A 1 54  ? 15.143  -6.992  -7.219  1.00 57.76 ? 63  GLU A CG  1 
ATOM   433  C CD  . GLU A 1 54  ? 14.806  -5.478  -7.254  1.00 60.99 ? 63  GLU A CD  1 
ATOM   434  O OE1 . GLU A 1 54  ? 15.729  -4.639  -7.109  1.00 60.90 ? 63  GLU A OE1 1 
ATOM   435  O OE2 . GLU A 1 54  ? 13.612  -5.132  -7.455  1.00 58.89 ? 63  GLU A OE2 1 
ATOM   436  N N   . SER A 1 55  ? 13.314  -8.598  -4.114  1.00 35.78 ? 64  SER A N   1 
ATOM   437  C CA  . SER A 1 55  ? 11.903  -8.962  -4.156  1.00 33.31 ? 64  SER A CA  1 
ATOM   438  C C   . SER A 1 55  ? 11.096  -8.016  -3.260  1.00 30.80 ? 64  SER A C   1 
ATOM   439  O O   . SER A 1 55  ? 9.906   -7.795  -3.480  1.00 31.77 ? 64  SER A O   1 
ATOM   440  C CB  . SER A 1 55  ? 11.664  -10.434 -3.770  1.00 35.70 ? 64  SER A CB  1 
ATOM   441  O OG  . SER A 1 55  ? 12.056  -10.732 -2.442  1.00 33.86 ? 64  SER A OG  1 
ATOM   442  N N   . GLN A 1 56  ? 11.768  -7.386  -2.305  1.00 27.44 ? 65  GLN A N   1 
ATOM   443  C CA  . GLN A 1 56  ? 11.086  -6.481  -1.399  1.00 25.13 ? 65  GLN A CA  1 
ATOM   444  C C   . GLN A 1 56  ? 10.974  -5.012  -1.836  1.00 23.15 ? 65  GLN A C   1 
ATOM   445  O O   . GLN A 1 56  ? 10.606  -4.135  -1.054  1.00 22.05 ? 65  GLN A O   1 
ATOM   446  C CB  . GLN A 1 56  ? 11.657  -6.640  0.004   1.00 27.45 ? 65  GLN A CB  1 
ATOM   447  C CG  . GLN A 1 56  ? 11.473  -8.055  0.530   1.00 26.57 ? 65  GLN A CG  1 
ATOM   448  C CD  . GLN A 1 56  ? 11.933  -8.211  1.946   1.00 26.11 ? 65  GLN A CD  1 
ATOM   449  O OE1 . GLN A 1 56  ? 12.989  -8.798  2.213   1.00 29.50 ? 65  GLN A OE1 1 
ATOM   450  N NE2 . GLN A 1 56  ? 11.154  -7.692  2.873   1.00 21.02 ? 65  GLN A NE2 1 
ATOM   451  N N   . LEU A 1 57  ? 11.299  -4.739  -3.089  1.00 20.75 ? 66  LEU A N   1 
ATOM   452  C CA  . LEU A 1 57  ? 11.155  -3.399  -3.623  1.00 21.74 ? 66  LEU A CA  1 
ATOM   453  C C   . LEU A 1 57  ? 10.231  -3.561  -4.820  1.00 22.67 ? 66  LEU A C   1 
ATOM   454  O O   . LEU A 1 57  ? 10.208  -4.618  -5.466  1.00 24.82 ? 66  LEU A O   1 
ATOM   455  C CB  . LEU A 1 57  ? 12.476  -2.830  -4.147  1.00 21.90 ? 66  LEU A CB  1 
ATOM   456  C CG  . LEU A 1 57  ? 13.600  -2.302  -3.267  1.00 24.95 ? 66  LEU A CG  1 
ATOM   457  C CD1 . LEU A 1 57  ? 13.114  -1.231  -2.309  1.00 22.40 ? 66  LEU A CD1 1 
ATOM   458  C CD2 . LEU A 1 57  ? 14.199  -3.446  -2.533  1.00 30.72 ? 66  LEU A CD2 1 
ATOM   459  N N   . PHE A 1 58  ? 9.387   -2.571  -5.047  1.00 20.40 ? 67  PHE A N   1 
ATOM   460  C CA  . PHE A 1 58  ? 8.544   -2.590  -6.225  1.00 20.42 ? 67  PHE A CA  1 
ATOM   461  C C   . PHE A 1 58  ? 8.478   -1.151  -6.718  1.00 21.29 ? 67  PHE A C   1 
ATOM   462  O O   . PHE A 1 58  ? 8.632   -0.213  -5.935  1.00 21.24 ? 67  PHE A O   1 
ATOM   463  C CB  . PHE A 1 58  ? 7.178   -3.292  -6.021  1.00 19.57 ? 67  PHE A CB  1 
ATOM   464  C CG  . PHE A 1 58  ? 6.185   -2.555  -5.163  1.00 19.64 ? 67  PHE A CG  1 
ATOM   465  C CD1 . PHE A 1 58  ? 5.428   -1.506  -5.684  1.00 18.94 ? 67  PHE A CD1 1 
ATOM   466  C CD2 . PHE A 1 58  ? 5.941   -2.963  -3.859  1.00 19.86 ? 67  PHE A CD2 1 
ATOM   467  C CE1 . PHE A 1 58  ? 4.448   -0.883  -4.920  1.00 16.19 ? 67  PHE A CE1 1 
ATOM   468  C CE2 . PHE A 1 58  ? 4.955   -2.342  -3.083  1.00 18.22 ? 67  PHE A CE2 1 
ATOM   469  C CZ  . PHE A 1 58  ? 4.212   -1.300  -3.623  1.00 14.63 ? 67  PHE A CZ  1 
ATOM   470  N N   . SER A 1 59  ? 8.416   -0.982  -8.030  1.00 20.19 ? 68  SER A N   1 
ATOM   471  C CA  . SER A 1 59  ? 8.390   0.338   -8.615  1.00 19.75 ? 68  SER A CA  1 
ATOM   472  C C   . SER A 1 59  ? 7.025   0.968   -8.663  1.00 20.16 ? 68  SER A C   1 
ATOM   473  O O   . SER A 1 59  ? 6.017   0.301   -8.915  1.00 20.54 ? 68  SER A O   1 
ATOM   474  C CB  . SER A 1 59  ? 8.961   0.299   -10.033 1.00 23.13 ? 68  SER A CB  1 
ATOM   475  O OG  . SER A 1 59  ? 8.781   1.548   -10.695 1.00 25.20 ? 68  SER A OG  1 
ATOM   476  N N   . ILE A 1 60  ? 7.014   2.281   -8.481  1.00 19.84 ? 69  ILE A N   1 
ATOM   477  C CA  . ILE A 1 60  ? 5.798   3.059   -8.560  1.00 21.94 ? 69  ILE A CA  1 
ATOM   478  C C   . ILE A 1 60  ? 5.341   2.975   -10.025 1.00 24.63 ? 69  ILE A C   1 
ATOM   479  O O   . ILE A 1 60  ? 4.156   3.109   -10.317 1.00 20.63 ? 69  ILE A O   1 
ATOM   480  C CB  . ILE A 1 60  ? 6.076   4.513   -8.190  1.00 26.49 ? 69  ILE A CB  1 
ATOM   481  C CG1 . ILE A 1 60  ? 6.302   4.625   -6.682  1.00 28.90 ? 69  ILE A CG1 1 
ATOM   482  C CG2 . ILE A 1 60  ? 4.938   5.412   -8.659  1.00 29.86 ? 69  ILE A CG2 1 
ATOM   483  C CD1 . ILE A 1 60  ? 5.077   4.339   -5.870  1.00 31.02 ? 69  ILE A CD1 1 
ATOM   484  N N   . GLU A 1 61  ? 6.301   2.742   -10.929 1.00 25.09 ? 70  GLU A N   1 
ATOM   485  C CA  . GLU A 1 61  ? 6.027   2.597   -12.360 1.00 27.71 ? 70  GLU A CA  1 
ATOM   486  C C   . GLU A 1 61  ? 5.182   1.372   -12.665 1.00 23.72 ? 70  GLU A C   1 
ATOM   487  O O   . GLU A 1 61  ? 4.670   1.238   -13.773 1.00 23.33 ? 70  GLU A O   1 
ATOM   488  C CB  . GLU A 1 61  ? 7.319   2.491   -13.181 1.00 32.92 ? 70  GLU A CB  1 
ATOM   489  C CG  . GLU A 1 61  ? 7.944   3.822   -13.523 1.00 44.15 ? 70  GLU A CG  1 
ATOM   490  C CD  . GLU A 1 61  ? 8.928   3.732   -14.683 1.00 51.56 ? 70  GLU A CD  1 
ATOM   491  O OE1 . GLU A 1 61  ? 8.474   3.585   -15.847 1.00 56.77 ? 70  GLU A OE1 1 
ATOM   492  O OE2 . GLU A 1 61  ? 10.152  3.830   -14.438 1.00 55.21 ? 70  GLU A OE2 1 
ATOM   493  N N   . ASP A 1 62  ? 5.073   0.460   -11.706 1.00 20.19 ? 71  ASP A N   1 
ATOM   494  C CA  . ASP A 1 62  ? 4.290   -0.746  -11.913 1.00 18.18 ? 71  ASP A CA  1 
ATOM   495  C C   . ASP A 1 62  ? 2.873   -0.598  -11.378 1.00 16.67 ? 71  ASP A C   1 
ATOM   496  O O   . ASP A 1 62  ? 2.118   -1.562  -11.343 1.00 15.68 ? 71  ASP A O   1 
ATOM   497  C CB  . ASP A 1 62  ? 4.962   -1.952  -11.261 1.00 19.87 ? 71  ASP A CB  1 
ATOM   498  C CG  . ASP A 1 62  ? 4.331   -3.261  -11.688 1.00 23.93 ? 71  ASP A CG  1 
ATOM   499  O OD1 . ASP A 1 62  ? 3.961   -3.377  -12.877 1.00 28.07 ? 71  ASP A OD1 1 
ATOM   500  O OD2 . ASP A 1 62  ? 4.191   -4.177  -10.856 1.00 21.29 ? 71  ASP A OD2 1 
ATOM   501  N N   . ILE A 1 63  ? 2.511   0.610   -10.977 1.00 14.45 ? 72  ILE A N   1 
ATOM   502  C CA  . ILE A 1 63  ? 1.186   0.849   -10.431 1.00 17.50 ? 72  ILE A CA  1 
ATOM   503  C C   . ILE A 1 63  ? 0.228   1.502   -11.417 1.00 16.97 ? 72  ILE A C   1 
ATOM   504  O O   . ILE A 1 63  ? 0.519   2.557   -11.969 1.00 18.38 ? 72  ILE A O   1 
ATOM   505  C CB  . ILE A 1 63  ? 1.256   1.731   -9.182  1.00 16.28 ? 72  ILE A CB  1 
ATOM   506  C CG1 . ILE A 1 63  ? 2.182   1.089   -8.133  1.00 19.33 ? 72  ILE A CG1 1 
ATOM   507  C CG2 . ILE A 1 63  ? -0.129  1.900   -8.613  1.00 16.65 ? 72  ILE A CG2 1 
ATOM   508  C CD1 . ILE A 1 63  ? 2.420   1.959   -6.926  1.00 17.60 ? 72  ILE A CD1 1 
ATOM   509  N N   . GLN A 1 64  ? -0.935  0.881   -11.575 1.00 17.21 ? 73  GLN A N   1 
ATOM   510  C CA  . GLN A 1 64  ? -2.006  1.365   -12.452 1.00 17.47 ? 73  GLN A CA  1 
ATOM   511  C C   . GLN A 1 64  ? -2.888  2.377   -11.744 1.00 18.02 ? 73  GLN A C   1 
ATOM   512  O O   . GLN A 1 64  ? -3.324  3.359   -12.336 1.00 21.90 ? 73  GLN A O   1 
ATOM   513  C CB  . GLN A 1 64  ? -2.949  0.238   -12.827 1.00 16.81 ? 73  GLN A CB  1 
ATOM   514  C CG  . GLN A 1 64  ? -2.468  -0.765  -13.788 1.00 19.35 ? 73  GLN A CG  1 
ATOM   515  C CD  . GLN A 1 64  ? -3.652  -1.423  -14.425 1.00 16.38 ? 73  GLN A CD  1 
ATOM   516  O OE1 . GLN A 1 64  ? -4.479  -0.741  -15.011 1.00 19.31 ? 73  GLN A OE1 1 
ATOM   517  N NE2 . GLN A 1 64  ? -3.784  -2.722  -14.262 1.00 14.80 ? 73  GLN A NE2 1 
ATOM   518  N N   . GLU A 1 65  ? -3.245  2.079   -10.499 1.00 19.03 ? 74  GLU A N   1 
ATOM   519  C CA  . GLU A 1 65  ? -4.115  2.962   -9.737  1.00 18.84 ? 74  GLU A CA  1 
ATOM   520  C C   . GLU A 1 65  ? -4.094  2.542   -8.281  1.00 17.60 ? 74  GLU A C   1 
ATOM   521  O O   . GLU A 1 65  ? -3.633  1.455   -7.936  1.00 14.85 ? 74  GLU A O   1 
ATOM   522  C CB  . GLU A 1 65  ? -5.560  2.860   -10.254 1.00 23.76 ? 74  GLU A CB  1 
ATOM   523  C CG  . GLU A 1 65  ? -6.199  1.501   -9.950  1.00 30.13 ? 74  GLU A CG  1 
ATOM   524  C CD  . GLU A 1 65  ? -7.658  1.349   -10.413 1.00 36.03 ? 74  GLU A CD  1 
ATOM   525  O OE1 . GLU A 1 65  ? -8.504  2.226   -10.115 1.00 38.93 ? 74  GLU A OE1 1 
ATOM   526  O OE2 . GLU A 1 65  ? -7.960  0.308   -11.044 1.00 40.45 ? 74  GLU A OE2 1 
ATOM   527  N N   . VAL A 1 66  ? -4.613  3.423   -7.436  1.00 17.04 ? 75  VAL A N   1 
ATOM   528  C CA  . VAL A 1 66  ? -4.707  3.190   -6.010  1.00 14.31 ? 75  VAL A CA  1 
ATOM   529  C C   . VAL A 1 66  ? -6.157  3.529   -5.719  1.00 15.64 ? 75  VAL A C   1 
ATOM   530  O O   . VAL A 1 66  ? -6.616  4.620   -6.054  1.00 19.00 ? 75  VAL A O   1 
ATOM   531  C CB  . VAL A 1 66  ? -3.770  4.148   -5.224  1.00 16.94 ? 75  VAL A CB  1 
ATOM   532  C CG1 . VAL A 1 66  ? -3.904  3.896   -3.713  1.00 15.91 ? 75  VAL A CG1 1 
ATOM   533  C CG2 . VAL A 1 66  ? -2.313  3.953   -5.677  1.00 12.36 ? 75  VAL A CG2 1 
ATOM   534  N N   . ARG A 1 67  ? -6.893  2.559   -5.196  1.00 17.95 ? 76  ARG A N   1 
ATOM   535  C CA  . ARG A 1 67  ? -8.306  2.721   -4.859  1.00 20.07 ? 76  ARG A CA  1 
ATOM   536  C C   . ARG A 1 67  ? -8.508  2.922   -3.356  1.00 19.87 ? 76  ARG A C   1 
ATOM   537  O O   . ARG A 1 67  ? -7.847  2.281   -2.555  1.00 18.86 ? 76  ARG A O   1 
ATOM   538  C CB  . ARG A 1 67  ? -9.083  1.462   -5.267  1.00 21.56 ? 76  ARG A CB  1 
ATOM   539  C CG  . ARG A 1 67  ? -8.819  1.004   -6.682  1.00 24.11 ? 76  ARG A CG  1 
ATOM   540  C CD  . ARG A 1 67  ? -9.670  -0.184  -7.046  1.00 26.19 ? 76  ARG A CD  1 
ATOM   541  N NE  . ARG A 1 67  ? -9.344  -0.632  -8.393  1.00 31.76 ? 76  ARG A NE  1 
ATOM   542  C CZ  . ARG A 1 67  ? -9.794  -1.756  -8.936  1.00 35.93 ? 76  ARG A CZ  1 
ATOM   543  N NH1 . ARG A 1 67  ? -10.598 -2.550  -8.246  1.00 37.82 ? 76  ARG A NH1 1 
ATOM   544  N NH2 . ARG A 1 67  ? -9.418  -2.104  -10.165 1.00 39.01 ? 76  ARG A NH2 1 
ATOM   545  N N   . MET A 1 68  ? -9.459  3.773   -2.991  1.00 20.76 ? 77  MET A N   1 
ATOM   546  C CA  . MET A 1 68  ? -9.789  4.038   -1.598  1.00 20.15 ? 77  MET A CA  1 
ATOM   547  C C   . MET A 1 68  ? -11.101 3.307   -1.316  1.00 20.67 ? 77  MET A C   1 
ATOM   548  O O   . MET A 1 68  ? -11.996 3.279   -2.157  1.00 22.49 ? 77  MET A O   1 
ATOM   549  C CB  . MET A 1 68  ? -9.971  5.543   -1.395  1.00 23.85 ? 77  MET A CB  1 
ATOM   550  C CG  . MET A 1 68  ? -10.402 5.990   0.022   1.00 30.03 ? 77  MET A CG  1 
ATOM   551  S SD  . MET A 1 68  ? -9.121  6.212   1.300   1.00 26.44 ? 77  MET A SD  1 
ATOM   552  C CE  . MET A 1 68  ? -9.352  4.843   2.178   1.00 17.96 ? 77  MET A CE  1 
ATOM   553  N N   . GLY A 1 69  ? -11.201 2.688   -0.151  1.00 17.86 ? 78  GLY A N   1 
ATOM   554  C CA  . GLY A 1 69  ? -12.407 1.983   0.208   1.00 16.48 ? 78  GLY A CA  1 
ATOM   555  C C   . GLY A 1 69  ? -12.402 0.547   -0.239  1.00 18.46 ? 78  GLY A C   1 
ATOM   556  O O   . GLY A 1 69  ? -11.396 0.034   -0.737  1.00 18.67 ? 78  GLY A O   1 
ATOM   557  N N   . HIS A 1 70  ? -13.540 -0.113  -0.062  1.00 20.81 ? 79  HIS A N   1 
ATOM   558  C CA  . HIS A 1 70  ? -13.686 -1.519  -0.431  1.00 21.84 ? 79  HIS A CA  1 
ATOM   559  C C   . HIS A 1 70  ? -13.958 -1.606  -1.936  1.00 23.64 ? 79  HIS A C   1 
ATOM   560  O O   . HIS A 1 70  ? -15.078 -1.866  -2.356  1.00 25.16 ? 79  HIS A O   1 
ATOM   561  C CB  . HIS A 1 70  ? -14.838 -2.157  0.357   1.00 23.26 ? 79  HIS A CB  1 
ATOM   562  C CG  . HIS A 1 70  ? -14.676 -2.095  1.851   1.00 24.61 ? 79  HIS A CG  1 
ATOM   563  N ND1 . HIS A 1 70  ? -14.827 -0.926  2.569   1.00 23.40 ? 79  HIS A ND1 1 
ATOM   564  C CD2 . HIS A 1 70  ? -14.448 -3.069  2.765   1.00 24.90 ? 79  HIS A CD2 1 
ATOM   565  C CE1 . HIS A 1 70  ? -14.708 -1.186  3.859   1.00 24.17 ? 79  HIS A CE1 1 
ATOM   566  N NE2 . HIS A 1 70  ? -14.478 -2.478  4.008   1.00 21.11 ? 79  HIS A NE2 1 
ATOM   567  N N   . ARG A 1 71  ? -12.923 -1.409  -2.744  1.00 23.61 ? 80  ARG A N   1 
ATOM   568  C CA  . ARG A 1 71  ? -13.090 -1.416  -4.183  1.00 24.21 ? 80  ARG A CA  1 
ATOM   569  C C   . ARG A 1 71  ? -12.497 -2.605  -4.888  1.00 24.44 ? 80  ARG A C   1 
ATOM   570  O O   . ARG A 1 71  ? -12.283 -2.553  -6.098  1.00 25.57 ? 80  ARG A O   1 
ATOM   571  C CB  . ARG A 1 71  ? -12.522 -0.139  -4.801  1.00 29.82 ? 80  ARG A CB  1 
ATOM   572  C CG  . ARG A 1 71  ? -13.085 1.141   -4.230  1.00 33.86 ? 80  ARG A CG  1 
ATOM   573  C CD  . ARG A 1 71  ? -14.531 1.310   -4.602  1.00 38.67 ? 80  ARG A CD  1 
ATOM   574  N NE  . ARG A 1 71  ? -15.113 2.440   -3.889  1.00 47.19 ? 80  ARG A NE  1 
ATOM   575  C CZ  . ARG A 1 71  ? -15.824 2.336   -2.769  1.00 47.98 ? 80  ARG A CZ  1 
ATOM   576  N NH1 . ARG A 1 71  ? -16.053 1.148   -2.217  1.00 46.61 ? 80  ARG A NH1 1 
ATOM   577  N NH2 . ARG A 1 71  ? -16.306 3.433   -2.199  1.00 51.33 ? 80  ARG A NH2 1 
ATOM   578  N N   . THR A 1 72  ? -12.211 -3.667  -4.147  1.00 23.54 ? 81  THR A N   1 
ATOM   579  C CA  . THR A 1 72  ? -11.681 -4.881  -4.742  1.00 22.16 ? 81  THR A CA  1 
ATOM   580  C C   . THR A 1 72  ? -12.434 -6.068  -4.118  1.00 24.21 ? 81  THR A C   1 
ATOM   581  O O   . THR A 1 72  ? -13.053 -5.937  -3.052  1.00 21.43 ? 81  THR A O   1 
ATOM   582  C CB  . THR A 1 72  ? -10.179 -5.014  -4.485  1.00 20.82 ? 81  THR A CB  1 
ATOM   583  O OG1 . THR A 1 72  ? -9.935  -4.794  -3.095  1.00 27.03 ? 81  THR A OG1 1 
ATOM   584  C CG2 . THR A 1 72  ? -9.380  -4.025  -5.308  1.00 18.04 ? 81  THR A CG2 1 
ATOM   585  N N   . GLU A 1 73  ? -12.402 -7.216  -4.789  1.00 26.10 ? 82  GLU A N   1 
ATOM   586  C CA  . GLU A 1 73  ? -13.067 -8.405  -4.284  1.00 29.49 ? 82  GLU A CA  1 
ATOM   587  C C   . GLU A 1 73  ? -12.508 -8.805  -2.940  1.00 27.21 ? 82  GLU A C   1 
ATOM   588  O O   . GLU A 1 73  ? -13.261 -9.074  -2.002  1.00 26.90 ? 82  GLU A O   1 
ATOM   589  C CB  . GLU A 1 73  ? -12.932 -9.572  -5.262  1.00 35.83 ? 82  GLU A CB  1 
ATOM   590  C CG  . GLU A 1 73  ? -14.202 -9.833  -6.050  1.00 49.67 ? 82  GLU A CG  1 
ATOM   591  C CD  . GLU A 1 73  ? -15.461 -9.705  -5.187  1.00 57.24 ? 82  GLU A CD  1 
ATOM   592  O OE1 . GLU A 1 73  ? -15.652 -10.548 -4.280  1.00 59.05 ? 82  GLU A OE1 1 
ATOM   593  O OE2 . GLU A 1 73  ? -16.254 -8.756  -5.407  1.00 60.49 ? 82  GLU A OE2 1 
ATOM   594  N N   . GLY A 1 74  ? -11.186 -8.793  -2.832  1.00 24.08 ? 83  GLY A N   1 
ATOM   595  C CA  . GLY A 1 74  ? -10.557 -9.161  -1.583  1.00 23.87 ? 83  GLY A CA  1 
ATOM   596  C C   . GLY A 1 74  ? -10.968 -8.251  -0.438  1.00 24.66 ? 83  GLY A C   1 
ATOM   597  O O   . GLY A 1 74  ? -11.175 -8.703  0.694   1.00 26.08 ? 83  GLY A O   1 
ATOM   598  N N   . LEU A 1 75  ? -11.115 -6.965  -0.725  1.00 23.01 ? 84  LEU A N   1 
ATOM   599  C CA  . LEU A 1 75  ? -11.489 -6.019  0.307   1.00 23.84 ? 84  LEU A CA  1 
ATOM   600  C C   . LEU A 1 75  ? -12.997 -6.078  0.574   1.00 27.38 ? 84  LEU A C   1 
ATOM   601  O O   . LEU A 1 75  ? -13.446 -5.934  1.720   1.00 25.97 ? 84  LEU A O   1 
ATOM   602  C CB  . LEU A 1 75  ? -11.029 -4.624  -0.097  1.00 21.23 ? 84  LEU A CB  1 
ATOM   603  C CG  . LEU A 1 75  ? -10.154 -3.826  0.866   1.00 21.11 ? 84  LEU A CG  1 
ATOM   604  C CD1 . LEU A 1 75  ? -9.152  -4.662  1.646   1.00 18.70 ? 84  LEU A CD1 1 
ATOM   605  C CD2 . LEU A 1 75  ? -9.478  -2.754  0.078   1.00 20.49 ? 84  LEU A CD2 1 
ATOM   606  N N   . GLU A 1 76  ? -13.763 -6.368  -0.475  1.00 28.74 ? 85  GLU A N   1 
ATOM   607  C CA  . GLU A 1 76  ? -15.216 -6.465  -0.368  1.00 30.74 ? 85  GLU A CA  1 
ATOM   608  C C   . GLU A 1 76  ? -15.636 -7.699  0.421   1.00 29.74 ? 85  GLU A C   1 
ATOM   609  O O   . GLU A 1 76  ? -16.617 -7.664  1.149   1.00 31.32 ? 85  GLU A O   1 
ATOM   610  C CB  . GLU A 1 76  ? -15.852 -6.448  -1.761  1.00 29.17 ? 85  GLU A CB  1 
ATOM   611  C CG  . GLU A 1 76  ? -15.721 -5.083  -2.437  1.00 37.89 ? 85  GLU A CG  1 
ATOM   612  C CD  . GLU A 1 76  ? -15.870 -5.104  -3.964  1.00 43.87 ? 85  GLU A CD  1 
ATOM   613  O OE1 . GLU A 1 76  ? -15.836 -6.196  -4.573  1.00 46.60 ? 85  GLU A OE1 1 
ATOM   614  O OE2 . GLU A 1 76  ? -15.998 -4.008  -4.561  1.00 44.15 ? 85  GLU A OE2 1 
ATOM   615  N N   . LYS A 1 77  ? -14.857 -8.768  0.308   1.00 29.46 ? 86  LYS A N   1 
ATOM   616  C CA  . LYS A 1 77  ? -15.135 -10.011 1.010   1.00 30.37 ? 86  LYS A CA  1 
ATOM   617  C C   . LYS A 1 77  ? -14.445 -10.133 2.356   1.00 31.10 ? 86  LYS A C   1 
ATOM   618  O O   . LYS A 1 77  ? -15.055 -10.583 3.317   1.00 33.18 ? 86  LYS A O   1 
ATOM   619  C CB  . LYS A 1 77  ? -14.654 -11.205 0.199   1.00 34.66 ? 86  LYS A CB  1 
ATOM   620  C CG  . LYS A 1 77  ? -15.333 -11.429 -1.111  1.00 43.07 ? 86  LYS A CG  1 
ATOM   621  C CD  . LYS A 1 77  ? -14.938 -12.801 -1.670  1.00 51.67 ? 86  LYS A CD  1 
ATOM   622  C CE  . LYS A 1 77  ? -13.463 -12.887 -2.121  1.00 57.11 ? 86  LYS A CE  1 
ATOM   623  N NZ  . LYS A 1 77  ? -13.164 -12.155 -3.404  1.00 59.96 ? 86  LYS A NZ  1 
ATOM   624  N N   . PHE A 1 78  ? -13.162 -9.778  2.414   1.00 28.79 ? 87  PHE A N   1 
ATOM   625  C CA  . PHE A 1 78  ? -12.380 -9.939  3.636   1.00 27.12 ? 87  PHE A CA  1 
ATOM   626  C C   . PHE A 1 78  ? -12.213 -8.790  4.623   1.00 26.63 ? 87  PHE A C   1 
ATOM   627  O O   . PHE A 1 78  ? -11.623 -8.998  5.684   1.00 26.81 ? 87  PHE A O   1 
ATOM   628  C CB  . PHE A 1 78  ? -10.984 -10.475 3.301   1.00 28.04 ? 87  PHE A CB  1 
ATOM   629  C CG  . PHE A 1 78  ? -10.978 -11.641 2.351   1.00 27.86 ? 87  PHE A CG  1 
ATOM   630  C CD1 . PHE A 1 78  ? -11.839 -12.719 2.531   1.00 28.15 ? 87  PHE A CD1 1 
ATOM   631  C CD2 . PHE A 1 78  ? -10.103 -11.660 1.269   1.00 25.21 ? 87  PHE A CD2 1 
ATOM   632  C CE1 . PHE A 1 78  ? -11.827 -13.789 1.645   1.00 27.33 ? 87  PHE A CE1 1 
ATOM   633  C CE2 . PHE A 1 78  ? -10.087 -12.726 0.381   1.00 27.66 ? 87  PHE A CE2 1 
ATOM   634  C CZ  . PHE A 1 78  ? -10.949 -13.790 0.567   1.00 26.81 ? 87  PHE A CZ  1 
ATOM   635  N N   . ALA A 1 79  ? -12.664 -7.583  4.290   1.00 25.62 ? 88  ALA A N   1 
ATOM   636  C CA  . ALA A 1 79  ? -12.496 -6.457  5.222   1.00 29.20 ? 88  ALA A CA  1 
ATOM   637  C C   . ALA A 1 79  ? -13.779 -5.684  5.477   1.00 29.34 ? 88  ALA A C   1 
ATOM   638  O O   . ALA A 1 79  ? -13.768 -4.461  5.642   1.00 27.33 ? 88  ALA A O   1 
ATOM   639  C CB  . ALA A 1 79  ? -11.389 -5.504  4.737   1.00 26.27 ? 88  ALA A CB  1 
ATOM   640  N N   . ARG A 1 80  ? -14.882 -6.415  5.549   1.00 33.40 ? 89  ARG A N   1 
ATOM   641  C CA  . ARG A 1 80  ? -16.185 -5.817  5.788   1.00 39.01 ? 89  ARG A CA  1 
ATOM   642  C C   . ARG A 1 80  ? -16.200 -5.073  7.120   1.00 38.06 ? 89  ARG A C   1 
ATOM   643  O O   . ARG A 1 80  ? -16.864 -4.039  7.264   1.00 41.02 ? 89  ARG A O   1 
ATOM   644  C CB  . ARG A 1 80  ? -17.259 -6.908  5.803   1.00 45.83 ? 89  ARG A CB  1 
ATOM   645  C CG  . ARG A 1 80  ? -17.535 -7.563  4.458   1.00 53.55 ? 89  ARG A CG  1 
ATOM   646  C CD  . ARG A 1 80  ? -17.951 -6.540  3.402   1.00 61.75 ? 89  ARG A CD  1 
ATOM   647  N NE  . ARG A 1 80  ? -19.008 -5.618  3.834   1.00 70.38 ? 89  ARG A NE  1 
ATOM   648  C CZ  . ARG A 1 80  ? -20.302 -5.925  3.941   1.00 73.76 ? 89  ARG A CZ  1 
ATOM   649  N NH1 . ARG A 1 80  ? -20.737 -7.149  3.654   1.00 76.02 ? 89  ARG A NH1 1 
ATOM   650  N NH2 . ARG A 1 80  ? -21.171 -4.999  4.330   1.00 75.39 ? 89  ARG A NH2 1 
ATOM   651  N N   . ASP A 1 81  ? -15.477 -5.625  8.090   1.00 34.72 ? 90  ASP A N   1 
ATOM   652  C CA  . ASP A 1 81  ? -15.376 -5.062  9.427   1.00 31.02 ? 90  ASP A CA  1 
ATOM   653  C C   . ASP A 1 81  ? -14.577 -3.768  9.453   1.00 32.00 ? 90  ASP A C   1 
ATOM   654  O O   . ASP A 1 81  ? -14.638 -3.007  10.408  1.00 32.65 ? 90  ASP A O   1 
ATOM   655  C CB  . ASP A 1 81  ? -14.727 -6.080  10.360  1.00 31.85 ? 90  ASP A CB  1 
ATOM   656  C CG  . ASP A 1 81  ? -13.326 -6.465  9.923   1.00 32.64 ? 90  ASP A CG  1 
ATOM   657  O OD1 . ASP A 1 81  ? -13.140 -6.872  8.757   1.00 31.72 ? 90  ASP A OD1 1 
ATOM   658  O OD2 . ASP A 1 81  ? -12.406 -6.357  10.754  1.00 32.85 ? 90  ASP A OD2 1 
ATOM   659  N N   . ILE A 1 82  ? -13.835 -3.501  8.392   1.00 31.86 ? 91  ILE A N   1 
ATOM   660  C CA  . ILE A 1 82  ? -13.031 -2.300  8.362   1.00 30.52 ? 91  ILE A CA  1 
ATOM   661  C C   . ILE A 1 82  ? -13.755 -1.180  7.662   1.00 29.62 ? 91  ILE A C   1 
ATOM   662  O O   . ILE A 1 82  ? -14.387 -1.399  6.641   1.00 30.58 ? 91  ILE A O   1 
ATOM   663  C CB  . ILE A 1 82  ? -11.681 -2.558  7.660   1.00 30.49 ? 91  ILE A CB  1 
ATOM   664  C CG1 . ILE A 1 82  ? -10.957 -3.722  8.340   1.00 25.61 ? 91  ILE A CG1 1 
ATOM   665  C CG2 . ILE A 1 82  ? -10.828 -1.300  7.674   1.00 28.64 ? 91  ILE A CG2 1 
ATOM   666  C CD1 . ILE A 1 82  ? -10.648 -3.487  9.806   1.00 27.72 ? 91  ILE A CD1 1 
ATOM   667  N N   . PRO A 1 83  ? -13.691 0.036   8.223   1.00 30.34 ? 92  PRO A N   1 
ATOM   668  C CA  . PRO A 1 83  ? -14.336 1.222   7.658   1.00 31.55 ? 92  PRO A CA  1 
ATOM   669  C C   . PRO A 1 83  ? -13.793 1.587   6.278   1.00 32.13 ? 92  PRO A C   1 
ATOM   670  O O   . PRO A 1 83  ? -12.638 1.316   5.939   1.00 31.38 ? 92  PRO A O   1 
ATOM   671  C CB  . PRO A 1 83  ? -13.998 2.313   8.671   1.00 28.78 ? 92  PRO A CB  1 
ATOM   672  C CG  . PRO A 1 83  ? -13.915 1.567   9.933   1.00 32.26 ? 92  PRO A CG  1 
ATOM   673  C CD  . PRO A 1 83  ? -13.137 0.340   9.553   1.00 30.51 ? 92  PRO A CD  1 
ATOM   674  N N   . GLU A 1 84  ? -14.637 2.255   5.515   1.00 30.19 ? 93  GLU A N   1 
ATOM   675  C CA  . GLU A 1 84  ? -14.318 2.694   4.177   1.00 30.59 ? 93  GLU A CA  1 
ATOM   676  C C   . GLU A 1 84  ? -13.070 3.586   4.145   1.00 28.88 ? 93  GLU A C   1 
ATOM   677  O O   . GLU A 1 84  ? -12.274 3.514   3.214   1.00 29.64 ? 93  GLU A O   1 
ATOM   678  C CB  . GLU A 1 84  ? -15.532 3.461   3.635   1.00 31.09 ? 93  GLU A CB  1 
ATOM   679  C CG  . GLU A 1 84  ? -15.589 3.647   2.135   1.00 38.48 ? 93  GLU A CG  1 
ATOM   680  C CD  . GLU A 1 84  ? -15.887 2.370   1.359   1.00 38.68 ? 93  GLU A CD  1 
ATOM   681  O OE1 . GLU A 1 84  ? -16.235 1.324   1.948   1.00 41.34 ? 93  GLU A OE1 1 
ATOM   682  O OE2 . GLU A 1 84  ? -15.772 2.422   0.131   1.00 39.46 ? 93  GLU A OE2 1 
ATOM   683  N N   . ASP A 1 85  ? -12.895 4.422   5.158   1.00 27.44 ? 94  ASP A N   1 
ATOM   684  C CA  . ASP A 1 85  ? -11.753 5.333   5.175   1.00 27.35 ? 94  ASP A CA  1 
ATOM   685  C C   . ASP A 1 85  ? -10.433 4.777   5.682   1.00 23.38 ? 94  ASP A C   1 
ATOM   686  O O   . ASP A 1 85  ? -9.449  5.513   5.782   1.00 24.95 ? 94  ASP A O   1 
ATOM   687  C CB  . ASP A 1 85  ? -12.107 6.660   5.877   1.00 29.09 ? 94  ASP A CB  1 
ATOM   688  C CG  . ASP A 1 85  ? -12.433 6.501   7.361   1.00 32.07 ? 94  ASP A CG  1 
ATOM   689  O OD1 . ASP A 1 85  ? -12.224 5.413   7.951   1.00 32.99 ? 94  ASP A OD1 1 
ATOM   690  O OD2 . ASP A 1 85  ? -12.896 7.507   7.943   1.00 35.94 ? 94  ASP A OD2 1 
ATOM   691  N N   . ARG A 1 86  ? -10.411 3.499   6.037   1.00 20.33 ? 95  ARG A N   1 
ATOM   692  C CA  . ARG A 1 86  ? -9.178  2.900   6.500   1.00 21.60 ? 95  ARG A CA  1 
ATOM   693  C C   . ARG A 1 86  ? -8.624  1.814   5.607   1.00 23.32 ? 95  ARG A C   1 
ATOM   694  O O   . ARG A 1 86  ? -7.680  1.145   5.993   1.00 26.07 ? 95  ARG A O   1 
ATOM   695  C CB  . ARG A 1 86  ? -9.291  2.394   7.925   1.00 20.82 ? 95  ARG A CB  1 
ATOM   696  C CG  . ARG A 1 86  ? -9.214  3.508   8.929   1.00 24.37 ? 95  ARG A CG  1 
ATOM   697  C CD  . ARG A 1 86  ? -8.703  2.991   10.234  1.00 29.33 ? 95  ARG A CD  1 
ATOM   698  N NE  . ARG A 1 86  ? -9.597  2.006   10.821  1.00 31.66 ? 95  ARG A NE  1 
ATOM   699  C CZ  . ARG A 1 86  ? -9.244  0.773   11.167  1.00 31.66 ? 95  ARG A CZ  1 
ATOM   700  N NH1 . ARG A 1 86  ? -8.001  0.331   10.987  1.00 31.25 ? 95  ARG A NH1 1 
ATOM   701  N NH2 . ARG A 1 86  ? -10.144 -0.018  11.726  1.00 37.59 ? 95  ARG A NH2 1 
ATOM   702  N N   . CYS A 1 87  ? -9.200  1.621   4.423   1.00 22.61 ? 96  CYS A N   1 
ATOM   703  C CA  . CYS A 1 87  ? -8.691  0.606   3.512   1.00 22.16 ? 96  CYS A CA  1 
ATOM   704  C C   . CYS A 1 87  ? -8.473  1.119   2.095   1.00 19.66 ? 96  CYS A C   1 
ATOM   705  O O   . CYS A 1 87  ? -9.093  2.090   1.646   1.00 15.87 ? 96  CYS A O   1 
ATOM   706  C CB  . CYS A 1 87  ? -9.517  -0.693  3.549   1.00 24.51 ? 96  CYS A CB  1 
ATOM   707  S SG  . CYS A 1 87  ? -11.261 -0.552  3.232   1.00 30.65 ? 96  CYS A SG  1 
ATOM   708  N N   . PHE A 1 88  ? -7.501  0.522   1.427   1.00 17.64 ? 97  PHE A N   1 
ATOM   709  C CA  . PHE A 1 88  ? -7.172  0.929   0.086   1.00 14.89 ? 97  PHE A CA  1 
ATOM   710  C C   . PHE A 1 88  ? -6.439  -0.196  -0.637  1.00 13.70 ? 97  PHE A C   1 
ATOM   711  O O   . PHE A 1 88  ? -5.993  -1.160  -0.013  1.00 13.92 ? 97  PHE A O   1 
ATOM   712  C CB  . PHE A 1 88  ? -6.364  2.238   0.112   1.00 13.17 ? 97  PHE A CB  1 
ATOM   713  C CG  . PHE A 1 88  ? -4.952  2.091   0.625   1.00 12.52 ? 97  PHE A CG  1 
ATOM   714  C CD1 . PHE A 1 88  ? -4.679  2.144   1.973   1.00 14.31 ? 97  PHE A CD1 1 
ATOM   715  C CD2 . PHE A 1 88  ? -3.894  1.954   -0.254  1.00 15.11 ? 97  PHE A CD2 1 
ATOM   716  C CE1 . PHE A 1 88  ? -3.364  2.065   2.433   1.00 15.33 ? 97  PHE A CE1 1 
ATOM   717  C CE2 . PHE A 1 88  ? -2.586  1.872   0.199   1.00 14.82 ? 97  PHE A CE2 1 
ATOM   718  C CZ  . PHE A 1 88  ? -2.319  1.930   1.534   1.00 11.79 ? 97  PHE A CZ  1 
ATOM   719  N N   . SER A 1 89  ? -6.366  -0.085  -1.959  1.00 15.09 ? 98  SER A N   1 
ATOM   720  C CA  . SER A 1 89  ? -5.723  -1.101  -2.775  1.00 16.52 ? 98  SER A CA  1 
ATOM   721  C C   . SER A 1 89  ? -4.812  -0.510  -3.831  1.00 14.41 ? 98  SER A C   1 
ATOM   722  O O   . SER A 1 89  ? -5.095  0.547   -4.412  1.00 16.26 ? 98  SER A O   1 
ATOM   723  C CB  . SER A 1 89  ? -6.768  -1.991  -3.470  1.00 18.03 ? 98  SER A CB  1 
ATOM   724  O OG  . SER A 1 89  ? -7.697  -2.526  -2.553  1.00 19.22 ? 98  SER A OG  1 
ATOM   725  N N   . ILE A 1 90  ? -3.705  -1.210  -4.060  1.00 12.84 ? 99  ILE A N   1 
ATOM   726  C CA  . ILE A 1 90  ? -2.723  -0.826  -5.064  1.00 13.77 ? 99  ILE A CA  1 
ATOM   727  C C   . ILE A 1 90  ? -2.857  -1.863  -6.175  1.00 12.91 ? 99  ILE A C   1 
ATOM   728  O O   . ILE A 1 90  ? -2.671  -3.061  -5.931  1.00 14.17 ? 99  ILE A O   1 
ATOM   729  C CB  . ILE A 1 90  ? -1.262  -0.867  -4.507  1.00 13.40 ? 99  ILE A CB  1 
ATOM   730  C CG1 . ILE A 1 90  ? -1.130  0.056   -3.273  1.00 12.57 ? 99  ILE A CG1 1 
ATOM   731  C CG2 . ILE A 1 90  ? -0.286  -0.458  -5.614  1.00 10.72 ? 99  ILE A CG2 1 
ATOM   732  C CD1 . ILE A 1 90  ? 0.240   0.038   -2.610  1.00 9.36  ? 99  ILE A CD1 1 
ATOM   733  N N   . VAL A 1 91  ? -3.235  -1.412  -7.364  1.00 11.50 ? 100 VAL A N   1 
ATOM   734  C CA  . VAL A 1 91  ? -3.406  -2.304  -8.513  1.00 12.70 ? 100 VAL A CA  1 
ATOM   735  C C   . VAL A 1 91  ? -2.182  -2.177  -9.425  1.00 11.51 ? 100 VAL A C   1 
ATOM   736  O O   . VAL A 1 91  ? -1.738  -1.074  -9.695  1.00 13.19 ? 100 VAL A O   1 
ATOM   737  C CB  . VAL A 1 91  ? -4.691  -1.936  -9.290  1.00 14.86 ? 100 VAL A CB  1 
ATOM   738  C CG1 . VAL A 1 91  ? -4.890  -2.878  -10.492 1.00 14.92 ? 100 VAL A CG1 1 
ATOM   739  C CG2 . VAL A 1 91  ? -5.902  -1.975  -8.347  1.00 14.58 ? 100 VAL A CG2 1 
ATOM   740  N N   . PHE A 1 92  ? -1.634  -3.303  -9.873  1.00 10.03 ? 101 PHE A N   1 
ATOM   741  C CA  . PHE A 1 92  ? -0.442  -3.317  -10.717 1.00 12.53 ? 101 PHE A CA  1 
ATOM   742  C C   . PHE A 1 92  ? -0.661  -3.553  -12.234 1.00 12.25 ? 101 PHE A C   1 
ATOM   743  O O   . PHE A 1 92  ? -1.695  -4.066  -12.668 1.00 12.59 ? 101 PHE A O   1 
ATOM   744  C CB  . PHE A 1 92  ? 0.560   -4.332  -10.159 1.00 8.77  ? 101 PHE A CB  1 
ATOM   745  C CG  . PHE A 1 92  ? 0.988   -4.035  -8.751  1.00 12.38 ? 101 PHE A CG  1 
ATOM   746  C CD1 . PHE A 1 92  ? 1.919   -3.040  -8.490  1.00 12.97 ? 101 PHE A CD1 1 
ATOM   747  C CD2 . PHE A 1 92  ? 0.427   -4.711  -7.685  1.00 12.84 ? 101 PHE A CD2 1 
ATOM   748  C CE1 . PHE A 1 92  ? 2.283   -2.721  -7.171  1.00 15.13 ? 101 PHE A CE1 1 
ATOM   749  C CE2 . PHE A 1 92  ? 0.782   -4.401  -6.363  1.00 13.29 ? 101 PHE A CE2 1 
ATOM   750  C CZ  . PHE A 1 92  ? 1.711   -3.406  -6.111  1.00 12.81 ? 101 PHE A CZ  1 
ATOM   751  N N   . LYS A 1 93  ? 0.308   -3.121  -13.032 1.00 14.37 ? 102 LYS A N   1 
ATOM   752  C CA  . LYS A 1 93  ? 0.261   -3.270  -14.485 1.00 15.09 ? 102 LYS A CA  1 
ATOM   753  C C   . LYS A 1 93  ? 0.588   -4.674  -14.950 1.00 14.85 ? 102 LYS A C   1 
ATOM   754  O O   . LYS A 1 93  ? 0.045   -5.139  -15.944 1.00 16.43 ? 102 LYS A O   1 
ATOM   755  C CB  . LYS A 1 93  ? 1.245   -2.311  -15.157 1.00 12.15 ? 102 LYS A CB  1 
ATOM   756  C CG  . LYS A 1 93  ? 0.945   -0.848  -14.900 1.00 16.12 ? 102 LYS A CG  1 
ATOM   757  C CD  . LYS A 1 93  ? 1.904   0.058   -15.634 1.00 17.44 ? 102 LYS A CD  1 
ATOM   758  C CE  . LYS A 1 93  ? 1.571   1.510   -15.338 1.00 22.01 ? 102 LYS A CE  1 
ATOM   759  N NZ  . LYS A 1 93  ? 2.410   2.489   -16.091 1.00 23.55 ? 102 LYS A NZ  1 
ATOM   760  N N   . ASP A 1 94  ? 1.486   -5.342  -14.242 1.00 15.48 ? 103 ASP A N   1 
ATOM   761  C CA  . ASP A 1 94  ? 1.919   -6.671  -14.629 1.00 16.18 ? 103 ASP A CA  1 
ATOM   762  C C   . ASP A 1 94  ? 1.256   -7.790  -13.857 1.00 18.47 ? 103 ASP A C   1 
ATOM   763  O O   . ASP A 1 94  ? 0.150   -7.620  -13.353 1.00 19.12 ? 103 ASP A O   1 
ATOM   764  C CB  . ASP A 1 94  ? 3.436   -6.771  -14.529 1.00 14.66 ? 103 ASP A CB  1 
ATOM   765  C CG  . ASP A 1 94  ? 3.958   -6.466  -13.141 1.00 21.54 ? 103 ASP A CG  1 
ATOM   766  O OD1 . ASP A 1 94  ? 3.167   -6.286  -12.187 1.00 18.90 ? 103 ASP A OD1 1 
ATOM   767  O OD2 . ASP A 1 94  ? 5.190   -6.391  -13.007 1.00 25.03 ? 103 ASP A OD2 1 
ATOM   768  N N   . GLN A 1 95  ? 1.930   -8.929  -13.734 1.00 18.99 ? 104 GLN A N   1 
ATOM   769  C CA  . GLN A 1 95  ? 1.331   -10.061 -13.042 1.00 22.21 ? 104 GLN A CA  1 
ATOM   770  C C   . GLN A 1 95  ? 1.207   -9.930  -11.541 1.00 22.17 ? 104 GLN A C   1 
ATOM   771  O O   . GLN A 1 95  ? 0.540   -10.750 -10.909 1.00 23.38 ? 104 GLN A O   1 
ATOM   772  C CB  . GLN A 1 95  ? 2.038   -11.377 -13.380 1.00 27.92 ? 104 GLN A CB  1 
ATOM   773  C CG  . GLN A 1 95  ? 3.527   -11.385 -13.157 1.00 35.30 ? 104 GLN A CG  1 
ATOM   774  C CD  . GLN A 1 95  ? 4.292   -10.940 -14.387 1.00 42.70 ? 104 GLN A CD  1 
ATOM   775  O OE1 . GLN A 1 95  ? 4.566   -9.743  -14.566 1.00 43.71 ? 104 GLN A OE1 1 
ATOM   776  N NE2 . GLN A 1 95  ? 4.647   -11.902 -15.248 1.00 44.80 ? 104 GLN A NE2 1 
ATOM   777  N N   . ARG A 1 96  ? 1.854   -8.912  -10.985 1.00 20.87 ? 105 ARG A N   1 
ATOM   778  C CA  . ARG A 1 96  ? 1.832   -8.654  -9.547  1.00 22.79 ? 105 ARG A CA  1 
ATOM   779  C C   . ARG A 1 96  ? 0.389   -8.536  -9.035  1.00 21.42 ? 105 ARG A C   1 
ATOM   780  O O   . ARG A 1 96  ? -0.443  -7.823  -9.614  1.00 21.24 ? 105 ARG A O   1 
ATOM   781  C CB  . ARG A 1 96  ? 2.659   -7.391  -9.246  1.00 23.30 ? 105 ARG A CB  1 
ATOM   782  C CG  . ARG A 1 96  ? 2.891   -7.055  -7.778  1.00 31.72 ? 105 ARG A CG  1 
ATOM   783  C CD  . ARG A 1 96  ? 3.867   -5.873  -7.634  1.00 34.25 ? 105 ARG A CD  1 
ATOM   784  N NE  . ARG A 1 96  ? 5.231   -6.281  -7.279  1.00 43.12 ? 105 ARG A NE  1 
ATOM   785  C CZ  . ARG A 1 96  ? 6.323   -6.015  -7.998  1.00 44.54 ? 105 ARG A CZ  1 
ATOM   786  N NH1 . ARG A 1 96  ? 6.232   -5.335  -9.135  1.00 45.04 ? 105 ARG A NH1 1 
ATOM   787  N NH2 . ARG A 1 96  ? 7.518   -6.417  -7.562  1.00 44.91 ? 105 ARG A NH2 1 
ATOM   788  N N   . ASN A 1 97  ? 0.073   -9.322  -8.009  1.00 21.44 ? 106 ASN A N   1 
ATOM   789  C CA  . ASN A 1 97  ? -1.260  -9.301  -7.419  1.00 23.25 ? 106 ASN A CA  1 
ATOM   790  C C   . ASN A 1 97  ? -1.531  -8.006  -6.701  1.00 21.62 ? 106 ASN A C   1 
ATOM   791  O O   . ASN A 1 97  ? -0.663  -7.479  -6.009  1.00 23.85 ? 106 ASN A O   1 
ATOM   792  C CB  . ASN A 1 97  ? -1.424  -10.396 -6.384  1.00 30.37 ? 106 ASN A CB  1 
ATOM   793  C CG  . ASN A 1 97  ? -1.718  -11.723 -6.992  1.00 36.81 ? 106 ASN A CG  1 
ATOM   794  O OD1 . ASN A 1 97  ? -0.901  -12.637 -6.917  1.00 39.52 ? 106 ASN A OD1 1 
ATOM   795  N ND2 . ASN A 1 97  ? -2.891  -11.853 -7.597  1.00 41.46 ? 106 ASN A ND2 1 
ATOM   796  N N   . THR A 1 98  ? -2.769  -7.556  -6.804  1.00 19.45 ? 107 THR A N   1 
ATOM   797  C CA  . THR A 1 98  ? -3.244  -6.350  -6.157  1.00 18.11 ? 107 THR A CA  1 
ATOM   798  C C   . THR A 1 98  ? -3.072  -6.474  -4.633  1.00 16.14 ? 107 THR A C   1 
ATOM   799  O O   . THR A 1 98  ? -3.269  -7.556  -4.060  1.00 15.85 ? 107 THR A O   1 
ATOM   800  C CB  . THR A 1 98  ? -4.729  -6.118  -6.545  1.00 15.29 ? 107 THR A CB  1 
ATOM   801  O OG1 . THR A 1 98  ? -4.803  -5.899  -7.958  1.00 18.96 ? 107 THR A OG1 1 
ATOM   802  C CG2 . THR A 1 98  ? -5.323  -4.902  -5.830  1.00 16.67 ? 107 THR A CG2 1 
ATOM   803  N N   . LEU A 1 99  ? -2.555  -5.406  -4.026  1.00 16.15 ? 108 LEU A N   1 
ATOM   804  C CA  . LEU A 1 99  ? -2.358  -5.333  -2.588  1.00 13.39 ? 108 LEU A CA  1 
ATOM   805  C C   . LEU A 1 99  ? -3.590  -4.702  -1.956  1.00 12.87 ? 108 LEU A C   1 
ATOM   806  O O   . LEU A 1 99  ? -3.929  -3.566  -2.282  1.00 13.10 ? 108 LEU A O   1 
ATOM   807  C CB  . LEU A 1 99  ? -1.171  -4.442  -2.265  1.00 14.96 ? 108 LEU A CB  1 
ATOM   808  C CG  . LEU A 1 99  ? 0.205   -5.040  -2.444  1.00 17.27 ? 108 LEU A CG  1 
ATOM   809  C CD1 . LEU A 1 99  ? 1.260   -4.017  -2.046  1.00 15.84 ? 108 LEU A CD1 1 
ATOM   810  C CD2 . LEU A 1 99  ? 0.277   -6.294  -1.603  1.00 19.46 ? 108 LEU A CD2 1 
ATOM   811  N N   . ASP A 1 100 ? -4.257  -5.437  -1.072  1.00 14.52 ? 109 ASP A N   1 
ATOM   812  C CA  . ASP A 1 100 ? -5.448  -4.954  -0.371  1.00 14.46 ? 109 ASP A CA  1 
ATOM   813  C C   . ASP A 1 100 ? -4.926  -4.609  0.995   1.00 12.88 ? 109 ASP A C   1 
ATOM   814  O O   . ASP A 1 100 ? -4.413  -5.470  1.695   1.00 12.76 ? 109 ASP A O   1 
ATOM   815  C CB  . ASP A 1 100 ? -6.508  -6.047  -0.310  1.00 13.57 ? 109 ASP A CB  1 
ATOM   816  C CG  . ASP A 1 100 ? -7.129  -6.326  -1.671  1.00 16.60 ? 109 ASP A CG  1 
ATOM   817  O OD1 . ASP A 1 100 ? -7.374  -5.352  -2.413  1.00 15.91 ? 109 ASP A OD1 1 
ATOM   818  O OD2 . ASP A 1 100 ? -7.376  -7.510  -2.003  1.00 16.88 ? 109 ASP A OD2 1 
ATOM   819  N N   . LEU A 1 101 ? -5.036  -3.344  1.360   1.00 13.47 ? 110 LEU A N   1 
ATOM   820  C CA  . LEU A 1 101 ? -4.456  -2.888  2.609   1.00 12.94 ? 110 LEU A CA  1 
ATOM   821  C C   . LEU A 1 101 ? -5.368  -2.167  3.591   1.00 14.13 ? 110 LEU A C   1 
ATOM   822  O O   . LEU A 1 101 ? -6.265  -1.414  3.196   1.00 16.23 ? 110 LEU A O   1 
ATOM   823  C CB  . LEU A 1 101 ? -3.248  -1.990  2.276   1.00 12.30 ? 110 LEU A CB  1 
ATOM   824  C CG  . LEU A 1 101 ? -2.121  -2.600  1.413   1.00 9.69  ? 110 LEU A CG  1 
ATOM   825  C CD1 . LEU A 1 101 ? -1.300  -1.493  0.701   1.00 11.92 ? 110 LEU A CD1 1 
ATOM   826  C CD2 . LEU A 1 101 ? -1.229  -3.509  2.253   1.00 10.33 ? 110 LEU A CD2 1 
ATOM   827  N N   . ILE A 1 102 ? -5.107  -2.398  4.877   1.00 13.15 ? 111 ILE A N   1 
ATOM   828  C CA  . ILE A 1 102 ? -5.849  -1.763  5.962   1.00 15.83 ? 111 ILE A CA  1 
ATOM   829  C C   . ILE A 1 102 ? -4.896  -0.824  6.729   1.00 17.67 ? 111 ILE A C   1 
ATOM   830  O O   . ILE A 1 102 ? -3.852  -1.265  7.229   1.00 19.37 ? 111 ILE A O   1 
ATOM   831  C CB  . ILE A 1 102 ? -6.419  -2.810  6.938   1.00 14.84 ? 111 ILE A CB  1 
ATOM   832  C CG1 . ILE A 1 102 ? -7.455  -3.690  6.222   1.00 15.50 ? 111 ILE A CG1 1 
ATOM   833  C CG2 . ILE A 1 102 ? -7.013  -2.108  8.160   1.00 16.49 ? 111 ILE A CG2 1 
ATOM   834  C CD1 . ILE A 1 102 ? -7.843  -4.913  6.980   1.00 14.42 ? 111 ILE A CD1 1 
ATOM   835  N N   . ALA A 1 103 ? -5.227  0.465   6.765   1.00 16.38 ? 112 ALA A N   1 
ATOM   836  C CA  . ALA A 1 103 ? -4.426  1.476   7.443   1.00 18.35 ? 112 ALA A CA  1 
ATOM   837  C C   . ALA A 1 103 ? -4.814  1.584   8.926   1.00 23.95 ? 112 ALA A C   1 
ATOM   838  O O   . ALA A 1 103 ? -5.995  1.490   9.258   1.00 24.85 ? 112 ALA A O   1 
ATOM   839  C CB  . ALA A 1 103 ? -4.629  2.828   6.761   1.00 13.14 ? 112 ALA A CB  1 
ATOM   840  N N   . PRO A 1 104 ? -3.826  1.771   9.839   1.00 26.25 ? 113 PRO A N   1 
ATOM   841  C CA  . PRO A 1 104 ? -4.168  1.889   11.268  1.00 26.94 ? 113 PRO A CA  1 
ATOM   842  C C   . PRO A 1 104 ? -5.086  3.084   11.593  1.00 28.37 ? 113 PRO A C   1 
ATOM   843  O O   . PRO A 1 104 ? -5.750  3.095   12.632  1.00 31.65 ? 113 PRO A O   1 
ATOM   844  C CB  . PRO A 1 104 ? -2.796  1.981   11.959  1.00 23.44 ? 113 PRO A CB  1 
ATOM   845  C CG  . PRO A 1 104 ? -1.869  2.434   10.898  1.00 24.57 ? 113 PRO A CG  1 
ATOM   846  C CD  . PRO A 1 104 ? -2.362  1.716   9.661   1.00 24.75 ? 113 PRO A CD  1 
ATOM   847  N N   . SER A 1 105 ? -5.156  4.068   10.697  1.00 28.59 ? 114 SER A N   1 
ATOM   848  C CA  . SER A 1 105 ? -6.022  5.229   10.899  1.00 28.54 ? 114 SER A CA  1 
ATOM   849  C C   . SER A 1 105 ? -6.348  5.880   9.550   1.00 26.26 ? 114 SER A C   1 
ATOM   850  O O   . SER A 1 105 ? -5.715  5.583   8.543   1.00 27.76 ? 114 SER A O   1 
ATOM   851  C CB  . SER A 1 105 ? -5.346  6.255   11.832  1.00 29.15 ? 114 SER A CB  1 
ATOM   852  O OG  . SER A 1 105 ? -4.414  7.064   11.133  1.00 28.26 ? 114 SER A OG  1 
ATOM   853  N N   . PRO A 1 106 ? -7.361  6.755   9.508   1.00 26.76 ? 115 PRO A N   1 
ATOM   854  C CA  . PRO A 1 106 ? -7.748  7.441   8.268   1.00 24.87 ? 115 PRO A CA  1 
ATOM   855  C C   . PRO A 1 106 ? -6.654  8.370   7.756   1.00 24.46 ? 115 PRO A C   1 
ATOM   856  O O   . PRO A 1 106 ? -6.561  8.597   6.560   1.00 24.86 ? 115 PRO A O   1 
ATOM   857  C CB  . PRO A 1 106 ? -8.982  8.230   8.683   1.00 23.13 ? 115 PRO A CB  1 
ATOM   858  C CG  . PRO A 1 106 ? -9.596  7.324   9.712   1.00 26.54 ? 115 PRO A CG  1 
ATOM   859  C CD  . PRO A 1 106 ? -8.389  6.948   10.548  1.00 26.77 ? 115 PRO A CD  1 
ATOM   860  N N   . ALA A 1 107 ? -5.861  8.950   8.658   1.00 22.79 ? 116 ALA A N   1 
ATOM   861  C CA  . ALA A 1 107 ? -4.760  9.813   8.238   1.00 21.32 ? 116 ALA A CA  1 
ATOM   862  C C   . ALA A 1 107 ? -3.794  8.965   7.405   1.00 19.91 ? 116 ALA A C   1 
ATOM   863  O O   . ALA A 1 107 ? -3.337  9.400   6.352   1.00 20.54 ? 116 ALA A O   1 
ATOM   864  C CB  . ALA A 1 107 ? -4.038  10.397  9.447   1.00 18.63 ? 116 ALA A CB  1 
ATOM   865  N N   . ASP A 1 108 ? -3.525  7.740   7.850   1.00 18.57 ? 117 ASP A N   1 
ATOM   866  C CA  . ASP A 1 108 ? -2.618  6.853   7.127   1.00 19.69 ? 117 ASP A CA  1 
ATOM   867  C C   . ASP A 1 108 ? -3.123  6.480   5.752   1.00 17.65 ? 117 ASP A C   1 
ATOM   868  O O   . ASP A 1 108 ? -2.396  6.602   4.773   1.00 17.08 ? 117 ASP A O   1 
ATOM   869  C CB  . ASP A 1 108 ? -2.333  5.591   7.918   1.00 21.99 ? 117 ASP A CB  1 
ATOM   870  C CG  . ASP A 1 108 ? -1.588  5.877   9.188   1.00 30.59 ? 117 ASP A CG  1 
ATOM   871  O OD1 . ASP A 1 108 ? -0.544  6.559   9.142   1.00 31.96 ? 117 ASP A OD1 1 
ATOM   872  O OD2 . ASP A 1 108 ? -2.063  5.443   10.248  1.00 38.69 ? 117 ASP A OD2 1 
ATOM   873  N N   . ALA A 1 109 ? -4.369  6.022   5.675   1.00 18.68 ? 118 ALA A N   1 
ATOM   874  C CA  . ALA A 1 109 ? -4.957  5.655   4.386   1.00 15.97 ? 118 ALA A CA  1 
ATOM   875  C C   . ALA A 1 109 ? -4.902  6.855   3.453   1.00 16.44 ? 118 ALA A C   1 
ATOM   876  O O   . ALA A 1 109 ? -4.562  6.722   2.265   1.00 14.39 ? 118 ALA A O   1 
ATOM   877  C CB  . ALA A 1 109 ? -6.397  5.159   4.568   1.00 19.19 ? 118 ALA A CB  1 
ATOM   878  N N   . GLN A 1 110 ? -5.169  8.038   4.015   1.00 15.91 ? 119 GLN A N   1 
ATOM   879  C CA  . GLN A 1 110 ? -5.130  9.301   3.270   1.00 16.92 ? 119 GLN A CA  1 
ATOM   880  C C   . GLN A 1 110 ? -3.739  9.529   2.663   1.00 14.88 ? 119 GLN A C   1 
ATOM   881  O O   . GLN A 1 110 ? -3.604  9.796   1.464   1.00 16.84 ? 119 GLN A O   1 
ATOM   882  C CB  . GLN A 1 110 ? -5.514  10.486  4.198   1.00 16.34 ? 119 GLN A CB  1 
ATOM   883  C CG  . GLN A 1 110 ? -5.474  11.900  3.566   1.00 16.17 ? 119 GLN A CG  1 
ATOM   884  C CD  . GLN A 1 110 ? -6.513  12.131  2.466   1.00 20.86 ? 119 GLN A CD  1 
ATOM   885  O OE1 . GLN A 1 110 ? -6.482  13.157  1.787   1.00 27.21 ? 119 GLN A OE1 1 
ATOM   886  N NE2 . GLN A 1 110 ? -7.437  11.204  2.294   1.00 19.67 ? 119 GLN A NE2 1 
ATOM   887  N N   . HIS A 1 111 ? -2.705  9.403   3.490   1.00 15.35 ? 120 HIS A N   1 
ATOM   888  C CA  . HIS A 1 111 ? -1.333  9.606   3.030   1.00 14.70 ? 120 HIS A CA  1 
ATOM   889  C C   . HIS A 1 111 ? -0.956  8.666   1.901   1.00 14.46 ? 120 HIS A C   1 
ATOM   890  O O   . HIS A 1 111 ? -0.408  9.105   0.897   1.00 14.74 ? 120 HIS A O   1 
ATOM   891  C CB  . HIS A 1 111 ? -0.337  9.459   4.186   1.00 18.07 ? 120 HIS A CB  1 
ATOM   892  C CG  . HIS A 1 111 ? -0.572  10.427  5.303   1.00 18.92 ? 120 HIS A CG  1 
ATOM   893  N ND1 . HIS A 1 111 ? -0.456  10.076  6.632   1.00 20.56 ? 120 HIS A ND1 1 
ATOM   894  C CD2 . HIS A 1 111 ? -0.965  11.722  5.289   1.00 19.53 ? 120 HIS A CD2 1 
ATOM   895  C CE1 . HIS A 1 111 ? -0.770  11.113  7.388   1.00 20.43 ? 120 HIS A CE1 1 
ATOM   896  N NE2 . HIS A 1 111 ? -1.084  12.123  6.598   1.00 20.83 ? 120 HIS A NE2 1 
ATOM   897  N N   . TRP A 1 112 ? -1.242  7.380   2.056   1.00 13.88 ? 121 TRP A N   1 
ATOM   898  C CA  . TRP A 1 112 ? -0.904  6.422   1.014   1.00 14.83 ? 121 TRP A CA  1 
ATOM   899  C C   . TRP A 1 112 ? -1.657  6.645   -0.300  1.00 15.38 ? 121 TRP A C   1 
ATOM   900  O O   . TRP A 1 112 ? -1.047  6.748   -1.366  1.00 15.14 ? 121 TRP A O   1 
ATOM   901  C CB  . TRP A 1 112 ? -1.101  5.000   1.522   1.00 13.95 ? 121 TRP A CB  1 
ATOM   902  C CG  . TRP A 1 112 ? 0.023   4.573   2.427   1.00 19.76 ? 121 TRP A CG  1 
ATOM   903  C CD1 . TRP A 1 112 ? 0.059   4.655   3.792   1.00 18.04 ? 121 TRP A CD1 1 
ATOM   904  C CD2 . TRP A 1 112 ? 1.316   4.096   2.017   1.00 19.89 ? 121 TRP A CD2 1 
ATOM   905  N NE1 . TRP A 1 112 ? 1.299   4.276   4.254   1.00 21.99 ? 121 TRP A NE1 1 
ATOM   906  C CE2 . TRP A 1 112 ? 2.090   3.930   3.185   1.00 19.52 ? 121 TRP A CE2 1 
ATOM   907  C CE3 . TRP A 1 112 ? 1.897   3.806   0.769   1.00 20.92 ? 121 TRP A CE3 1 
ATOM   908  C CZ2 . TRP A 1 112 ? 3.415   3.491   3.149   1.00 17.73 ? 121 TRP A CZ2 1 
ATOM   909  C CZ3 . TRP A 1 112 ? 3.225   3.367   0.735   1.00 18.95 ? 121 TRP A CZ3 1 
ATOM   910  C CH2 . TRP A 1 112 ? 3.963   3.217   1.919   1.00 20.00 ? 121 TRP A CH2 1 
ATOM   911  N N   . VAL A 1 113 ? -2.975  6.773   -0.226  1.00 17.00 ? 122 VAL A N   1 
ATOM   912  C CA  . VAL A 1 113 ? -3.765  6.992   -1.437  1.00 16.54 ? 122 VAL A CA  1 
ATOM   913  C C   . VAL A 1 113 ? -3.347  8.281   -2.114  1.00 17.67 ? 122 VAL A C   1 
ATOM   914  O O   . VAL A 1 113 ? -2.881  8.263   -3.259  1.00 17.95 ? 122 VAL A O   1 
ATOM   915  C CB  . VAL A 1 113 ? -5.252  7.032   -1.117  1.00 18.54 ? 122 VAL A CB  1 
ATOM   916  C CG1 . VAL A 1 113 ? -6.074  7.451   -2.356  1.00 13.63 ? 122 VAL A CG1 1 
ATOM   917  C CG2 . VAL A 1 113 ? -5.672  5.670   -0.593  1.00 18.38 ? 122 VAL A CG2 1 
ATOM   918  N N   . GLN A 1 114 ? -3.476  9.395   -1.393  1.00 18.69 ? 123 GLN A N   1 
ATOM   919  C CA  . GLN A 1 114 ? -3.100  10.699  -1.921  1.00 16.95 ? 123 GLN A CA  1 
ATOM   920  C C   . GLN A 1 114 ? -1.643  10.783  -2.330  1.00 15.21 ? 123 GLN A C   1 
ATOM   921  O O   . GLN A 1 114 ? -1.337  11.316  -3.381  1.00 17.09 ? 123 GLN A O   1 
ATOM   922  C CB  . GLN A 1 114 ? -3.391  11.796  -0.904  1.00 20.49 ? 123 GLN A CB  1 
ATOM   923  C CG  . GLN A 1 114 ? -4.853  12.090  -0.751  1.00 24.08 ? 123 GLN A CG  1 
ATOM   924  C CD  . GLN A 1 114 ? -5.439  12.653  -2.019  1.00 27.52 ? 123 GLN A CD  1 
ATOM   925  O OE1 . GLN A 1 114 ? -5.825  11.904  -2.921  1.00 24.71 ? 123 GLN A OE1 1 
ATOM   926  N NE2 . GLN A 1 114 ? -5.502  13.978  -2.106  1.00 31.16 ? 123 GLN A NE2 1 
ATOM   927  N N   . GLY A 1 115 ? -0.750  10.252  -1.498  1.00 16.59 ? 124 GLY A N   1 
ATOM   928  C CA  . GLY A 1 115 ? 0.674   10.292  -1.786  1.00 16.54 ? 124 GLY A CA  1 
ATOM   929  C C   . GLY A 1 115 ? 1.047   9.535   -3.049  1.00 17.43 ? 124 GLY A C   1 
ATOM   930  O O   . GLY A 1 115 ? 1.780   10.054  -3.892  1.00 17.17 ? 124 GLY A O   1 
ATOM   931  N N   . LEU A 1 116 ? 0.534   8.315   -3.194  1.00 14.83 ? 125 LEU A N   1 
ATOM   932  C CA  . LEU A 1 116 ? 0.832   7.504   -4.372  1.00 15.17 ? 125 LEU A CA  1 
ATOM   933  C C   . LEU A 1 116 ? 0.188   8.098   -5.609  1.00 16.46 ? 125 LEU A C   1 
ATOM   934  O O   . LEU A 1 116 ? 0.815   8.141   -6.667  1.00 16.23 ? 125 LEU A O   1 
ATOM   935  C CB  . LEU A 1 116 ? 0.404   6.039   -4.169  1.00 15.89 ? 125 LEU A CB  1 
ATOM   936  C CG  . LEU A 1 116 ? 1.199   5.306   -3.069  1.00 15.65 ? 125 LEU A CG  1 
ATOM   937  C CD1 . LEU A 1 116 ? 0.812   3.837   -2.990  1.00 16.01 ? 125 LEU A CD1 1 
ATOM   938  C CD2 . LEU A 1 116 ? 2.692   5.445   -3.320  1.00 12.72 ? 125 LEU A CD2 1 
ATOM   939  N N   . ARG A 1 117 ? -1.036  8.603   -5.482  1.00 17.57 ? 126 ARG A N   1 
ATOM   940  C CA  . ARG A 1 117 ? -1.698  9.231   -6.630  1.00 20.03 ? 126 ARG A CA  1 
ATOM   941  C C   . ARG A 1 117 ? -0.890  10.414  -7.146  1.00 20.26 ? 126 ARG A C   1 
ATOM   942  O O   . ARG A 1 117 ? -0.802  10.622  -8.351  1.00 21.26 ? 126 ARG A O   1 
ATOM   943  C CB  . ARG A 1 117 ? -3.126  9.665   -6.289  1.00 20.05 ? 126 ARG A CB  1 
ATOM   944  C CG  . ARG A 1 117 ? -4.116  8.503   -6.280  1.00 22.81 ? 126 ARG A CG  1 
ATOM   945  C CD  . ARG A 1 117 ? -5.508  8.947   -5.872  1.00 21.69 ? 126 ARG A CD  1 
ATOM   946  N NE  . ARG A 1 117 ? -6.443  7.829   -5.845  1.00 24.21 ? 126 ARG A NE  1 
ATOM   947  C CZ  . ARG A 1 117 ? -7.688  7.907   -5.379  1.00 29.49 ? 126 ARG A CZ  1 
ATOM   948  N NH1 . ARG A 1 117 ? -8.148  9.055   -4.899  1.00 28.31 ? 126 ARG A NH1 1 
ATOM   949  N NH2 . ARG A 1 117 ? -8.485  6.838   -5.398  1.00 27.39 ? 126 ARG A NH2 1 
ATOM   950  N N   . LYS A 1 118 ? -0.252  11.148  -6.237  1.00 20.44 ? 127 LYS A N   1 
ATOM   951  C CA  . LYS A 1 118 ? 0.565   12.288  -6.619  1.00 22.47 ? 127 LYS A CA  1 
ATOM   952  C C   . LYS A 1 118 ? 1.762   11.833  -7.432  1.00 25.50 ? 127 LYS A C   1 
ATOM   953  O O   . LYS A 1 118 ? 2.118   12.464  -8.416  1.00 27.22 ? 127 LYS A O   1 
ATOM   954  C CB  . LYS A 1 118 ? 1.070   13.043  -5.383  1.00 23.97 ? 127 LYS A CB  1 
ATOM   955  C CG  . LYS A 1 118 ? -0.023  13.657  -4.521  1.00 30.07 ? 127 LYS A CG  1 
ATOM   956  C CD  . LYS A 1 118 ? 0.542   14.281  -3.241  1.00 30.51 ? 127 LYS A CD  1 
ATOM   957  C CE  . LYS A 1 118 ? -0.524  14.507  -2.166  1.00 27.22 ? 127 LYS A CE  1 
ATOM   958  N NZ  . LYS A 1 118 ? -1.754  15.235  -2.648  1.00 34.82 ? 127 LYS A NZ  1 
ATOM   959  N N   . ILE A 1 119 ? 2.384   10.731  -7.023  1.00 28.95 ? 128 ILE A N   1 
ATOM   960  C CA  . ILE A 1 119 ? 3.576   10.217  -7.713  1.00 31.47 ? 128 ILE A CA  1 
ATOM   961  C C   . ILE A 1 119 ? 3.258   9.528   -9.036  1.00 31.31 ? 128 ILE A C   1 
ATOM   962  O O   . ILE A 1 119 ? 4.067   9.562   -9.953  1.00 33.46 ? 128 ILE A O   1 
ATOM   963  C CB  . ILE A 1 119 ? 4.394   9.217   -6.830  1.00 31.69 ? 128 ILE A CB  1 
ATOM   964  C CG1 . ILE A 1 119 ? 4.618   9.761   -5.427  1.00 32.42 ? 128 ILE A CG1 1 
ATOM   965  C CG2 . ILE A 1 119 ? 5.768   9.004   -7.425  1.00 34.23 ? 128 ILE A CG2 1 
ATOM   966  C CD1 . ILE A 1 119 ? 5.429   11.024  -5.417  1.00 36.29 ? 128 ILE A CD1 1 
ATOM   967  N N   . ILE A 1 120 ? 2.134   8.818   -9.082  1.00 35.15 ? 129 ILE A N   1 
ATOM   968  C CA  . ILE A 1 120 ? 1.686   8.107   -10.278 1.00 40.84 ? 129 ILE A CA  1 
ATOM   969  C C   . ILE A 1 120 ? 1.273   9.094   -11.367 1.00 45.92 ? 129 ILE A C   1 
ATOM   970  O O   . ILE A 1 120 ? 1.296   8.764   -12.555 1.00 47.93 ? 129 ILE A O   1 
ATOM   971  C CB  . ILE A 1 120 ? 0.455   7.255   -9.983  1.00 39.10 ? 129 ILE A CB  1 
ATOM   972  C CG1 . ILE A 1 120 ? 0.788   6.156   -8.999  1.00 41.98 ? 129 ILE A CG1 1 
ATOM   973  C CG2 . ILE A 1 120 ? -0.072  6.616   -11.243 1.00 42.59 ? 129 ILE A CG2 1 
ATOM   974  C CD1 . ILE A 1 120 ? -0.453  5.375   -8.611  1.00 46.22 ? 129 ILE A CD1 1 
ATOM   975  N N   . HIS A 1 121 ? 0.816   10.271  -10.948 1.00 51.18 ? 130 HIS A N   1 
ATOM   976  C CA  . HIS A 1 121 ? 0.372   11.304  -11.874 1.00 54.45 ? 130 HIS A CA  1 
ATOM   977  C C   . HIS A 1 121 ? 1.291   12.511  -11.723 1.00 55.80 ? 130 HIS A C   1 
ATOM   978  O O   . HIS A 1 121 ? 0.760   13.634  -11.557 1.00 58.99 ? 130 HIS A O   1 
ATOM   979  C CB  . HIS A 1 121 ? -1.083  11.713  -11.573 1.00 57.16 ? 130 HIS A CB  1 
ATOM   980  C CG  . HIS A 1 121 ? -2.004  10.555  -11.325 1.00 61.08 ? 130 HIS A CG  1 
ATOM   981  N ND1 . HIS A 1 121 ? -2.652  10.367  -10.120 1.00 59.79 ? 130 HIS A ND1 1 
ATOM   982  C CD2 . HIS A 1 121 ? -2.364  9.512   -12.112 1.00 61.60 ? 130 HIS A CD2 1 
ATOM   983  C CE1 . HIS A 1 121 ? -3.365  9.256   -10.173 1.00 61.77 ? 130 HIS A CE1 1 
ATOM   984  N NE2 . HIS A 1 121 ? -3.209  8.717   -11.371 1.00 63.42 ? 130 HIS A NE2 1 
HETATM 985  C C1  . I3P B 2 .   ? 1.953   -15.762 2.525   1.00 29.10 ? 200 I3P A C1  1 
HETATM 986  C C2  . I3P B 2 .   ? 0.984   -15.953 1.352   1.00 26.81 ? 200 I3P A C2  1 
HETATM 987  C C3  . I3P B 2 .   ? 0.488   -14.612 0.851   1.00 25.78 ? 200 I3P A C3  1 
HETATM 988  C C4  . I3P B 2 .   ? 1.678   -13.758 0.418   1.00 26.28 ? 200 I3P A C4  1 
HETATM 989  C C5  . I3P B 2 .   ? 2.649   -13.570 1.595   1.00 25.16 ? 200 I3P A C5  1 
HETATM 990  C C6  . I3P B 2 .   ? 3.149   -14.919 2.094   1.00 25.94 ? 200 I3P A C6  1 
HETATM 991  O O1  . I3P B 2 .   ? 2.552   -17.003 3.073   1.00 31.28 ? 200 I3P A O1  1 
HETATM 992  O O2  . I3P B 2 .   ? 1.613   -16.651 0.289   1.00 26.29 ? 200 I3P A O2  1 
HETATM 993  O O3  . I3P B 2 .   ? -0.374  -14.820 -0.247  1.00 28.12 ? 200 I3P A O3  1 
HETATM 994  O O4  . I3P B 2 .   ? 1.169   -12.477 -0.146  1.00 26.50 ? 200 I3P A O4  1 
HETATM 995  O O5  . I3P B 2 .   ? 3.824   -12.838 1.129   1.00 25.89 ? 200 I3P A O5  1 
HETATM 996  O O6  . I3P B 2 .   ? 4.053   -14.763 3.181   1.00 25.25 ? 200 I3P A O6  1 
HETATM 997  P P1  . I3P B 2 .   ? 1.737   -18.030 3.969   1.00 32.44 ? 200 I3P A P1  1 
HETATM 998  O O11 . I3P B 2 .   ? 2.505   -19.301 3.935   1.00 34.40 ? 200 I3P A O11 1 
HETATM 999  O O12 . I3P B 2 .   ? 0.407   -18.091 3.307   1.00 34.98 ? 200 I3P A O12 1 
HETATM 1000 O O13 . I3P B 2 .   ? 1.704   -17.293 5.227   1.00 32.61 ? 200 I3P A O13 1 
HETATM 1001 P P4  . I3P B 2 .   ? 1.123   -12.070 -1.703  1.00 27.84 ? 200 I3P A P4  1 
HETATM 1002 O O41 . I3P B 2 .   ? 2.431   -12.643 -2.123  1.00 29.47 ? 200 I3P A O41 1 
HETATM 1003 O O42 . I3P B 2 .   ? -0.038  -12.821 -2.198  1.00 32.77 ? 200 I3P A O42 1 
HETATM 1004 O O43 . I3P B 2 .   ? 0.956   -10.599 -1.832  1.00 27.47 ? 200 I3P A O43 1 
HETATM 1005 P P5  . I3P B 2 .   ? 4.582   -11.672 1.923   1.00 23.43 ? 200 I3P A P5  1 
HETATM 1006 O O51 . I3P B 2 .   ? 5.566   -11.246 0.898   1.00 20.13 ? 200 I3P A O51 1 
HETATM 1007 O O52 . I3P B 2 .   ? 3.480   -10.717 2.249   1.00 17.55 ? 200 I3P A O52 1 
HETATM 1008 O O53 . I3P B 2 .   ? 5.129   -12.422 3.059   1.00 17.86 ? 200 I3P A O53 1 
HETATM 1009 O O   . HOH C 3 .   ? -1.599  -9.349  -2.300  1.00 22.75 ? 201 HOH A O   1 
HETATM 1010 O O   . HOH C 3 .   ? 12.420  6.764   2.746   1.00 15.87 ? 202 HOH A O   1 
HETATM 1011 O O   . HOH C 3 .   ? 5.765   -8.497  0.475   1.00 15.87 ? 203 HOH A O   1 
HETATM 1012 O O   . HOH C 3 .   ? -3.369  -8.124  -0.432  1.00 15.77 ? 204 HOH A O   1 
HETATM 1013 O O   . HOH C 3 .   ? -8.840  8.164   4.971   1.00 19.09 ? 205 HOH A O   1 
HETATM 1014 O O   . HOH C 3 .   ? -2.771  -6.007  -9.696  1.00 14.94 ? 206 HOH A O   1 
HETATM 1015 O O   . HOH C 3 .   ? -9.977  -0.684  -2.904  1.00 25.18 ? 207 HOH A O   1 
HETATM 1016 O O   . HOH C 3 .   ? -6.805  -9.694  -0.881  1.00 20.22 ? 208 HOH A O   1 
HETATM 1017 O O   . HOH C 3 .   ? 9.650   -11.513 -1.089  1.00 33.60 ? 209 HOH A O   1 
HETATM 1018 O O   . HOH C 3 .   ? 11.673  5.270   8.744   1.00 27.21 ? 210 HOH A O   1 
HETATM 1019 O O   . HOH C 3 .   ? 3.541   -6.628  0.379   1.00 31.22 ? 211 HOH A O   1 
HETATM 1020 O O   . HOH C 3 .   ? 16.130  2.725   -2.402  1.00 19.63 ? 212 HOH A O   1 
HETATM 1021 O O   . HOH C 3 .   ? -8.943  -10.082 6.686   1.00 25.47 ? 213 HOH A O   1 
HETATM 1022 O O   . HOH C 3 .   ? 4.917   -5.818  15.684  1.00 29.31 ? 214 HOH A O   1 
HETATM 1023 O O   . HOH C 3 .   ? -4.488  -9.920  -3.261  1.00 36.16 ? 215 HOH A O   1 
HETATM 1024 O O   . HOH C 3 .   ? 16.279  6.033   -2.326  1.00 26.49 ? 216 HOH A O   1 
HETATM 1025 O O   . HOH C 3 .   ? 3.316   14.321  7.159   1.00 28.04 ? 217 HOH A O   1 
HETATM 1026 O O   . HOH C 3 .   ? 4.143   7.660   8.389   1.00 38.59 ? 218 HOH A O   1 
HETATM 1027 O O   . HOH C 3 .   ? -3.522  -13.793 9.822   1.00 31.18 ? 219 HOH A O   1 
HETATM 1028 O O   . HOH C 3 .   ? 6.078   -5.229  10.694  1.00 26.52 ? 220 HOH A O   1 
HETATM 1029 O O   . HOH C 3 .   ? 7.266   -7.465  -14.448 1.00 36.99 ? 221 HOH A O   1 
HETATM 1030 O O   . HOH C 3 .   ? 6.276   -17.757 4.337   1.00 32.21 ? 222 HOH A O   1 
HETATM 1031 O O   . HOH C 3 .   ? 15.102  -16.614 1.906   1.00 55.64 ? 223 HOH A O   1 
HETATM 1032 O O   . HOH C 3 .   ? 11.082  -8.518  5.516   1.00 23.02 ? 224 HOH A O   1 
HETATM 1033 O O   . HOH C 3 .   ? -4.509  -9.616  -7.948  1.00 35.06 ? 225 HOH A O   1 
HETATM 1034 O O   . HOH C 3 .   ? 7.206   -4.526  -13.957 1.00 43.72 ? 226 HOH A O   1 
HETATM 1035 O O   . HOH C 3 .   ? 1.287   -8.334  -4.271  1.00 31.32 ? 227 HOH A O   1 
HETATM 1036 O O   . HOH C 3 .   ? 6.475   -17.659 7.210   1.00 76.00 ? 228 HOH A O   1 
HETATM 1037 O O   . HOH C 3 .   ? 6.390   -2.038  -15.008 1.00 45.22 ? 229 HOH A O   1 
HETATM 1038 O O   . HOH C 3 .   ? 1.129   7.805   7.142   1.00 39.86 ? 230 HOH A O   1 
HETATM 1039 O O   . HOH C 3 .   ? 0.880   -9.928  11.634  1.00 23.27 ? 231 HOH A O   1 
HETATM 1040 O O   . HOH C 3 .   ? -7.287  11.912  -5.108  1.00 26.37 ? 232 HOH A O   1 
HETATM 1041 O O   . HOH C 3 .   ? 7.987   21.045  4.764   1.00 30.17 ? 233 HOH A O   1 
HETATM 1042 O O   . HOH C 3 .   ? 18.109  8.793   -2.545  1.00 37.31 ? 234 HOH A O   1 
HETATM 1043 O O   . HOH C 3 .   ? -8.650  -8.312  -4.519  1.00 23.79 ? 235 HOH A O   1 
HETATM 1044 O O   . HOH C 3 .   ? -17.568 1.658   7.204   1.00 51.97 ? 236 HOH A O   1 
HETATM 1045 O O   . HOH C 3 .   ? -11.065 5.097   -5.280  1.00 37.80 ? 237 HOH A O   1 
HETATM 1046 O O   . HOH C 3 .   ? -5.205  13.005  -6.466  1.00 47.91 ? 238 HOH A O   1 
HETATM 1047 O O   . HOH C 3 .   ? 8.117   -3.325  -9.617  1.00 28.49 ? 239 HOH A O   1 
HETATM 1048 O O   . HOH C 3 .   ? 5.045   12.556  8.562   1.00 28.98 ? 240 HOH A O   1 
HETATM 1049 O O   . HOH C 3 .   ? -5.564  5.841   -8.745  1.00 28.79 ? 241 HOH A O   1 
HETATM 1050 O O   . HOH C 3 .   ? -17.533 -0.841  9.094   1.00 62.63 ? 242 HOH A O   1 
HETATM 1051 O O   . HOH C 3 .   ? -7.453  -5.802  -8.860  1.00 49.97 ? 243 HOH A O   1 
HETATM 1052 O O   . HOH C 3 .   ? -8.222  5.485   -9.187  1.00 35.64 ? 244 HOH A O   1 
HETATM 1053 O O   . HOH C 3 .   ? -17.903 -4.746  1.221   1.00 52.18 ? 245 HOH A O   1 
HETATM 1054 O O   . HOH C 3 .   ? -4.252  -16.196 11.455  1.00 45.59 ? 246 HOH A O   1 
HETATM 1055 O O   . HOH C 3 .   ? 8.644   6.205   -11.051 1.00 51.53 ? 247 HOH A O   1 
HETATM 1056 O O   . HOH C 3 .   ? 11.587  3.606   -12.115 1.00 59.93 ? 248 HOH A O   1 
HETATM 1057 O O   . HOH C 3 .   ? 3.067   2.583   11.618  1.00 46.34 ? 249 HOH A O   1 
HETATM 1058 O O   . HOH C 3 .   ? 2.629   4.495   -12.304 1.00 21.26 ? 250 HOH A O   1 
HETATM 1059 O O   . HOH C 3 .   ? -3.108  13.446  -4.714  1.00 40.93 ? 251 HOH A O   1 
HETATM 1060 O O   . HOH C 3 .   ? -15.270 5.272   6.504   1.00 38.00 ? 252 HOH A O   1 
HETATM 1061 O O   . HOH C 3 .   ? 13.501  8.644   6.083   1.00 52.81 ? 253 HOH A O   1 
HETATM 1062 O O   . HOH C 3 .   ? 6.934   4.394   10.811  1.00 38.62 ? 254 HOH A O   1 
HETATM 1063 O O   . HOH C 3 .   ? 7.397   7.178   -14.308 1.00 73.40 ? 255 HOH A O   1 
HETATM 1064 O O   . HOH C 3 .   ? 9.115   -0.083  12.243  1.00 56.98 ? 256 HOH A O   1 
HETATM 1065 O O   . HOH C 3 .   ? 7.237   10.573  -9.855  1.00 50.68 ? 257 HOH A O   1 
HETATM 1066 O O   . HOH C 3 .   ? 12.534  3.699   -16.365 1.00 58.96 ? 258 HOH A O   1 
HETATM 1067 O O   . HOH C 3 .   ? 7.916   -20.095 6.033   1.00 58.30 ? 259 HOH A O   1 
HETATM 1068 O O   . HOH C 3 .   ? 16.117  -15.752 -3.150  1.00 43.84 ? 260 HOH A O   1 
HETATM 1069 O O   . HOH C 3 .   ? -14.743 -1.507  -8.025  1.00 43.73 ? 261 HOH A O   1 
HETATM 1070 O O   . HOH C 3 .   ? 4.409   -19.645 7.123   1.00 60.33 ? 262 HOH A O   1 
HETATM 1071 O O   . HOH C 3 .   ? -5.491  -1.854  12.159  1.00 56.10 ? 263 HOH A O   1 
HETATM 1072 O O   . HOH C 3 .   ? 12.694  7.808   8.679   1.00 53.50 ? 264 HOH A O   1 
HETATM 1073 O O   . HOH C 3 .   ? -5.946  0.924   14.164  1.00 41.24 ? 265 HOH A O   1 
HETATM 1074 O O   . HOH C 3 .   ? 5.439   -9.959  -10.968 1.00 59.06 ? 266 HOH A O   1 
HETATM 1075 O O   . HOH C 3 .   ? -3.990  -16.603 8.687   1.00 48.41 ? 267 HOH A O   1 
HETATM 1076 O O   . HOH C 3 .   ? 4.045   10.110  9.910   1.00 36.11 ? 268 HOH A O   1 
HETATM 1077 O O   . HOH C 3 .   ? 9.793   12.132  6.282   1.00 45.79 ? 269 HOH A O   1 
HETATM 1078 O O   . HOH C 3 .   ? -5.986  -12.079 -2.608  1.00 63.44 ? 270 HOH A O   1 
HETATM 1079 O O   . HOH C 3 .   ? -8.519  -2.888  12.531  1.00 47.85 ? 271 HOH A O   1 
HETATM 1080 O O   . HOH C 3 .   ? 3.851   -6.729  -4.118  1.00 41.84 ? 272 HOH A O   1 
HETATM 1081 O O   . HOH C 3 .   ? -1.710  -18.844 5.149   1.00 43.88 ? 273 HOH A O   1 
HETATM 1082 O O   . HOH C 3 .   ? -15.221 -9.380  6.071   1.00 38.16 ? 274 HOH A O   1 
HETATM 1083 O O   . HOH C 3 .   ? -2.892  -14.796 -3.667  1.00 35.17 ? 275 HOH A O   1 
HETATM 1084 O O   . HOH C 3 .   ? -15.128 -5.373  -7.298  1.00 44.14 ? 276 HOH A O   1 
HETATM 1085 O O   . HOH C 3 .   ? 5.823   15.367  -5.462  1.00 57.16 ? 277 HOH A O   1 
HETATM 1086 O O   . HOH C 3 .   ? -1.274  -10.514 12.736  1.00 48.52 ? 278 HOH A O   1 
HETATM 1087 O O   . HOH C 3 .   ? 6.665   9.327   -13.147 1.00 69.13 ? 279 HOH A O   1 
HETATM 1088 O O   . HOH C 3 .   ? -2.334  -14.526 12.487  1.00 46.22 ? 280 HOH A O   1 
HETATM 1089 O O   . HOH C 3 .   ? -17.968 -2.912  4.013   1.00 48.89 ? 281 HOH A O   1 
HETATM 1090 O O   . HOH C 3 .   ? -23.635 -3.201  0.245   1.00 62.96 ? 282 HOH A O   1 
HETATM 1091 O O   . HOH C 3 .   ? -0.417  5.709   -14.377 1.00 50.81 ? 283 HOH A O   1 
HETATM 1092 O O   . HOH C 3 .   ? 12.722  -19.718 4.137   1.00 38.88 ? 284 HOH A O   1 
HETATM 1093 O O   . HOH C 3 .   ? -3.506  12.494  -8.678  1.00 52.34 ? 285 HOH A O   1 
HETATM 1094 O O   . HOH C 3 .   ? -2.503  8.660   12.412  1.00 41.45 ? 286 HOH A O   1 
HETATM 1095 O O   . HOH C 3 .   ? 11.051  -3.170  -8.990  1.00 68.10 ? 287 HOH A O   1 
HETATM 1096 O O   . HOH C 3 .   ? 16.284  0.614   -3.864  1.00 51.85 ? 288 HOH A O   1 
HETATM 1097 O O   . HOH C 3 .   ? -9.777  -11.751 -3.647  1.00 66.31 ? 289 HOH A O   1 
HETATM 1098 O O   . HOH C 3 .   ? 5.450   1.375   -16.613 1.00 61.42 ? 290 HOH A O   1 
HETATM 1099 O O   . HOH C 3 .   ? 10.164  21.213  -2.261  1.00 50.96 ? 291 HOH A O   1 
HETATM 1100 O O   . HOH C 3 .   ? -4.940  6.002   -11.739 1.00 57.13 ? 292 HOH A O   1 
HETATM 1101 O O   . HOH C 3 .   ? -0.365  -15.198 -7.539  1.00 67.93 ? 293 HOH A O   1 
HETATM 1102 O O   . HOH C 3 .   ? 13.782  12.387  -5.586  1.00 41.07 ? 294 HOH A O   1 
HETATM 1103 O O   . HOH C 3 .   ? -0.589  -13.649 -4.520  1.00 43.36 ? 295 HOH A O   1 
HETATM 1104 O O   . HOH C 3 .   ? -0.149  -19.195 7.268   1.00 51.80 ? 296 HOH A O   1 
HETATM 1105 O O   . HOH C 3 .   ? -4.764  -18.371 6.749   1.00 58.01 ? 297 HOH A O   1 
HETATM 1106 O O   . HOH C 3 .   ? 2.286   -10.963 -5.237  1.00 32.87 ? 298 HOH A O   1 
HETATM 1107 O O   . HOH C 3 .   ? 7.715   -10.833 -4.153  1.00 61.93 ? 299 HOH A O   1 
HETATM 1108 O O   . HOH C 3 .   ? 6.820   1.221   12.516  1.00 50.98 ? 300 HOH A O   1 
HETATM 1109 O O   . HOH C 3 .   ? -1.990  -14.837 -10.057 1.00 75.65 ? 301 HOH A O   1 
HETATM 1110 O O   . HOH C 3 .   ? -7.635  -5.228  13.956  1.00 62.23 ? 302 HOH A O   1 
HETATM 1111 O O   . HOH C 3 .   ? 5.108   11.347  -13.151 1.00 62.80 ? 303 HOH A O   1 
HETATM 1112 O O   . HOH C 3 .   ? 1.894   5.008   10.144  1.00 55.02 ? 304 HOH A O   1 
HETATM 1113 O O   . HOH C 3 .   ? -17.266 -1.489  6.076   1.00 41.86 ? 305 HOH A O   1 
HETATM 1114 O O   . HOH C 3 .   ? 10.422  12.712  -8.904  1.00 66.96 ? 306 HOH A O   1 
HETATM 1115 O O   . HOH C 3 .   ? 10.756  -5.419  -11.301 1.00 82.74 ? 307 HOH A O   1 
HETATM 1116 O O   . HOH C 3 .   ? 18.197  -9.268  -4.080  1.00 59.20 ? 308 HOH A O   1 
HETATM 1117 O O   . HOH C 3 .   ? 13.160  12.961  4.451   1.00 68.18 ? 309 HOH A O   1 
HETATM 1118 O O   . HOH C 3 .   ? -11.478 -7.242  -7.448  1.00 53.97 ? 310 HOH A O   1 
# 
